data_5MJC
# 
_entry.id   5MJC 
# 
_audit_conform.dict_name       mmcif_pdbx.dic 
_audit_conform.dict_version    5.383 
_audit_conform.dict_location   http://mmcif.pdb.org/dictionaries/ascii/mmcif_pdbx.dic 
# 
loop_
_database_2.database_id 
_database_2.database_code 
_database_2.pdbx_database_accession 
_database_2.pdbx_DOI 
PDB   5MJC         pdb_00005mjc 10.2210/pdb5mjc/pdb 
WWPDB D_1200002551 ?            ?                   
# 
loop_
_pdbx_audit_revision_history.ordinal 
_pdbx_audit_revision_history.data_content_type 
_pdbx_audit_revision_history.major_revision 
_pdbx_audit_revision_history.minor_revision 
_pdbx_audit_revision_history.revision_date 
1 'Structure model' 1 0 2017-12-20 
2 'Structure model' 1 1 2018-02-21 
3 'Structure model' 1 2 2019-07-10 
4 'Structure model' 1 3 2019-10-16 
5 'Structure model' 1 4 2024-01-17 
# 
_pdbx_audit_revision_details.ordinal             1 
_pdbx_audit_revision_details.revision_ordinal    1 
_pdbx_audit_revision_details.data_content_type   'Structure model' 
_pdbx_audit_revision_details.provider            repository 
_pdbx_audit_revision_details.type                'Initial release' 
_pdbx_audit_revision_details.description         ? 
_pdbx_audit_revision_details.details             ? 
# 
loop_
_pdbx_audit_revision_group.ordinal 
_pdbx_audit_revision_group.revision_ordinal 
_pdbx_audit_revision_group.data_content_type 
_pdbx_audit_revision_group.group 
1  2 'Structure model' 'Database references'    
2  3 'Structure model' 'Data collection'        
3  3 'Structure model' 'Database references'    
4  3 'Structure model' 'Derived calculations'   
5  3 'Structure model' 'Structure summary'      
6  4 'Structure model' 'Data collection'        
7  4 'Structure model' 'Database references'    
8  5 'Structure model' 'Data collection'        
9  5 'Structure model' 'Database references'    
10 5 'Structure model' 'Refinement description' 
# 
loop_
_pdbx_audit_revision_category.ordinal 
_pdbx_audit_revision_category.revision_ordinal 
_pdbx_audit_revision_category.data_content_type 
_pdbx_audit_revision_category.category 
1  2 'Structure model' citation                      
2  2 'Structure model' citation_author               
3  3 'Structure model' audit_author                  
4  3 'Structure model' citation                      
5  3 'Structure model' citation_author               
6  3 'Structure model' pdbx_database_proc            
7  3 'Structure model' pdbx_struct_special_symmetry  
8  4 'Structure model' citation                      
9  4 'Structure model' citation_author               
10 5 'Structure model' chem_comp_atom                
11 5 'Structure model' chem_comp_bond                
12 5 'Structure model' database_2                    
13 5 'Structure model' pdbx_initial_refinement_model 
# 
loop_
_pdbx_audit_revision_item.ordinal 
_pdbx_audit_revision_item.revision_ordinal 
_pdbx_audit_revision_item.data_content_type 
_pdbx_audit_revision_item.item 
1  2 'Structure model' '_citation.journal_abbrev'            
2  2 'Structure model' '_citation.title'                     
3  2 'Structure model' '_citation_author.name'               
4  3 'Structure model' '_audit_author.identifier_ORCID'      
5  3 'Structure model' '_citation.country'                   
6  3 'Structure model' '_citation.journal_abbrev'            
7  3 'Structure model' '_citation.journal_id_CSD'            
8  3 'Structure model' '_citation.journal_id_ISSN'           
9  3 'Structure model' '_citation.title'                     
10 3 'Structure model' '_citation.year'                      
11 4 'Structure model' '_citation.journal_volume'            
12 4 'Structure model' '_citation.page_first'                
13 4 'Structure model' '_citation.page_last'                 
14 4 'Structure model' '_citation.pdbx_database_id_DOI'      
15 4 'Structure model' '_citation.pdbx_database_id_PubMed'   
16 4 'Structure model' '_citation.title'                     
17 4 'Structure model' '_citation_author.identifier_ORCID'   
18 4 'Structure model' '_citation_author.name'               
19 5 'Structure model' '_database_2.pdbx_DOI'                
20 5 'Structure model' '_database_2.pdbx_database_accession' 
# 
_pdbx_database_status.status_code                     REL 
_pdbx_database_status.status_code_sf                  REL 
_pdbx_database_status.status_code_mr                  ? 
_pdbx_database_status.entry_id                        5MJC 
_pdbx_database_status.recvd_initial_deposition_date   2016-11-30 
_pdbx_database_status.SG_entry                        N 
_pdbx_database_status.deposit_site                    PDBE 
_pdbx_database_status.process_site                    PDBE 
_pdbx_database_status.status_code_cs                  ? 
_pdbx_database_status.methods_development_category    ? 
_pdbx_database_status.pdb_format_compatible           Y 
_pdbx_database_status.status_code_nmr_data            ? 
# 
loop_
_pdbx_database_related.db_name 
_pdbx_database_related.details 
_pdbx_database_related.db_id 
_pdbx_database_related.content_type 
PDB 'Native structure of metNgb'  1OJ6 unspecified 
PDB 'a metNgb complex of krypton' 3gkt unspecified 
PDB 'a metNgb complex of xenon'   4o4t unspecified 
# 
loop_
_audit_author.name 
_audit_author.pdbx_ordinal 
_audit_author.identifier_ORCID 
'Prange, T.'     1 0000-0002-7129-7396 
;Colloc'h, N.
;
2 0000-0002-2764-6026 
'Carpentier, P.' 3 ?                   
'Vallone, B.'    4 0000-0003-0058-9049 
# 
loop_
_citation.abstract 
_citation.abstract_id_CAS 
_citation.book_id_ISBN 
_citation.book_publisher 
_citation.book_publisher_city 
_citation.book_title 
_citation.coordinate_linkage 
_citation.country 
_citation.database_id_Medline 
_citation.details 
_citation.id 
_citation.journal_abbrev 
_citation.journal_id_ASTM 
_citation.journal_id_CSD 
_citation.journal_id_ISSN 
_citation.journal_full 
_citation.journal_issue 
_citation.journal_volume 
_citation.language 
_citation.page_first 
_citation.page_last 
_citation.title 
_citation.year 
_citation.database_id_CSD 
_citation.pdbx_database_id_DOI 
_citation.pdbx_database_id_PubMed 
_citation.unpublished_flag 
? ? ? ? ? ? ? UK ? ? primary Iucrj                           ?      ?    2052-2525 ? ? 6   ? 832  842  
'Ligand pathways in neuroglobin revealed by low-temperature photodissociation and docking experiments.' 2019 ? 
10.1107/S2052252519008157 31576217 ? 
? ? ? ? ? ? ? US ? ? 1       'Proc. Natl. Acad. Sci. U.S.A.' PNASA6 0040 0027-8424 ? ? 102 ? 8483 8488 
'Neuroglobin, nitric oxide, and oxygen: functional pathways and conformational changes.'                2005 ? 
10.1073/pnas.0408766102   15932948 ? 
# 
loop_
_citation_author.citation_id 
_citation_author.name 
_citation_author.ordinal 
_citation_author.identifier_ORCID 
primary 'Ardiccioni, C.'     1  0000-0003-0872-7725 
primary 'Arcovito, A.'       2  0000-0002-8384-4844 
primary 'Della Longa, S.'    3  0000-0002-8157-9530 
primary 'van der Linden, P.' 4  0000-0002-3481-0787 
primary 'Bourgeois, D.'      5  0000-0002-1862-7712 
primary 'Weik, M.'           6  0000-0001-9297-642X 
primary 'Montemiglio, L.C.'  7  0000-0002-4253-7493 
primary 'Savino, C.'         8  0000-0002-1602-4838 
primary 'Avella, G.'         9  ?                   
primary 'Exertier, C.'       10 0000-0001-7457-6895 
primary 'Carpentier, P.'     11 0000-0003-1268-7826 
primary 'Prange, T.'         12 0000-0002-7129-7396 
primary 'Brunori, M.'        13 0000-0002-7795-1635 
primary 
;Colloc'h, N.
;
14 0000-0002-2764-6026 
primary 'Vallone, B.'        15 0000-0003-0058-9049 
1       'Brunori, M.'        16 ?                   
1       'Giuffre, A.'        17 ?                   
1       'Nienhaus, K.'       18 ?                   
1       'Nienhaus, G.U.'     19 ?                   
1       'Scandurra, F.M.'    20 ?                   
1       'Vallone, B.'        21 ?                   
# 
loop_
_entity.id 
_entity.type 
_entity.src_method 
_entity.pdbx_description 
_entity.formula_weight 
_entity.pdbx_number_of_molecules 
_entity.pdbx_ec 
_entity.pdbx_mutation 
_entity.pdbx_fragment 
_entity.details 
1 polymer     man Neuroglobin                       16634.871 1   ? ? ? ? 
2 non-polymer syn 'PROTOPORPHYRIN IX CONTAINING FE' 616.487   1   ? ? ? ? 
3 non-polymer syn '1,4-DIETHYLENE DIOXIDE'          88.105    2   ? ? ? ? 
4 non-polymer syn 'SULFATE ION'                     96.063    1   ? ? ? ? 
5 non-polymer syn 'OXYGEN MOLECULE'                 31.999    1   ? ? ? ? 
6 water       nat water                             18.015    144 ? ? ? ? 
# 
_entity_poly.entity_id                      1 
_entity_poly.type                           'polypeptide(L)' 
_entity_poly.nstd_linkage                   no 
_entity_poly.nstd_monomer                   no 
_entity_poly.pdbx_seq_one_letter_code       
;RPESELIRQSWRVVSRSPLEHGTVLFARLFALEPSLLPLFQYNGRQFSSPEDSLSSPEFLDHIRKVMLVIDAAVTNVEDL
SSLEEYLTSLGRKHRAVGVRLSSFSTVGESLLYMLEKSLGPDFTPATRTAWSRLYGAVVQAMSRGWDG
;
_entity_poly.pdbx_seq_one_letter_code_can   
;RPESELIRQSWRVVSRSPLEHGTVLFARLFALEPSLLPLFQYNGRQFSSPEDSLSSPEFLDHIRKVMLVIDAAVTNVEDL
SSLEEYLTSLGRKHRAVGVRLSSFSTVGESLLYMLEKSLGPDFTPATRTAWSRLYGAVVQAMSRGWDG
;
_entity_poly.pdbx_strand_id                 A 
_entity_poly.pdbx_target_identifier         ? 
# 
loop_
_pdbx_entity_nonpoly.entity_id 
_pdbx_entity_nonpoly.name 
_pdbx_entity_nonpoly.comp_id 
2 'PROTOPORPHYRIN IX CONTAINING FE' HEM 
3 '1,4-DIETHYLENE DIOXIDE'          DIO 
4 'SULFATE ION'                     SO4 
5 'OXYGEN MOLECULE'                 OXY 
6 water                             HOH 
# 
loop_
_entity_poly_seq.entity_id 
_entity_poly_seq.num 
_entity_poly_seq.mon_id 
_entity_poly_seq.hetero 
1 1   ARG n 
1 2   PRO n 
1 3   GLU n 
1 4   SER n 
1 5   GLU n 
1 6   LEU n 
1 7   ILE n 
1 8   ARG n 
1 9   GLN n 
1 10  SER n 
1 11  TRP n 
1 12  ARG n 
1 13  VAL n 
1 14  VAL n 
1 15  SER n 
1 16  ARG n 
1 17  SER n 
1 18  PRO n 
1 19  LEU n 
1 20  GLU n 
1 21  HIS n 
1 22  GLY n 
1 23  THR n 
1 24  VAL n 
1 25  LEU n 
1 26  PHE n 
1 27  ALA n 
1 28  ARG n 
1 29  LEU n 
1 30  PHE n 
1 31  ALA n 
1 32  LEU n 
1 33  GLU n 
1 34  PRO n 
1 35  SER n 
1 36  LEU n 
1 37  LEU n 
1 38  PRO n 
1 39  LEU n 
1 40  PHE n 
1 41  GLN n 
1 42  TYR n 
1 43  ASN n 
1 44  GLY n 
1 45  ARG n 
1 46  GLN n 
1 47  PHE n 
1 48  SER n 
1 49  SER n 
1 50  PRO n 
1 51  GLU n 
1 52  ASP n 
1 53  SER n 
1 54  LEU n 
1 55  SER n 
1 56  SER n 
1 57  PRO n 
1 58  GLU n 
1 59  PHE n 
1 60  LEU n 
1 61  ASP n 
1 62  HIS n 
1 63  ILE n 
1 64  ARG n 
1 65  LYS n 
1 66  VAL n 
1 67  MET n 
1 68  LEU n 
1 69  VAL n 
1 70  ILE n 
1 71  ASP n 
1 72  ALA n 
1 73  ALA n 
1 74  VAL n 
1 75  THR n 
1 76  ASN n 
1 77  VAL n 
1 78  GLU n 
1 79  ASP n 
1 80  LEU n 
1 81  SER n 
1 82  SER n 
1 83  LEU n 
1 84  GLU n 
1 85  GLU n 
1 86  TYR n 
1 87  LEU n 
1 88  THR n 
1 89  SER n 
1 90  LEU n 
1 91  GLY n 
1 92  ARG n 
1 93  LYS n 
1 94  HIS n 
1 95  ARG n 
1 96  ALA n 
1 97  VAL n 
1 98  GLY n 
1 99  VAL n 
1 100 ARG n 
1 101 LEU n 
1 102 SER n 
1 103 SER n 
1 104 PHE n 
1 105 SER n 
1 106 THR n 
1 107 VAL n 
1 108 GLY n 
1 109 GLU n 
1 110 SER n 
1 111 LEU n 
1 112 LEU n 
1 113 TYR n 
1 114 MET n 
1 115 LEU n 
1 116 GLU n 
1 117 LYS n 
1 118 SER n 
1 119 LEU n 
1 120 GLY n 
1 121 PRO n 
1 122 ASP n 
1 123 PHE n 
1 124 THR n 
1 125 PRO n 
1 126 ALA n 
1 127 THR n 
1 128 ARG n 
1 129 THR n 
1 130 ALA n 
1 131 TRP n 
1 132 SER n 
1 133 ARG n 
1 134 LEU n 
1 135 TYR n 
1 136 GLY n 
1 137 ALA n 
1 138 VAL n 
1 139 VAL n 
1 140 GLN n 
1 141 ALA n 
1 142 MET n 
1 143 SER n 
1 144 ARG n 
1 145 GLY n 
1 146 TRP n 
1 147 ASP n 
1 148 GLY n 
# 
_entity_src_gen.entity_id                          1 
_entity_src_gen.pdbx_src_id                        1 
_entity_src_gen.pdbx_alt_source_flag               sample 
_entity_src_gen.pdbx_seq_type                      'Biological sequence' 
_entity_src_gen.pdbx_beg_seq_num                   1 
_entity_src_gen.pdbx_end_seq_num                   148 
_entity_src_gen.gene_src_common_name               Mouse 
_entity_src_gen.gene_src_genus                     ? 
_entity_src_gen.pdbx_gene_src_gene                 Ngb 
_entity_src_gen.gene_src_species                   ? 
_entity_src_gen.gene_src_strain                    ? 
_entity_src_gen.gene_src_tissue                    ? 
_entity_src_gen.gene_src_tissue_fraction           ? 
_entity_src_gen.gene_src_details                   ? 
_entity_src_gen.pdbx_gene_src_fragment             ? 
_entity_src_gen.pdbx_gene_src_scientific_name      'Mus musculus' 
_entity_src_gen.pdbx_gene_src_ncbi_taxonomy_id     10090 
_entity_src_gen.pdbx_gene_src_variant              ? 
_entity_src_gen.pdbx_gene_src_cell_line            ? 
_entity_src_gen.pdbx_gene_src_atcc                 ? 
_entity_src_gen.pdbx_gene_src_organ                ? 
_entity_src_gen.pdbx_gene_src_organelle            ? 
_entity_src_gen.pdbx_gene_src_cell                 ? 
_entity_src_gen.pdbx_gene_src_cellular_location    ? 
_entity_src_gen.host_org_common_name               ? 
_entity_src_gen.pdbx_host_org_scientific_name      'Escherichia coli BL21(DE3)' 
_entity_src_gen.pdbx_host_org_ncbi_taxonomy_id     469008 
_entity_src_gen.host_org_genus                     ? 
_entity_src_gen.pdbx_host_org_gene                 ? 
_entity_src_gen.pdbx_host_org_organ                ? 
_entity_src_gen.host_org_species                   ? 
_entity_src_gen.pdbx_host_org_tissue               ? 
_entity_src_gen.pdbx_host_org_tissue_fraction      ? 
_entity_src_gen.pdbx_host_org_strain               ? 
_entity_src_gen.pdbx_host_org_variant              PLYSS 
_entity_src_gen.pdbx_host_org_cell_line            ? 
_entity_src_gen.pdbx_host_org_atcc                 ? 
_entity_src_gen.pdbx_host_org_culture_collection   ? 
_entity_src_gen.pdbx_host_org_cell                 ? 
_entity_src_gen.pdbx_host_org_organelle            ? 
_entity_src_gen.pdbx_host_org_cellular_location    ? 
_entity_src_gen.pdbx_host_org_vector_type          plasmid 
_entity_src_gen.pdbx_host_org_vector               ? 
_entity_src_gen.host_org_details                   ? 
_entity_src_gen.expression_system_id               ? 
_entity_src_gen.plasmid_name                       PET14B 
_entity_src_gen.plasmid_details                    ? 
_entity_src_gen.pdbx_description                   ? 
# 
loop_
_chem_comp.id 
_chem_comp.type 
_chem_comp.mon_nstd_flag 
_chem_comp.name 
_chem_comp.pdbx_synonyms 
_chem_comp.formula 
_chem_comp.formula_weight 
ALA 'L-peptide linking' y ALANINE                           ?    'C3 H7 N O2'       89.093  
ARG 'L-peptide linking' y ARGININE                          ?    'C6 H15 N4 O2 1'   175.209 
ASN 'L-peptide linking' y ASPARAGINE                        ?    'C4 H8 N2 O3'      132.118 
ASP 'L-peptide linking' y 'ASPARTIC ACID'                   ?    'C4 H7 N O4'       133.103 
CYS 'L-peptide linking' y CYSTEINE                          ?    'C3 H7 N O2 S'     121.158 
DIO non-polymer         . '1,4-DIETHYLENE DIOXIDE'          ?    'C4 H8 O2'         88.105  
GLN 'L-peptide linking' y GLUTAMINE                         ?    'C5 H10 N2 O3'     146.144 
GLU 'L-peptide linking' y 'GLUTAMIC ACID'                   ?    'C5 H9 N O4'       147.129 
GLY 'peptide linking'   y GLYCINE                           ?    'C2 H5 N O2'       75.067  
HEM non-polymer         . 'PROTOPORPHYRIN IX CONTAINING FE' HEME 'C34 H32 Fe N4 O4' 616.487 
HIS 'L-peptide linking' y HISTIDINE                         ?    'C6 H10 N3 O2 1'   156.162 
HOH non-polymer         . WATER                             ?    'H2 O'             18.015  
ILE 'L-peptide linking' y ISOLEUCINE                        ?    'C6 H13 N O2'      131.173 
LEU 'L-peptide linking' y LEUCINE                           ?    'C6 H13 N O2'      131.173 
LYS 'L-peptide linking' y LYSINE                            ?    'C6 H15 N2 O2 1'   147.195 
MET 'L-peptide linking' y METHIONINE                        ?    'C5 H11 N O2 S'    149.211 
OXY non-polymer         . 'OXYGEN MOLECULE'                 ?    O2                 31.999  
PHE 'L-peptide linking' y PHENYLALANINE                     ?    'C9 H11 N O2'      165.189 
PRO 'L-peptide linking' y PROLINE                           ?    'C5 H9 N O2'       115.130 
SER 'L-peptide linking' y SERINE                            ?    'C3 H7 N O3'       105.093 
SO4 non-polymer         . 'SULFATE ION'                     ?    'O4 S -2'          96.063  
THR 'L-peptide linking' y THREONINE                         ?    'C4 H9 N O3'       119.119 
TRP 'L-peptide linking' y TRYPTOPHAN                        ?    'C11 H12 N2 O2'    204.225 
TYR 'L-peptide linking' y TYROSINE                          ?    'C9 H11 N O3'      181.189 
VAL 'L-peptide linking' y VALINE                            ?    'C5 H11 N O2'      117.146 
# 
loop_
_pdbx_poly_seq_scheme.asym_id 
_pdbx_poly_seq_scheme.entity_id 
_pdbx_poly_seq_scheme.seq_id 
_pdbx_poly_seq_scheme.mon_id 
_pdbx_poly_seq_scheme.ndb_seq_num 
_pdbx_poly_seq_scheme.pdb_seq_num 
_pdbx_poly_seq_scheme.auth_seq_num 
_pdbx_poly_seq_scheme.pdb_mon_id 
_pdbx_poly_seq_scheme.auth_mon_id 
_pdbx_poly_seq_scheme.pdb_strand_id 
_pdbx_poly_seq_scheme.pdb_ins_code 
_pdbx_poly_seq_scheme.hetero 
A 1 1   ARG 1   3   3   ARG ARG A . n 
A 1 2   PRO 2   4   4   PRO PRO A . n 
A 1 3   GLU 3   5   5   GLU GLU A . n 
A 1 4   SER 4   6   6   SER SER A . n 
A 1 5   GLU 5   7   7   GLU GLU A . n 
A 1 6   LEU 6   8   8   LEU LEU A . n 
A 1 7   ILE 7   9   9   ILE ILE A . n 
A 1 8   ARG 8   10  10  ARG ARG A . n 
A 1 9   GLN 9   11  11  GLN GLN A . n 
A 1 10  SER 10  12  12  SER SER A . n 
A 1 11  TRP 11  13  13  TRP TRP A . n 
A 1 12  ARG 12  14  14  ARG ARG A . n 
A 1 13  VAL 13  15  15  VAL VAL A . n 
A 1 14  VAL 14  16  16  VAL VAL A . n 
A 1 15  SER 15  17  17  SER SER A . n 
A 1 16  ARG 16  18  18  ARG ARG A . n 
A 1 17  SER 17  19  19  SER SER A . n 
A 1 18  PRO 18  20  20  PRO PRO A . n 
A 1 19  LEU 19  21  21  LEU LEU A . n 
A 1 20  GLU 20  22  22  GLU GLU A . n 
A 1 21  HIS 21  23  23  HIS HIS A . n 
A 1 22  GLY 22  24  24  GLY GLY A . n 
A 1 23  THR 23  25  25  THR THR A . n 
A 1 24  VAL 24  26  26  VAL VAL A . n 
A 1 25  LEU 25  27  27  LEU LEU A . n 
A 1 26  PHE 26  28  28  PHE PHE A . n 
A 1 27  ALA 27  29  29  ALA ALA A . n 
A 1 28  ARG 28  30  30  ARG ARG A . n 
A 1 29  LEU 29  31  31  LEU LEU A . n 
A 1 30  PHE 30  32  32  PHE PHE A . n 
A 1 31  ALA 31  33  33  ALA ALA A . n 
A 1 32  LEU 32  34  34  LEU LEU A . n 
A 1 33  GLU 33  35  35  GLU GLU A . n 
A 1 34  PRO 34  36  36  PRO PRO A . n 
A 1 35  SER 35  37  37  SER SER A . n 
A 1 36  LEU 36  38  38  LEU LEU A . n 
A 1 37  LEU 37  39  39  LEU LEU A . n 
A 1 38  PRO 38  40  40  PRO PRO A . n 
A 1 39  LEU 39  41  41  LEU LEU A . n 
A 1 40  PHE 40  42  42  PHE PHE A . n 
A 1 41  GLN 41  43  43  GLN GLN A . n 
A 1 42  TYR 42  44  44  TYR TYR A . n 
A 1 43  ASN 43  45  45  ASN ASN A . n 
A 1 44  GLY 44  46  46  GLY GLY A . n 
A 1 45  ARG 45  47  47  ARG ARG A . n 
A 1 46  GLN 46  48  48  GLN GLN A . n 
A 1 47  PHE 47  49  49  PHE PHE A . n 
A 1 48  SER 48  50  50  SER SER A . n 
A 1 49  SER 49  51  51  SER SER A . n 
A 1 50  PRO 50  52  52  PRO PRO A . n 
A 1 51  GLU 51  53  53  GLU GLU A . n 
A 1 52  ASP 52  54  54  ASP ASP A . n 
A 1 53  SER 53  55  55  SER SER A . n 
A 1 54  LEU 54  56  56  LEU LEU A . n 
A 1 55  SER 55  57  57  SER SER A . n 
A 1 56  SER 56  58  58  SER SER A . n 
A 1 57  PRO 57  59  59  PRO PRO A . n 
A 1 58  GLU 58  60  60  GLU GLU A . n 
A 1 59  PHE 59  61  61  PHE PHE A . n 
A 1 60  LEU 60  62  62  LEU LEU A . n 
A 1 61  ASP 61  63  63  ASP ASP A . n 
A 1 62  HIS 62  64  64  HIS HIS A . n 
A 1 63  ILE 63  65  65  ILE ILE A . n 
A 1 64  ARG 64  66  66  ARG ARG A . n 
A 1 65  LYS 65  67  67  LYS LYS A . n 
A 1 66  VAL 66  68  68  VAL VAL A . n 
A 1 67  MET 67  69  69  MET MET A . n 
A 1 68  LEU 68  70  70  LEU LEU A . n 
A 1 69  VAL 69  71  71  VAL VAL A . n 
A 1 70  ILE 70  72  72  ILE ILE A . n 
A 1 71  ASP 71  73  73  ASP ASP A . n 
A 1 72  ALA 72  74  74  ALA ALA A . n 
A 1 73  ALA 73  75  75  ALA ALA A . n 
A 1 74  VAL 74  76  76  VAL VAL A . n 
A 1 75  THR 75  77  77  THR THR A . n 
A 1 76  ASN 76  78  78  ASN ASN A . n 
A 1 77  VAL 77  79  79  VAL VAL A . n 
A 1 78  GLU 78  80  80  GLU GLU A . n 
A 1 79  ASP 79  81  81  ASP ASP A . n 
A 1 80  LEU 80  82  82  LEU LEU A . n 
A 1 81  SER 81  83  83  SER SER A . n 
A 1 82  SER 82  84  84  SER SER A . n 
A 1 83  LEU 83  85  85  LEU LEU A . n 
A 1 84  GLU 84  86  86  GLU GLU A . n 
A 1 85  GLU 85  87  87  GLU GLU A . n 
A 1 86  TYR 86  88  88  TYR TYR A . n 
A 1 87  LEU 87  89  89  LEU LEU A . n 
A 1 88  THR 88  90  90  THR THR A . n 
A 1 89  SER 89  91  91  SER SER A . n 
A 1 90  LEU 90  92  92  LEU LEU A . n 
A 1 91  GLY 91  93  93  GLY GLY A . n 
A 1 92  ARG 92  94  94  ARG ARG A . n 
A 1 93  LYS 93  95  95  LYS LYS A . n 
A 1 94  HIS 94  96  96  HIS HIS A . n 
A 1 95  ARG 95  97  97  ARG ARG A . n 
A 1 96  ALA 96  98  98  ALA ALA A . n 
A 1 97  VAL 97  99  99  VAL VAL A . n 
A 1 98  GLY 98  100 100 GLY GLY A . n 
A 1 99  VAL 99  101 101 VAL VAL A . n 
A 1 100 ARG 100 102 102 ARG ARG A . n 
A 1 101 LEU 101 103 103 LEU LEU A . n 
A 1 102 SER 102 104 104 SER SER A . n 
A 1 103 SER 103 105 105 SER SER A . n 
A 1 104 PHE 104 106 106 PHE PHE A . n 
A 1 105 SER 105 107 107 SER SER A . n 
A 1 106 THR 106 108 108 THR THR A . n 
A 1 107 VAL 107 109 109 VAL VAL A . n 
A 1 108 GLY 108 110 110 GLY GLY A . n 
A 1 109 GLU 109 111 111 GLU GLU A . n 
A 1 110 SER 110 112 112 SER SER A . n 
A 1 111 LEU 111 113 113 LEU LEU A . n 
A 1 112 LEU 112 114 114 LEU LEU A . n 
A 1 113 TYR 113 115 115 TYR TYR A . n 
A 1 114 MET 114 116 116 MET MET A . n 
A 1 115 LEU 115 117 117 LEU LEU A . n 
A 1 116 GLU 116 118 118 GLU GLU A . n 
A 1 117 LYS 117 119 119 LYS LYS A . n 
A 1 118 SER 118 120 120 SER SER A . n 
A 1 119 LEU 119 121 121 LEU LEU A . n 
A 1 120 GLY 120 122 122 GLY GLY A . n 
A 1 121 PRO 121 123 123 PRO PRO A . n 
A 1 122 ASP 122 124 124 ASP ASP A . n 
A 1 123 PHE 123 125 125 PHE PHE A . n 
A 1 124 THR 124 126 126 THR THR A . n 
A 1 125 PRO 125 127 127 PRO PRO A . n 
A 1 126 ALA 126 128 128 ALA ALA A . n 
A 1 127 THR 127 129 129 THR THR A . n 
A 1 128 ARG 128 130 130 ARG ARG A . n 
A 1 129 THR 129 131 131 THR THR A . n 
A 1 130 ALA 130 132 132 ALA ALA A . n 
A 1 131 TRP 131 133 133 TRP TRP A . n 
A 1 132 SER 132 134 134 SER SER A . n 
A 1 133 ARG 133 135 135 ARG ARG A . n 
A 1 134 LEU 134 136 136 LEU LEU A . n 
A 1 135 TYR 135 137 137 TYR TYR A . n 
A 1 136 GLY 136 138 138 GLY GLY A . n 
A 1 137 ALA 137 139 139 ALA ALA A . n 
A 1 138 VAL 138 140 140 VAL VAL A . n 
A 1 139 VAL 139 141 141 VAL VAL A . n 
A 1 140 GLN 140 142 142 GLN GLN A . n 
A 1 141 ALA 141 143 143 ALA ALA A . n 
A 1 142 MET 142 144 144 MET MET A . n 
A 1 143 SER 143 145 145 SER SER A . n 
A 1 144 ARG 144 146 146 ARG ARG A . n 
A 1 145 GLY 145 147 147 GLY GLY A . n 
A 1 146 TRP 146 148 148 TRP TRP A . n 
A 1 147 ASP 147 149 149 ASP ASP A . n 
A 1 148 GLY 148 150 150 GLY GLY A . n 
# 
loop_
_pdbx_nonpoly_scheme.asym_id 
_pdbx_nonpoly_scheme.entity_id 
_pdbx_nonpoly_scheme.mon_id 
_pdbx_nonpoly_scheme.ndb_seq_num 
_pdbx_nonpoly_scheme.pdb_seq_num 
_pdbx_nonpoly_scheme.auth_seq_num 
_pdbx_nonpoly_scheme.pdb_mon_id 
_pdbx_nonpoly_scheme.auth_mon_id 
_pdbx_nonpoly_scheme.pdb_strand_id 
_pdbx_nonpoly_scheme.pdb_ins_code 
B 2 HEM 1   201 160 HEM HEM A . 
C 3 DIO 1   202 161 DIO DIO A . 
D 3 DIO 1   203 162 DIO DIO A . 
E 4 SO4 1   204 170 SO4 SO4 A . 
F 5 OXY 1   205 180 OXY OXY A . 
G 6 HOH 1   301 259 HOH HOH A . 
G 6 HOH 2   302 212 HOH HOH A . 
G 6 HOH 3   303 257 HOH HOH A . 
G 6 HOH 4   304 226 HOH HOH A . 
G 6 HOH 5   305 247 HOH HOH A . 
G 6 HOH 6   306 254 HOH HOH A . 
G 6 HOH 7   307 334 HOH HOH A . 
G 6 HOH 8   308 245 HOH HOH A . 
G 6 HOH 9   309 248 HOH HOH A . 
G 6 HOH 10  310 249 HOH HOH A . 
G 6 HOH 11  311 231 HOH HOH A . 
G 6 HOH 12  312 344 HOH HOH A . 
G 6 HOH 13  313 306 HOH HOH A . 
G 6 HOH 14  314 221 HOH HOH A . 
G 6 HOH 15  315 216 HOH HOH A . 
G 6 HOH 16  316 278 HOH HOH A . 
G 6 HOH 17  317 266 HOH HOH A . 
G 6 HOH 18  318 265 HOH HOH A . 
G 6 HOH 19  319 343 HOH HOH A . 
G 6 HOH 20  320 208 HOH HOH A . 
G 6 HOH 21  321 228 HOH HOH A . 
G 6 HOH 22  322 223 HOH HOH A . 
G 6 HOH 23  323 262 HOH HOH A . 
G 6 HOH 24  324 309 HOH HOH A . 
G 6 HOH 25  325 214 HOH HOH A . 
G 6 HOH 26  326 281 HOH HOH A . 
G 6 HOH 27  327 201 HOH HOH A . 
G 6 HOH 28  328 206 HOH HOH A . 
G 6 HOH 29  329 209 HOH HOH A . 
G 6 HOH 30  330 285 HOH HOH A . 
G 6 HOH 31  331 244 HOH HOH A . 
G 6 HOH 32  332 330 HOH HOH A . 
G 6 HOH 33  333 261 HOH HOH A . 
G 6 HOH 34  334 277 HOH HOH A . 
G 6 HOH 35  335 232 HOH HOH A . 
G 6 HOH 36  336 297 HOH HOH A . 
G 6 HOH 37  337 229 HOH HOH A . 
G 6 HOH 38  338 207 HOH HOH A . 
G 6 HOH 39  339 237 HOH HOH A . 
G 6 HOH 40  340 205 HOH HOH A . 
G 6 HOH 41  341 255 HOH HOH A . 
G 6 HOH 42  342 272 HOH HOH A . 
G 6 HOH 43  343 276 HOH HOH A . 
G 6 HOH 44  344 203 HOH HOH A . 
G 6 HOH 45  345 295 HOH HOH A . 
G 6 HOH 46  346 211 HOH HOH A . 
G 6 HOH 47  347 210 HOH HOH A . 
G 6 HOH 48  348 215 HOH HOH A . 
G 6 HOH 49  349 230 HOH HOH A . 
G 6 HOH 50  350 235 HOH HOH A . 
G 6 HOH 51  351 274 HOH HOH A . 
G 6 HOH 52  352 234 HOH HOH A . 
G 6 HOH 53  353 308 HOH HOH A . 
G 6 HOH 54  354 321 HOH HOH A . 
G 6 HOH 55  355 282 HOH HOH A . 
G 6 HOH 56  356 218 HOH HOH A . 
G 6 HOH 57  357 301 HOH HOH A . 
G 6 HOH 58  358 292 HOH HOH A . 
G 6 HOH 59  359 250 HOH HOH A . 
G 6 HOH 60  360 293 HOH HOH A . 
G 6 HOH 61  361 225 HOH HOH A . 
G 6 HOH 62  362 202 HOH HOH A . 
G 6 HOH 63  363 284 HOH HOH A . 
G 6 HOH 64  364 219 HOH HOH A . 
G 6 HOH 65  365 333 HOH HOH A . 
G 6 HOH 66  366 263 HOH HOH A . 
G 6 HOH 67  367 279 HOH HOH A . 
G 6 HOH 68  368 204 HOH HOH A . 
G 6 HOH 69  369 287 HOH HOH A . 
G 6 HOH 70  370 267 HOH HOH A . 
G 6 HOH 71  371 332 HOH HOH A . 
G 6 HOH 72  372 339 HOH HOH A . 
G 6 HOH 73  373 305 HOH HOH A . 
G 6 HOH 74  374 299 HOH HOH A . 
G 6 HOH 75  375 233 HOH HOH A . 
G 6 HOH 76  376 273 HOH HOH A . 
G 6 HOH 77  377 324 HOH HOH A . 
G 6 HOH 78  378 286 HOH HOH A . 
G 6 HOH 79  379 291 HOH HOH A . 
G 6 HOH 80  380 315 HOH HOH A . 
G 6 HOH 81  381 296 HOH HOH A . 
G 6 HOH 82  382 275 HOH HOH A . 
G 6 HOH 83  383 260 HOH HOH A . 
G 6 HOH 84  384 246 HOH HOH A . 
G 6 HOH 85  385 283 HOH HOH A . 
G 6 HOH 86  386 290 HOH HOH A . 
G 6 HOH 87  387 337 HOH HOH A . 
G 6 HOH 88  388 328 HOH HOH A . 
G 6 HOH 89  389 217 HOH HOH A . 
G 6 HOH 90  390 335 HOH HOH A . 
G 6 HOH 91  391 327 HOH HOH A . 
G 6 HOH 92  392 316 HOH HOH A . 
G 6 HOH 93  393 220 HOH HOH A . 
G 6 HOH 94  394 318 HOH HOH A . 
G 6 HOH 95  395 252 HOH HOH A . 
G 6 HOH 96  396 325 HOH HOH A . 
G 6 HOH 97  397 270 HOH HOH A . 
G 6 HOH 98  398 329 HOH HOH A . 
G 6 HOH 99  399 251 HOH HOH A . 
G 6 HOH 100 400 243 HOH HOH A . 
G 6 HOH 101 401 288 HOH HOH A . 
G 6 HOH 102 402 213 HOH HOH A . 
G 6 HOH 103 403 313 HOH HOH A . 
G 6 HOH 104 404 312 HOH HOH A . 
G 6 HOH 105 405 280 HOH HOH A . 
G 6 HOH 106 406 294 HOH HOH A . 
G 6 HOH 107 407 336 HOH HOH A . 
G 6 HOH 108 408 224 HOH HOH A . 
G 6 HOH 109 409 253 HOH HOH A . 
G 6 HOH 110 410 236 HOH HOH A . 
G 6 HOH 111 411 268 HOH HOH A . 
G 6 HOH 112 412 289 HOH HOH A . 
G 6 HOH 113 413 320 HOH HOH A . 
G 6 HOH 114 414 227 HOH HOH A . 
G 6 HOH 115 415 256 HOH HOH A . 
G 6 HOH 116 416 271 HOH HOH A . 
G 6 HOH 117 417 258 HOH HOH A . 
G 6 HOH 118 418 298 HOH HOH A . 
G 6 HOH 119 419 240 HOH HOH A . 
G 6 HOH 120 420 307 HOH HOH A . 
G 6 HOH 121 421 242 HOH HOH A . 
G 6 HOH 122 422 300 HOH HOH A . 
G 6 HOH 123 423 302 HOH HOH A . 
G 6 HOH 124 424 303 HOH HOH A . 
G 6 HOH 125 425 241 HOH HOH A . 
G 6 HOH 126 426 340 HOH HOH A . 
G 6 HOH 127 427 239 HOH HOH A . 
G 6 HOH 128 428 338 HOH HOH A . 
G 6 HOH 129 429 304 HOH HOH A . 
G 6 HOH 130 430 322 HOH HOH A . 
G 6 HOH 131 431 310 HOH HOH A . 
G 6 HOH 132 432 341 HOH HOH A . 
G 6 HOH 133 433 269 HOH HOH A . 
G 6 HOH 134 434 222 HOH HOH A . 
G 6 HOH 135 435 264 HOH HOH A . 
G 6 HOH 136 436 331 HOH HOH A . 
G 6 HOH 137 437 326 HOH HOH A . 
G 6 HOH 138 438 342 HOH HOH A . 
G 6 HOH 139 439 311 HOH HOH A . 
G 6 HOH 140 440 238 HOH HOH A . 
G 6 HOH 141 441 317 HOH HOH A . 
G 6 HOH 142 442 323 HOH HOH A . 
G 6 HOH 143 443 319 HOH HOH A . 
G 6 HOH 144 444 314 HOH HOH A . 
# 
loop_
_software.citation_id 
_software.classification 
_software.compiler_name 
_software.compiler_version 
_software.contact_author 
_software.contact_author_email 
_software.date 
_software.description 
_software.dependencies 
_software.hardware 
_software.language 
_software.location 
_software.mods 
_software.name 
_software.os 
_software.os_version 
_software.type 
_software.version 
_software.pdbx_ordinal 
? refinement       ? ? ? ? ? ? ? ? ? ? ? REFMAC ? ? ? 5.8.0135 1 
? 'data reduction' ? ? ? ? ? ? ? ? ? ? ? XDS    ? ? ? .        2 
? 'data scaling'   ? ? ? ? ? ? ? ? ? ? ? XSCALE ? ? ? .        3 
? phasing          ? ? ? ? ? ? ? ? ? ? ? REFMAC ? ? ? .        4 
# 
_cell.entry_id           5MJC 
_cell.length_a           87.351 
_cell.length_b           87.351 
_cell.length_c           112.650 
_cell.angle_alpha        90.00 
_cell.angle_beta         90.00 
_cell.angle_gamma        120.00 
_cell.Z_PDB              18 
_cell.pdbx_unique_axis   ? 
# 
_symmetry.entry_id                         5MJC 
_symmetry.space_group_name_H-M             'H 3 2' 
_symmetry.pdbx_full_space_group_name_H-M   ? 
_symmetry.cell_setting                     ? 
_symmetry.Int_Tables_number                155 
# 
_exptl.absorpt_coefficient_mu     ? 
_exptl.absorpt_correction_T_max   ? 
_exptl.absorpt_correction_T_min   ? 
_exptl.absorpt_correction_type    ? 
_exptl.absorpt_process_details    ? 
_exptl.entry_id                   5MJC 
_exptl.crystals_number            1 
_exptl.details                    ? 
_exptl.method                     'X-RAY DIFFRACTION' 
_exptl.method_details             ? 
# 
_exptl_crystal.colour                      ? 
_exptl_crystal.density_diffrn              ? 
_exptl_crystal.density_Matthews            2.49 
_exptl_crystal.density_method              ? 
_exptl_crystal.density_percent_sol         50.56 
_exptl_crystal.description                 'DEEP RED CUBES' 
_exptl_crystal.F_000                       ? 
_exptl_crystal.id                          1 
_exptl_crystal.preparation                 ? 
_exptl_crystal.size_max                    ? 
_exptl_crystal.size_mid                    ? 
_exptl_crystal.size_min                    ? 
_exptl_crystal.size_rad                    ? 
_exptl_crystal.colour_lustre               ? 
_exptl_crystal.colour_modifier             ? 
_exptl_crystal.colour_primary              ? 
_exptl_crystal.density_meas                ? 
_exptl_crystal.density_meas_esd            ? 
_exptl_crystal.density_meas_gt             ? 
_exptl_crystal.density_meas_lt             ? 
_exptl_crystal.density_meas_temp           ? 
_exptl_crystal.density_meas_temp_esd       ? 
_exptl_crystal.density_meas_temp_gt        ? 
_exptl_crystal.density_meas_temp_lt        ? 
_exptl_crystal.pdbx_crystal_image_url      ? 
_exptl_crystal.pdbx_crystal_image_format   ? 
_exptl_crystal.pdbx_mosaicity              ? 
_exptl_crystal.pdbx_mosaicity_esd          ? 
# 
_exptl_crystal_grow.apparatus       ? 
_exptl_crystal_grow.atmosphere      ? 
_exptl_crystal_grow.crystal_id      1 
_exptl_crystal_grow.details         ? 
_exptl_crystal_grow.method          'VAPOR DIFFUSION, HANGING DROP' 
_exptl_crystal_grow.method_ref      ? 
_exptl_crystal_grow.pH              6.5 
_exptl_crystal_grow.pressure        ? 
_exptl_crystal_grow.pressure_esd    ? 
_exptl_crystal_grow.seeding         ? 
_exptl_crystal_grow.seeding_ref     ? 
_exptl_crystal_grow.temp            293 
_exptl_crystal_grow.temp_details    ? 
_exptl_crystal_grow.temp_esd        ? 
_exptl_crystal_grow.time            ? 
_exptl_crystal_grow.pdbx_details    '1.6M AMMONIUM SULPHATE, 0.1M MES, PH 6.5, 10% DIOXANE, VAPOR DIFFUSION, HANGING DROP' 
_exptl_crystal_grow.pdbx_pH_range   ? 
# 
_diffrn.ambient_environment    ? 
_diffrn.ambient_temp           100 
_diffrn.ambient_temp_details   ? 
_diffrn.ambient_temp_esd       ? 
_diffrn.crystal_id             1 
_diffrn.crystal_support        ? 
_diffrn.crystal_treatment      ? 
_diffrn.details                ? 
_diffrn.id                     1 
_diffrn.ambient_pressure       ? 
_diffrn.ambient_pressure_esd   ? 
_diffrn.ambient_pressure_gt    ? 
_diffrn.ambient_pressure_lt    ? 
_diffrn.ambient_temp_gt        ? 
_diffrn.ambient_temp_lt        ? 
# 
_diffrn_detector.details                      'BENT MIRROR' 
_diffrn_detector.detector                     CCD 
_diffrn_detector.diffrn_id                    1 
_diffrn_detector.type                         'ADSC QUANTUM 315r' 
_diffrn_detector.area_resol_mean              ? 
_diffrn_detector.dtime                        ? 
_diffrn_detector.pdbx_frames_total            ? 
_diffrn_detector.pdbx_collection_time_total   ? 
_diffrn_detector.pdbx_collection_date         2016-07-20 
# 
_diffrn_radiation.collimation                      ? 
_diffrn_radiation.diffrn_id                        1 
_diffrn_radiation.filter_edge                      ? 
_diffrn_radiation.inhomogeneity                    ? 
_diffrn_radiation.monochromator                    'Si (111)' 
_diffrn_radiation.polarisn_norm                    ? 
_diffrn_radiation.polarisn_ratio                   ? 
_diffrn_radiation.probe                            ? 
_diffrn_radiation.type                             ? 
_diffrn_radiation.xray_symbol                      ? 
_diffrn_radiation.wavelength_id                    1 
_diffrn_radiation.pdbx_monochromatic_or_laue_m_l   M 
_diffrn_radiation.pdbx_wavelength_list             ? 
_diffrn_radiation.pdbx_wavelength                  ? 
_diffrn_radiation.pdbx_diffrn_protocol             'SINGLE WAVELENGTH' 
_diffrn_radiation.pdbx_analyzer                    ? 
_diffrn_radiation.pdbx_scattering_type             x-ray 
# 
_diffrn_radiation_wavelength.id           1 
_diffrn_radiation_wavelength.wavelength   0.8859 
_diffrn_radiation_wavelength.wt           1.0 
# 
_diffrn_source.current                     ? 
_diffrn_source.details                     ? 
_diffrn_source.diffrn_id                   1 
_diffrn_source.power                       ? 
_diffrn_source.size                        ? 
_diffrn_source.source                      SYNCHROTRON 
_diffrn_source.target                      ? 
_diffrn_source.type                        'ESRF BEAMLINE BM30A' 
_diffrn_source.voltage                     ? 
_diffrn_source.take-off_angle              ? 
_diffrn_source.pdbx_wavelength_list        0.8859 
_diffrn_source.pdbx_wavelength             ? 
_diffrn_source.pdbx_synchrotron_beamline   BM30A 
_diffrn_source.pdbx_synchrotron_site       ESRF 
# 
_reflns.B_iso_Wilson_estimate            ? 
_reflns.entry_id                         5MJC 
_reflns.data_reduction_details           ? 
_reflns.data_reduction_method            ? 
_reflns.d_resolution_high                1.55 
_reflns.d_resolution_low                 59.66 
_reflns.details                          ? 
_reflns.limit_h_max                      ? 
_reflns.limit_h_min                      ? 
_reflns.limit_k_max                      ? 
_reflns.limit_k_min                      ? 
_reflns.limit_l_max                      ? 
_reflns.limit_l_min                      ? 
_reflns.number_all                       ? 
_reflns.number_obs                       20818 
_reflns.observed_criterion               ? 
_reflns.observed_criterion_F_max         ? 
_reflns.observed_criterion_F_min         ? 
_reflns.observed_criterion_I_max         ? 
_reflns.observed_criterion_I_min         ? 
_reflns.observed_criterion_sigma_F       2 
_reflns.observed_criterion_sigma_I       4 
_reflns.percent_possible_obs             99.6 
_reflns.R_free_details                   ? 
_reflns.Rmerge_F_all                     ? 
_reflns.Rmerge_F_obs                     ? 
_reflns.Friedel_coverage                 ? 
_reflns.number_gt                        ? 
_reflns.threshold_expression             ? 
_reflns.pdbx_redundancy                  7.3 
_reflns.pdbx_Rmerge_I_obs                0.069 
_reflns.pdbx_Rmerge_I_all                ? 
_reflns.pdbx_Rsym_value                  ? 
_reflns.pdbx_netI_over_av_sigmaI         ? 
_reflns.pdbx_netI_over_sigmaI            21.4 
_reflns.pdbx_res_netI_over_av_sigmaI_2   ? 
_reflns.pdbx_res_netI_over_sigmaI_2      ? 
_reflns.pdbx_chi_squared                 ? 
_reflns.pdbx_scaling_rejects             ? 
_reflns.pdbx_d_res_high_opt              ? 
_reflns.pdbx_d_res_low_opt               ? 
_reflns.pdbx_d_res_opt_method            ? 
_reflns.phase_calculation_details        ? 
_reflns.pdbx_Rrim_I_all                  ? 
_reflns.pdbx_Rpim_I_all                  ? 
_reflns.pdbx_d_opt                       ? 
_reflns.pdbx_number_measured_all         ? 
_reflns.pdbx_diffrn_id                   1 
_reflns.pdbx_ordinal                     1 
_reflns.pdbx_CC_half                     ? 
_reflns.pdbx_R_split                     ? 
# 
_reflns_shell.d_res_high                  1.55 
_reflns_shell.d_res_low                   1.7 
_reflns_shell.meanI_over_sigI_all         ? 
_reflns_shell.meanI_over_sigI_obs         4.3 
_reflns_shell.number_measured_all         ? 
_reflns_shell.number_measured_obs         ? 
_reflns_shell.number_possible             ? 
_reflns_shell.number_unique_all           ? 
_reflns_shell.number_unique_obs           ? 
_reflns_shell.percent_possible_all        100 
_reflns_shell.percent_possible_obs        ? 
_reflns_shell.Rmerge_F_all                ? 
_reflns_shell.Rmerge_F_obs                ? 
_reflns_shell.Rmerge_I_all                ? 
_reflns_shell.Rmerge_I_obs                0.281 
_reflns_shell.meanI_over_sigI_gt          ? 
_reflns_shell.meanI_over_uI_all           ? 
_reflns_shell.meanI_over_uI_gt            ? 
_reflns_shell.number_measured_gt          ? 
_reflns_shell.number_unique_gt            ? 
_reflns_shell.percent_possible_gt         ? 
_reflns_shell.Rmerge_F_gt                 ? 
_reflns_shell.Rmerge_I_gt                 ? 
_reflns_shell.pdbx_redundancy             7.4 
_reflns_shell.pdbx_Rsym_value             ? 
_reflns_shell.pdbx_chi_squared            ? 
_reflns_shell.pdbx_netI_over_sigmaI_all   ? 
_reflns_shell.pdbx_netI_over_sigmaI_obs   ? 
_reflns_shell.pdbx_Rrim_I_all             ? 
_reflns_shell.pdbx_Rpim_I_all             ? 
_reflns_shell.pdbx_rejects                ? 
_reflns_shell.pdbx_ordinal                1 
_reflns_shell.pdbx_diffrn_id              1 
_reflns_shell.pdbx_CC_half                ? 
_reflns_shell.pdbx_R_split                ? 
# 
_refine.pdbx_refine_id                           'X-RAY DIFFRACTION' 
_refine.entry_id                                 5MJC 
_refine.pdbx_diffrn_id                           1 
_refine.pdbx_TLS_residual_ADP_flag               ? 
_refine.ls_number_reflns_obs                     19661 
_refine.ls_number_reflns_all                     ? 
_refine.pdbx_ls_sigma_I                          ? 
_refine.pdbx_ls_sigma_F                          ? 
_refine.pdbx_data_cutoff_high_absF               ? 
_refine.pdbx_data_cutoff_low_absF                ? 
_refine.pdbx_data_cutoff_high_rms_absF           ? 
_refine.ls_d_res_low                             62.80 
_refine.ls_d_res_high                            1.62 
_refine.ls_percent_reflns_obs                    98.07 
_refine.ls_R_factor_obs                          0.17020 
_refine.ls_R_factor_all                          ? 
_refine.ls_R_factor_R_work                       0.16826 
_refine.ls_R_factor_R_free                       0.20705 
_refine.ls_R_factor_R_free_error                 ? 
_refine.ls_R_factor_R_free_error_details         ? 
_refine.ls_percent_reflns_R_free                 5.2 
_refine.ls_number_reflns_R_free                  1071 
_refine.ls_number_parameters                     ? 
_refine.ls_number_restraints                     ? 
_refine.occupancy_min                            ? 
_refine.occupancy_max                            ? 
_refine.correlation_coeff_Fo_to_Fc               0.969 
_refine.correlation_coeff_Fo_to_Fc_free          0.953 
_refine.B_iso_mean                               28.663 
_refine.aniso_B[1][1]                            -0.06 
_refine.aniso_B[2][2]                            -0.06 
_refine.aniso_B[3][3]                            0.21 
_refine.aniso_B[1][2]                            -0.03 
_refine.aniso_B[1][3]                            0.00 
_refine.aniso_B[2][3]                            0.00 
_refine.solvent_model_details                    MASK 
_refine.solvent_model_param_ksol                 ? 
_refine.solvent_model_param_bsol                 ? 
_refine.pdbx_solvent_vdw_probe_radii             1.20 
_refine.pdbx_solvent_ion_probe_radii             0.80 
_refine.pdbx_solvent_shrinkage_radii             0.80 
_refine.pdbx_ls_cross_valid_method               THROUGHOUT 
_refine.details                                  ? 
_refine.pdbx_starting_model                      4O4T 
_refine.pdbx_method_to_determine_struct          'FOURIER SYNTHESIS' 
_refine.pdbx_isotropic_thermal_model             ? 
_refine.pdbx_stereochemistry_target_values       'MAXIMUM LIKELIHOOD' 
_refine.pdbx_stereochem_target_val_spec_case     ? 
_refine.pdbx_R_Free_selection_details            RANDOM 
_refine.pdbx_overall_ESU_R                       0.090 
_refine.pdbx_overall_ESU_R_Free                  0.093 
_refine.overall_SU_ML                            0.057 
_refine.pdbx_overall_phase_error                 ? 
_refine.overall_SU_B                             1.623 
_refine.overall_SU_R_Cruickshank_DPI             ? 
_refine.pdbx_overall_SU_R_free_Cruickshank_DPI   ? 
_refine.pdbx_overall_SU_R_Blow_DPI               ? 
_refine.pdbx_overall_SU_R_free_Blow_DPI          ? 
# 
_refine_hist.pdbx_refine_id                   'X-RAY DIFFRACTION' 
_refine_hist.cycle_id                         1 
_refine_hist.pdbx_number_atoms_protein        1172 
_refine_hist.pdbx_number_atoms_nucleic_acid   0 
_refine_hist.pdbx_number_atoms_ligand         62 
_refine_hist.number_atoms_solvent             144 
_refine_hist.number_atoms_total               1378 
_refine_hist.d_res_high                       1.62 
_refine_hist.d_res_low                        62.80 
# 
loop_
_refine_ls_restr.type 
_refine_ls_restr.dev_ideal 
_refine_ls_restr.dev_ideal_target 
_refine_ls_restr.weight 
_refine_ls_restr.number 
_refine_ls_restr.pdbx_refine_id 
_refine_ls_restr.pdbx_restraint_function 
r_bond_refined_d             0.018  0.019  ? 1340 'X-RAY DIFFRACTION' ? 
r_bond_other_d               ?      ?      ? ?    'X-RAY DIFFRACTION' ? 
r_angle_refined_deg          2.090  2.074  ? 1838 'X-RAY DIFFRACTION' ? 
r_angle_other_deg            ?      ?      ? ?    'X-RAY DIFFRACTION' ? 
r_dihedral_angle_1_deg       5.207  5.000  ? 149  'X-RAY DIFFRACTION' ? 
r_dihedral_angle_2_deg       31.817 21.607 ? 56   'X-RAY DIFFRACTION' ? 
r_dihedral_angle_3_deg       13.064 15.000 ? 215  'X-RAY DIFFRACTION' ? 
r_dihedral_angle_4_deg       18.946 15.000 ? 15   'X-RAY DIFFRACTION' ? 
r_chiral_restr               0.181  0.200  ? 188  'X-RAY DIFFRACTION' ? 
r_gen_planes_refined         0.017  0.021  ? 1016 'X-RAY DIFFRACTION' ? 
r_gen_planes_other           ?      ?      ? ?    'X-RAY DIFFRACTION' ? 
r_nbd_refined                ?      ?      ? ?    'X-RAY DIFFRACTION' ? 
r_nbd_other                  ?      ?      ? ?    'X-RAY DIFFRACTION' ? 
r_nbtor_refined              ?      ?      ? ?    'X-RAY DIFFRACTION' ? 
r_nbtor_other                ?      ?      ? ?    'X-RAY DIFFRACTION' ? 
r_xyhbond_nbd_refined        ?      ?      ? ?    'X-RAY DIFFRACTION' ? 
r_xyhbond_nbd_other          ?      ?      ? ?    'X-RAY DIFFRACTION' ? 
r_metal_ion_refined          ?      ?      ? ?    'X-RAY DIFFRACTION' ? 
r_metal_ion_other            ?      ?      ? ?    'X-RAY DIFFRACTION' ? 
r_symmetry_vdw_refined       ?      ?      ? ?    'X-RAY DIFFRACTION' ? 
r_symmetry_vdw_other         ?      ?      ? ?    'X-RAY DIFFRACTION' ? 
r_symmetry_hbond_refined     ?      ?      ? ?    'X-RAY DIFFRACTION' ? 
r_symmetry_hbond_other       ?      ?      ? ?    'X-RAY DIFFRACTION' ? 
r_symmetry_metal_ion_refined ?      ?      ? ?    'X-RAY DIFFRACTION' ? 
r_symmetry_metal_ion_other   ?      ?      ? ?    'X-RAY DIFFRACTION' ? 
r_mcbond_it                  3.633  2.497  ? 593  'X-RAY DIFFRACTION' ? 
r_mcbond_other               ?      ?      ? ?    'X-RAY DIFFRACTION' ? 
r_mcangle_it                 5.004  3.727  ? 740  'X-RAY DIFFRACTION' ? 
r_mcangle_other              ?      ?      ? ?    'X-RAY DIFFRACTION' ? 
r_scbond_it                  4.784  2.779  ? 746  'X-RAY DIFFRACTION' ? 
r_scbond_other               ?      ?      ? ?    'X-RAY DIFFRACTION' ? 
r_scangle_it                 ?      ?      ? ?    'X-RAY DIFFRACTION' ? 
r_scangle_other              ?      ?      ? ?    'X-RAY DIFFRACTION' ? 
r_long_range_B_refined       8.790  21.701 ? 2404 'X-RAY DIFFRACTION' ? 
r_long_range_B_other         ?      ?      ? ?    'X-RAY DIFFRACTION' ? 
r_rigid_bond_restr           ?      ?      ? ?    'X-RAY DIFFRACTION' ? 
r_sphericity_free            ?      ?      ? ?    'X-RAY DIFFRACTION' ? 
r_sphericity_bonded          ?      ?      ? ?    'X-RAY DIFFRACTION' ? 
# 
_refine_ls_shell.pdbx_refine_id                   'X-RAY DIFFRACTION' 
_refine_ls_shell.pdbx_total_number_of_bins_used   20 
_refine_ls_shell.d_res_high                       1.623 
_refine_ls_shell.d_res_low                        1.665 
_refine_ls_shell.number_reflns_R_work             1121 
_refine_ls_shell.R_factor_R_work                  0.227 
_refine_ls_shell.percent_reflns_obs               77.17 
_refine_ls_shell.R_factor_R_free                  0.232 
_refine_ls_shell.R_factor_R_free_error            ? 
_refine_ls_shell.percent_reflns_R_free            ? 
_refine_ls_shell.number_reflns_R_free             69 
_refine_ls_shell.number_reflns_all                ? 
_refine_ls_shell.R_factor_all                     ? 
_refine_ls_shell.R_factor_obs                     ? 
_refine_ls_shell.number_reflns_obs                ? 
# 
_struct.entry_id                     5MJC 
_struct.title                        'metNeuroglobin under oxygen at 50 bar' 
_struct.pdbx_model_details           ? 
_struct.pdbx_formula_weight          ? 
_struct.pdbx_formula_weight_method   ? 
_struct.pdbx_model_type_details      ? 
_struct.pdbx_CASP_flag               N 
# 
_struct_keywords.entry_id        5MJC 
_struct_keywords.text            'oxygen complex storage cavity, transport protein' 
_struct_keywords.pdbx_keywords   'TRANSPORT PROTEIN' 
# 
loop_
_struct_asym.id 
_struct_asym.pdbx_blank_PDB_chainid_flag 
_struct_asym.pdbx_modified 
_struct_asym.entity_id 
_struct_asym.details 
A N N 1 ? 
B N N 2 ? 
C N N 3 ? 
D N N 3 ? 
E N N 4 ? 
F N N 5 ? 
G N N 6 ? 
# 
_struct_ref.id                         1 
_struct_ref.db_name                    UNP 
_struct_ref.db_code                    NGB_MOUSE 
_struct_ref.pdbx_db_accession          Q9ER97 
_struct_ref.pdbx_db_isoform            ? 
_struct_ref.entity_id                  1 
_struct_ref.pdbx_seq_one_letter_code   
;RPESELIRQSWRVVSRSPLEHGTVLFARLFALEPSLLPLFQYNGRQFSSPEDCLSSPEFLDHIRKVMLVIDAAVTNVEDL
SSLEEYLTSLGRKHRAVGVRLSSFSTVGESLLYMLEKCLGPDFTPATRTAWSRLYGAVVQAMSRGWDG
;
_struct_ref.pdbx_align_begin           3 
# 
_struct_ref_seq.align_id                      1 
_struct_ref_seq.ref_id                        1 
_struct_ref_seq.pdbx_PDB_id_code              5MJC 
_struct_ref_seq.pdbx_strand_id                A 
_struct_ref_seq.seq_align_beg                 1 
_struct_ref_seq.pdbx_seq_align_beg_ins_code   ? 
_struct_ref_seq.seq_align_end                 148 
_struct_ref_seq.pdbx_seq_align_end_ins_code   ? 
_struct_ref_seq.pdbx_db_accession             Q9ER97 
_struct_ref_seq.db_align_beg                  3 
_struct_ref_seq.pdbx_db_align_beg_ins_code    ? 
_struct_ref_seq.db_align_end                  150 
_struct_ref_seq.pdbx_db_align_end_ins_code    ? 
_struct_ref_seq.pdbx_auth_seq_align_beg       3 
_struct_ref_seq.pdbx_auth_seq_align_end       150 
# 
loop_
_struct_ref_seq_dif.align_id 
_struct_ref_seq_dif.pdbx_pdb_id_code 
_struct_ref_seq_dif.mon_id 
_struct_ref_seq_dif.pdbx_pdb_strand_id 
_struct_ref_seq_dif.seq_num 
_struct_ref_seq_dif.pdbx_pdb_ins_code 
_struct_ref_seq_dif.pdbx_seq_db_name 
_struct_ref_seq_dif.pdbx_seq_db_accession_code 
_struct_ref_seq_dif.db_mon_id 
_struct_ref_seq_dif.pdbx_seq_db_seq_num 
_struct_ref_seq_dif.details 
_struct_ref_seq_dif.pdbx_auth_seq_num 
_struct_ref_seq_dif.pdbx_ordinal 
1 5MJC SER A 53  ? UNP Q9ER97 CYS 55  'engineered mutation' 55  1 
1 5MJC SER A 118 ? UNP Q9ER97 CYS 120 'engineered mutation' 120 2 
# 
_pdbx_struct_assembly.id                   1 
_pdbx_struct_assembly.details              author_and_software_defined_assembly 
_pdbx_struct_assembly.method_details       PISA 
_pdbx_struct_assembly.oligomeric_details   monomeric 
_pdbx_struct_assembly.oligomeric_count     1 
# 
loop_
_pdbx_struct_assembly_prop.biol_id 
_pdbx_struct_assembly_prop.type 
_pdbx_struct_assembly_prop.value 
_pdbx_struct_assembly_prop.details 
1 'ABSA (A^2)' 1910 ? 
1 MORE         -29  ? 
1 'SSA (A^2)'  7640 ? 
# 
_pdbx_struct_assembly_gen.assembly_id       1 
_pdbx_struct_assembly_gen.oper_expression   1 
_pdbx_struct_assembly_gen.asym_id_list      A,B,C,D,E,F,G 
# 
_pdbx_struct_oper_list.id                   1 
_pdbx_struct_oper_list.type                 'identity operation' 
_pdbx_struct_oper_list.name                 1_555 
_pdbx_struct_oper_list.symmetry_operation   x,y,z 
_pdbx_struct_oper_list.matrix[1][1]         1.0000000000 
_pdbx_struct_oper_list.matrix[1][2]         0.0000000000 
_pdbx_struct_oper_list.matrix[1][3]         0.0000000000 
_pdbx_struct_oper_list.vector[1]            0.0000000000 
_pdbx_struct_oper_list.matrix[2][1]         0.0000000000 
_pdbx_struct_oper_list.matrix[2][2]         1.0000000000 
_pdbx_struct_oper_list.matrix[2][3]         0.0000000000 
_pdbx_struct_oper_list.vector[2]            0.0000000000 
_pdbx_struct_oper_list.matrix[3][1]         0.0000000000 
_pdbx_struct_oper_list.matrix[3][2]         0.0000000000 
_pdbx_struct_oper_list.matrix[3][3]         1.0000000000 
_pdbx_struct_oper_list.vector[3]            0.0000000000 
# 
loop_
_struct_conf.conf_type_id 
_struct_conf.id 
_struct_conf.pdbx_PDB_helix_id 
_struct_conf.beg_label_comp_id 
_struct_conf.beg_label_asym_id 
_struct_conf.beg_label_seq_id 
_struct_conf.pdbx_beg_PDB_ins_code 
_struct_conf.end_label_comp_id 
_struct_conf.end_label_asym_id 
_struct_conf.end_label_seq_id 
_struct_conf.pdbx_end_PDB_ins_code 
_struct_conf.beg_auth_comp_id 
_struct_conf.beg_auth_asym_id 
_struct_conf.beg_auth_seq_id 
_struct_conf.end_auth_comp_id 
_struct_conf.end_auth_asym_id 
_struct_conf.end_auth_seq_id 
_struct_conf.pdbx_PDB_helix_class 
_struct_conf.details 
_struct_conf.pdbx_PDB_helix_length 
HELX_P HELX_P1  AA1 ARG A 1   ? ARG A 16  ? ARG A 3   ARG A 18  1 ? 16 
HELX_P HELX_P2  AA2 SER A 17  ? GLU A 33  ? SER A 19  GLU A 35  1 ? 17 
HELX_P HELX_P3  AA3 PRO A 34  ? PHE A 40  ? PRO A 36  PHE A 42  5 ? 7  
HELX_P HELX_P4  AA4 SER A 49  ? LEU A 54  ? SER A 51  LEU A 56  1 ? 6  
HELX_P HELX_P5  AA5 SER A 56  ? ASN A 76  ? SER A 58  ASN A 78  1 ? 21 
HELX_P HELX_P6  AA6 ASP A 79  ? SER A 82  ? ASP A 81  SER A 84  5 ? 4  
HELX_P HELX_P7  AA7 LEU A 83  ? GLY A 98  ? LEU A 85  GLY A 100 1 ? 16 
HELX_P HELX_P8  AA8 SER A 102 ? GLY A 120 ? SER A 104 GLY A 122 1 ? 19 
HELX_P HELX_P9  AA9 PRO A 121 ? PHE A 123 ? PRO A 123 PHE A 125 5 ? 3  
HELX_P HELX_P10 AB1 THR A 124 ? ARG A 144 ? THR A 126 ARG A 146 1 ? 21 
HELX_P HELX_P11 AB2 GLY A 145 ? ASP A 147 ? GLY A 147 ASP A 149 5 ? 3  
# 
_struct_conf_type.id          HELX_P 
_struct_conf_type.criteria    ? 
_struct_conf_type.reference   ? 
# 
loop_
_struct_conn.id 
_struct_conn.conn_type_id 
_struct_conn.pdbx_leaving_atom_flag 
_struct_conn.pdbx_PDB_id 
_struct_conn.ptnr1_label_asym_id 
_struct_conn.ptnr1_label_comp_id 
_struct_conn.ptnr1_label_seq_id 
_struct_conn.ptnr1_label_atom_id 
_struct_conn.pdbx_ptnr1_label_alt_id 
_struct_conn.pdbx_ptnr1_PDB_ins_code 
_struct_conn.pdbx_ptnr1_standard_comp_id 
_struct_conn.ptnr1_symmetry 
_struct_conn.ptnr2_label_asym_id 
_struct_conn.ptnr2_label_comp_id 
_struct_conn.ptnr2_label_seq_id 
_struct_conn.ptnr2_label_atom_id 
_struct_conn.pdbx_ptnr2_label_alt_id 
_struct_conn.pdbx_ptnr2_PDB_ins_code 
_struct_conn.ptnr1_auth_asym_id 
_struct_conn.ptnr1_auth_comp_id 
_struct_conn.ptnr1_auth_seq_id 
_struct_conn.ptnr2_auth_asym_id 
_struct_conn.ptnr2_auth_comp_id 
_struct_conn.ptnr2_auth_seq_id 
_struct_conn.ptnr2_symmetry 
_struct_conn.pdbx_ptnr3_label_atom_id 
_struct_conn.pdbx_ptnr3_label_seq_id 
_struct_conn.pdbx_ptnr3_label_comp_id 
_struct_conn.pdbx_ptnr3_label_asym_id 
_struct_conn.pdbx_ptnr3_label_alt_id 
_struct_conn.pdbx_ptnr3_PDB_ins_code 
_struct_conn.details 
_struct_conn.pdbx_dist_value 
_struct_conn.pdbx_value_order 
_struct_conn.pdbx_role 
metalc1 metalc ? ? A HIS 62 NE2 ? ? ? 1_555 B HEM . FE ? ? A HIS 64 A HEM 201 1_555 ? ? ? ? ? ? ? 2.069 ? ? 
metalc2 metalc ? ? A HIS 94 NE2 ? ? ? 1_555 B HEM . FE ? ? A HIS 96 A HEM 201 1_555 ? ? ? ? ? ? ? 2.052 ? ? 
# 
_struct_conn_type.id          metalc 
_struct_conn_type.criteria    ? 
_struct_conn_type.reference   ? 
# 
loop_
_pdbx_struct_conn_angle.id 
_pdbx_struct_conn_angle.ptnr1_label_atom_id 
_pdbx_struct_conn_angle.ptnr1_label_alt_id 
_pdbx_struct_conn_angle.ptnr1_label_asym_id 
_pdbx_struct_conn_angle.ptnr1_label_comp_id 
_pdbx_struct_conn_angle.ptnr1_label_seq_id 
_pdbx_struct_conn_angle.ptnr1_auth_atom_id 
_pdbx_struct_conn_angle.ptnr1_auth_asym_id 
_pdbx_struct_conn_angle.ptnr1_auth_comp_id 
_pdbx_struct_conn_angle.ptnr1_auth_seq_id 
_pdbx_struct_conn_angle.ptnr1_PDB_ins_code 
_pdbx_struct_conn_angle.ptnr1_symmetry 
_pdbx_struct_conn_angle.ptnr2_label_atom_id 
_pdbx_struct_conn_angle.ptnr2_label_alt_id 
_pdbx_struct_conn_angle.ptnr2_label_asym_id 
_pdbx_struct_conn_angle.ptnr2_label_comp_id 
_pdbx_struct_conn_angle.ptnr2_label_seq_id 
_pdbx_struct_conn_angle.ptnr2_auth_atom_id 
_pdbx_struct_conn_angle.ptnr2_auth_asym_id 
_pdbx_struct_conn_angle.ptnr2_auth_comp_id 
_pdbx_struct_conn_angle.ptnr2_auth_seq_id 
_pdbx_struct_conn_angle.ptnr2_PDB_ins_code 
_pdbx_struct_conn_angle.ptnr2_symmetry 
_pdbx_struct_conn_angle.ptnr3_label_atom_id 
_pdbx_struct_conn_angle.ptnr3_label_alt_id 
_pdbx_struct_conn_angle.ptnr3_label_asym_id 
_pdbx_struct_conn_angle.ptnr3_label_comp_id 
_pdbx_struct_conn_angle.ptnr3_label_seq_id 
_pdbx_struct_conn_angle.ptnr3_auth_atom_id 
_pdbx_struct_conn_angle.ptnr3_auth_asym_id 
_pdbx_struct_conn_angle.ptnr3_auth_comp_id 
_pdbx_struct_conn_angle.ptnr3_auth_seq_id 
_pdbx_struct_conn_angle.ptnr3_PDB_ins_code 
_pdbx_struct_conn_angle.ptnr3_symmetry 
_pdbx_struct_conn_angle.value 
_pdbx_struct_conn_angle.value_esd 
1  NE2 ? A HIS 62 ? A HIS 64  ? 1_555 FE ? B HEM . ? A HEM 201 ? 1_555 NA  ? B HEM .  ? A HEM 201 ? 1_555 83.4  ? 
2  NE2 ? A HIS 62 ? A HIS 64  ? 1_555 FE ? B HEM . ? A HEM 201 ? 1_555 NB  ? B HEM .  ? A HEM 201 ? 1_555 89.5  ? 
3  NA  ? B HEM .  ? A HEM 201 ? 1_555 FE ? B HEM . ? A HEM 201 ? 1_555 NB  ? B HEM .  ? A HEM 201 ? 1_555 88.6  ? 
4  NE2 ? A HIS 62 ? A HIS 64  ? 1_555 FE ? B HEM . ? A HEM 201 ? 1_555 NC  ? B HEM .  ? A HEM 201 ? 1_555 96.4  ? 
5  NA  ? B HEM .  ? A HEM 201 ? 1_555 FE ? B HEM . ? A HEM 201 ? 1_555 NC  ? B HEM .  ? A HEM 201 ? 1_555 179.6 ? 
6  NB  ? B HEM .  ? A HEM 201 ? 1_555 FE ? B HEM . ? A HEM 201 ? 1_555 NC  ? B HEM .  ? A HEM 201 ? 1_555 91.8  ? 
7  NE2 ? A HIS 62 ? A HIS 64  ? 1_555 FE ? B HEM . ? A HEM 201 ? 1_555 ND  ? B HEM .  ? A HEM 201 ? 1_555 90.8  ? 
8  NA  ? B HEM .  ? A HEM 201 ? 1_555 FE ? B HEM . ? A HEM 201 ? 1_555 ND  ? B HEM .  ? A HEM 201 ? 1_555 91.0  ? 
9  NB  ? B HEM .  ? A HEM 201 ? 1_555 FE ? B HEM . ? A HEM 201 ? 1_555 ND  ? B HEM .  ? A HEM 201 ? 1_555 179.5 ? 
10 NC  ? B HEM .  ? A HEM 201 ? 1_555 FE ? B HEM . ? A HEM 201 ? 1_555 ND  ? B HEM .  ? A HEM 201 ? 1_555 88.6  ? 
11 NE2 ? A HIS 62 ? A HIS 64  ? 1_555 FE ? B HEM . ? A HEM 201 ? 1_555 NE2 ? A HIS 94 ? A HIS 96  ? 1_555 166.6 ? 
12 NA  ? B HEM .  ? A HEM 201 ? 1_555 FE ? B HEM . ? A HEM 201 ? 1_555 NE2 ? A HIS 94 ? A HIS 96  ? 1_555 83.7  ? 
13 NB  ? B HEM .  ? A HEM 201 ? 1_555 FE ? B HEM . ? A HEM 201 ? 1_555 NE2 ? A HIS 94 ? A HIS 96  ? 1_555 86.6  ? 
14 NC  ? B HEM .  ? A HEM 201 ? 1_555 FE ? B HEM . ? A HEM 201 ? 1_555 NE2 ? A HIS 94 ? A HIS 96  ? 1_555 96.5  ? 
15 ND  ? B HEM .  ? A HEM 201 ? 1_555 FE ? B HEM . ? A HEM 201 ? 1_555 NE2 ? A HIS 94 ? A HIS 96  ? 1_555 93.0  ? 
# 
loop_
_struct_site.id 
_struct_site.pdbx_evidence_code 
_struct_site.pdbx_auth_asym_id 
_struct_site.pdbx_auth_comp_id 
_struct_site.pdbx_auth_seq_id 
_struct_site.pdbx_auth_ins_code 
_struct_site.pdbx_num_residues 
_struct_site.details 
AC1 Software A HEM 201 ? 18 'binding site for residue HEM A 201' 
AC2 Software A DIO 202 ? 4  'binding site for residue DIO A 202' 
AC3 Software A DIO 203 ? 5  'binding site for residue DIO A 203' 
AC4 Software A SO4 204 ? 7  'binding site for residue SO4 A 204' 
AC5 Software A OXY 205 ? 5  'binding site for residue OXY A 205' 
# 
loop_
_struct_site_gen.id 
_struct_site_gen.site_id 
_struct_site_gen.pdbx_num_res 
_struct_site_gen.label_comp_id 
_struct_site_gen.label_asym_id 
_struct_site_gen.label_seq_id 
_struct_site_gen.pdbx_auth_ins_code 
_struct_site_gen.auth_comp_id 
_struct_site_gen.auth_asym_id 
_struct_site_gen.auth_seq_id 
_struct_site_gen.label_atom_id 
_struct_site_gen.label_alt_id 
_struct_site_gen.symmetry 
_struct_site_gen.details 
1  AC1 18 LEU A 39  ? LEU A 41  . ? 1_555  ? 
2  AC1 18 PHE A 40  ? PHE A 42  . ? 1_555  ? 
3  AC1 18 TYR A 42  ? TYR A 44  . ? 1_555  ? 
4  AC1 18 HIS A 62  ? HIS A 64  . ? 1_555  ? 
5  AC1 18 LYS A 65  ? LYS A 67  . ? 1_555  ? 
6  AC1 18 LYS A 65  ? LYS A 67  . ? 18_655 ? 
7  AC1 18 VAL A 66  ? VAL A 68  . ? 1_555  ? 
8  AC1 18 VAL A 69  ? VAL A 71  . ? 1_555  ? 
9  AC1 18 TYR A 86  ? TYR A 88  . ? 1_555  ? 
10 AC1 18 LYS A 93  ? LYS A 95  . ? 1_555  ? 
11 AC1 18 HIS A 94  ? HIS A 96  . ? 1_555  ? 
12 AC1 18 VAL A 99  ? VAL A 101 . ? 1_555  ? 
13 AC1 18 PHE A 104 ? PHE A 106 . ? 1_555  ? 
14 AC1 18 VAL A 107 ? VAL A 109 . ? 1_555  ? 
15 AC1 18 HOH G .   ? HOH A 302 . ? 18_655 ? 
16 AC1 18 HOH G .   ? HOH A 302 . ? 1_555  ? 
17 AC1 18 HOH G .   ? HOH A 304 . ? 1_555  ? 
18 AC1 18 HOH G .   ? HOH A 338 . ? 1_555  ? 
19 AC2 4  LEU A 54  ? LEU A 56  . ? 11_565 ? 
20 AC2 4  SER A 55  ? SER A 57  . ? 11_565 ? 
21 AC2 4  LEU A 60  ? LEU A 62  . ? 11_565 ? 
22 AC2 4  HOH G .   ? HOH A 359 . ? 1_555  ? 
23 AC3 5  SER A 15  ? SER A 17  . ? 1_555  ? 
24 AC3 5  MET A 67  ? MET A 69  . ? 1_555  ? 
25 AC3 5  LEU A 68  ? LEU A 70  . ? 1_555  ? 
26 AC3 5  HOH G .   ? HOH A 306 . ? 18_655 ? 
27 AC3 5  HOH G .   ? HOH A 325 . ? 1_555  ? 
28 AC4 7  SER A 17  ? SER A 19  . ? 1_555  ? 
29 AC4 7  PRO A 18  ? PRO A 20  . ? 1_555  ? 
30 AC4 7  LEU A 19  ? LEU A 21  . ? 1_555  ? 
31 AC4 7  GLU A 20  ? GLU A 22  . ? 1_555  ? 
32 AC4 7  ARG A 64  ? ARG A 66  . ? 1_555  ? 
33 AC4 7  HOH G .   ? HOH A 357 . ? 1_555  ? 
34 AC4 7  HOH G .   ? HOH A 378 . ? 1_555  ? 
35 AC5 5  LEU A 111 ? LEU A 113 . ? 1_555  ? 
36 AC5 5  TRP A 131 ? TRP A 133 . ? 1_555  ? 
37 AC5 5  LEU A 134 ? LEU A 136 . ? 1_555  ? 
38 AC5 5  TYR A 135 ? TYR A 137 . ? 1_555  ? 
39 AC5 5  VAL A 138 ? VAL A 140 . ? 1_555  ? 
# 
loop_
_pdbx_validate_close_contact.id 
_pdbx_validate_close_contact.PDB_model_num 
_pdbx_validate_close_contact.auth_atom_id_1 
_pdbx_validate_close_contact.auth_asym_id_1 
_pdbx_validate_close_contact.auth_comp_id_1 
_pdbx_validate_close_contact.auth_seq_id_1 
_pdbx_validate_close_contact.PDB_ins_code_1 
_pdbx_validate_close_contact.label_alt_id_1 
_pdbx_validate_close_contact.auth_atom_id_2 
_pdbx_validate_close_contact.auth_asym_id_2 
_pdbx_validate_close_contact.auth_comp_id_2 
_pdbx_validate_close_contact.auth_seq_id_2 
_pdbx_validate_close_contact.PDB_ins_code_2 
_pdbx_validate_close_contact.label_alt_id_2 
_pdbx_validate_close_contact.dist 
1 1 O   A HOH 400 ? ? O A HOH 408 ? ? 2.10 
2 1 NH1 A ARG 66  ? B O A HOH 301 ? ? 2.15 
3 1 O   A HOH 350 ? ? O A HOH 352 ? ? 2.15 
# 
loop_
_pdbx_validate_symm_contact.id 
_pdbx_validate_symm_contact.PDB_model_num 
_pdbx_validate_symm_contact.auth_atom_id_1 
_pdbx_validate_symm_contact.auth_asym_id_1 
_pdbx_validate_symm_contact.auth_comp_id_1 
_pdbx_validate_symm_contact.auth_seq_id_1 
_pdbx_validate_symm_contact.PDB_ins_code_1 
_pdbx_validate_symm_contact.label_alt_id_1 
_pdbx_validate_symm_contact.site_symmetry_1 
_pdbx_validate_symm_contact.auth_atom_id_2 
_pdbx_validate_symm_contact.auth_asym_id_2 
_pdbx_validate_symm_contact.auth_comp_id_2 
_pdbx_validate_symm_contact.auth_seq_id_2 
_pdbx_validate_symm_contact.PDB_ins_code_2 
_pdbx_validate_symm_contact.label_alt_id_2 
_pdbx_validate_symm_contact.site_symmetry_2 
_pdbx_validate_symm_contact.dist 
1 1 O A HOH 392 ? ? 1_555 O A HOH 392 ? ? 10_455 2.11 
2 1 O A HOH 367 ? ? 1_555 O A HOH 392 ? ? 10_455 2.13 
# 
loop_
_pdbx_struct_special_symmetry.id 
_pdbx_struct_special_symmetry.PDB_model_num 
_pdbx_struct_special_symmetry.auth_asym_id 
_pdbx_struct_special_symmetry.auth_comp_id 
_pdbx_struct_special_symmetry.auth_seq_id 
_pdbx_struct_special_symmetry.PDB_ins_code 
_pdbx_struct_special_symmetry.label_asym_id 
_pdbx_struct_special_symmetry.label_comp_id 
_pdbx_struct_special_symmetry.label_seq_id 
1  1 A HOH 310 ? G HOH . 
2  1 A HOH 318 ? G HOH . 
3  1 A HOH 372 ? G HOH . 
4  1 A HOH 378 ? G HOH . 
5  1 A HOH 413 ? G HOH . 
6  1 A HOH 425 ? G HOH . 
7  1 A HOH 429 ? G HOH . 
8  1 A HOH 431 ? G HOH . 
9  1 A HOH 441 ? G HOH . 
10 1 A HOH 443 ? G HOH . 
# 
loop_
_chem_comp_atom.comp_id 
_chem_comp_atom.atom_id 
_chem_comp_atom.type_symbol 
_chem_comp_atom.pdbx_aromatic_flag 
_chem_comp_atom.pdbx_stereo_config 
_chem_comp_atom.pdbx_ordinal 
ALA N      N  N N 1   
ALA CA     C  N S 2   
ALA C      C  N N 3   
ALA O      O  N N 4   
ALA CB     C  N N 5   
ALA OXT    O  N N 6   
ALA H      H  N N 7   
ALA H2     H  N N 8   
ALA HA     H  N N 9   
ALA HB1    H  N N 10  
ALA HB2    H  N N 11  
ALA HB3    H  N N 12  
ALA HXT    H  N N 13  
ARG N      N  N N 14  
ARG CA     C  N S 15  
ARG C      C  N N 16  
ARG O      O  N N 17  
ARG CB     C  N N 18  
ARG CG     C  N N 19  
ARG CD     C  N N 20  
ARG NE     N  N N 21  
ARG CZ     C  N N 22  
ARG NH1    N  N N 23  
ARG NH2    N  N N 24  
ARG OXT    O  N N 25  
ARG H      H  N N 26  
ARG H2     H  N N 27  
ARG HA     H  N N 28  
ARG HB2    H  N N 29  
ARG HB3    H  N N 30  
ARG HG2    H  N N 31  
ARG HG3    H  N N 32  
ARG HD2    H  N N 33  
ARG HD3    H  N N 34  
ARG HE     H  N N 35  
ARG HH11   H  N N 36  
ARG HH12   H  N N 37  
ARG HH21   H  N N 38  
ARG HH22   H  N N 39  
ARG HXT    H  N N 40  
ASN N      N  N N 41  
ASN CA     C  N S 42  
ASN C      C  N N 43  
ASN O      O  N N 44  
ASN CB     C  N N 45  
ASN CG     C  N N 46  
ASN OD1    O  N N 47  
ASN ND2    N  N N 48  
ASN OXT    O  N N 49  
ASN H      H  N N 50  
ASN H2     H  N N 51  
ASN HA     H  N N 52  
ASN HB2    H  N N 53  
ASN HB3    H  N N 54  
ASN HD21   H  N N 55  
ASN HD22   H  N N 56  
ASN HXT    H  N N 57  
ASP N      N  N N 58  
ASP CA     C  N S 59  
ASP C      C  N N 60  
ASP O      O  N N 61  
ASP CB     C  N N 62  
ASP CG     C  N N 63  
ASP OD1    O  N N 64  
ASP OD2    O  N N 65  
ASP OXT    O  N N 66  
ASP H      H  N N 67  
ASP H2     H  N N 68  
ASP HA     H  N N 69  
ASP HB2    H  N N 70  
ASP HB3    H  N N 71  
ASP HD2    H  N N 72  
ASP HXT    H  N N 73  
CYS N      N  N N 74  
CYS CA     C  N R 75  
CYS C      C  N N 76  
CYS O      O  N N 77  
CYS CB     C  N N 78  
CYS SG     S  N N 79  
CYS OXT    O  N N 80  
CYS H      H  N N 81  
CYS H2     H  N N 82  
CYS HA     H  N N 83  
CYS HB2    H  N N 84  
CYS HB3    H  N N 85  
CYS HG     H  N N 86  
CYS HXT    H  N N 87  
DIO C1     C  N N 88  
DIO C2     C  N N 89  
DIO "C1'"  C  N N 90  
DIO "C2'"  C  N N 91  
DIO O1     O  N N 92  
DIO "O1'"  O  N N 93  
DIO H11    H  N N 94  
DIO H12    H  N N 95  
DIO H21    H  N N 96  
DIO H22    H  N N 97  
DIO "H1'1" H  N N 98  
DIO "H1'2" H  N N 99  
DIO "H2'1" H  N N 100 
DIO "H2'2" H  N N 101 
GLN N      N  N N 102 
GLN CA     C  N S 103 
GLN C      C  N N 104 
GLN O      O  N N 105 
GLN CB     C  N N 106 
GLN CG     C  N N 107 
GLN CD     C  N N 108 
GLN OE1    O  N N 109 
GLN NE2    N  N N 110 
GLN OXT    O  N N 111 
GLN H      H  N N 112 
GLN H2     H  N N 113 
GLN HA     H  N N 114 
GLN HB2    H  N N 115 
GLN HB3    H  N N 116 
GLN HG2    H  N N 117 
GLN HG3    H  N N 118 
GLN HE21   H  N N 119 
GLN HE22   H  N N 120 
GLN HXT    H  N N 121 
GLU N      N  N N 122 
GLU CA     C  N S 123 
GLU C      C  N N 124 
GLU O      O  N N 125 
GLU CB     C  N N 126 
GLU CG     C  N N 127 
GLU CD     C  N N 128 
GLU OE1    O  N N 129 
GLU OE2    O  N N 130 
GLU OXT    O  N N 131 
GLU H      H  N N 132 
GLU H2     H  N N 133 
GLU HA     H  N N 134 
GLU HB2    H  N N 135 
GLU HB3    H  N N 136 
GLU HG2    H  N N 137 
GLU HG3    H  N N 138 
GLU HE2    H  N N 139 
GLU HXT    H  N N 140 
GLY N      N  N N 141 
GLY CA     C  N N 142 
GLY C      C  N N 143 
GLY O      O  N N 144 
GLY OXT    O  N N 145 
GLY H      H  N N 146 
GLY H2     H  N N 147 
GLY HA2    H  N N 148 
GLY HA3    H  N N 149 
GLY HXT    H  N N 150 
HEM CHA    C  N N 151 
HEM CHB    C  N N 152 
HEM CHC    C  N N 153 
HEM CHD    C  N N 154 
HEM C1A    C  Y N 155 
HEM C2A    C  Y N 156 
HEM C3A    C  Y N 157 
HEM C4A    C  Y N 158 
HEM CMA    C  N N 159 
HEM CAA    C  N N 160 
HEM CBA    C  N N 161 
HEM CGA    C  N N 162 
HEM O1A    O  N N 163 
HEM O2A    O  N N 164 
HEM C1B    C  N N 165 
HEM C2B    C  N N 166 
HEM C3B    C  N N 167 
HEM C4B    C  N N 168 
HEM CMB    C  N N 169 
HEM CAB    C  N N 170 
HEM CBB    C  N N 171 
HEM C1C    C  Y N 172 
HEM C2C    C  Y N 173 
HEM C3C    C  Y N 174 
HEM C4C    C  Y N 175 
HEM CMC    C  N N 176 
HEM CAC    C  N N 177 
HEM CBC    C  N N 178 
HEM C1D    C  N N 179 
HEM C2D    C  N N 180 
HEM C3D    C  N N 181 
HEM C4D    C  N N 182 
HEM CMD    C  N N 183 
HEM CAD    C  N N 184 
HEM CBD    C  N N 185 
HEM CGD    C  N N 186 
HEM O1D    O  N N 187 
HEM O2D    O  N N 188 
HEM NA     N  Y N 189 
HEM NB     N  N N 190 
HEM NC     N  Y N 191 
HEM ND     N  N N 192 
HEM FE     FE N N 193 
HEM HHB    H  N N 194 
HEM HHC    H  N N 195 
HEM HHD    H  N N 196 
HEM HMA    H  N N 197 
HEM HMAA   H  N N 198 
HEM HMAB   H  N N 199 
HEM HAA    H  N N 200 
HEM HAAA   H  N N 201 
HEM HBA    H  N N 202 
HEM HBAA   H  N N 203 
HEM HMB    H  N N 204 
HEM HMBA   H  N N 205 
HEM HMBB   H  N N 206 
HEM HAB    H  N N 207 
HEM HBB    H  N N 208 
HEM HBBA   H  N N 209 
HEM HMC    H  N N 210 
HEM HMCA   H  N N 211 
HEM HMCB   H  N N 212 
HEM HAC    H  N N 213 
HEM HBC    H  N N 214 
HEM HBCA   H  N N 215 
HEM HMD    H  N N 216 
HEM HMDA   H  N N 217 
HEM HMDB   H  N N 218 
HEM HAD    H  N N 219 
HEM HADA   H  N N 220 
HEM HBD    H  N N 221 
HEM HBDA   H  N N 222 
HEM H2A    H  N N 223 
HEM H2D    H  N N 224 
HEM HHA    H  N N 225 
HIS N      N  N N 226 
HIS CA     C  N S 227 
HIS C      C  N N 228 
HIS O      O  N N 229 
HIS CB     C  N N 230 
HIS CG     C  Y N 231 
HIS ND1    N  Y N 232 
HIS CD2    C  Y N 233 
HIS CE1    C  Y N 234 
HIS NE2    N  Y N 235 
HIS OXT    O  N N 236 
HIS H      H  N N 237 
HIS H2     H  N N 238 
HIS HA     H  N N 239 
HIS HB2    H  N N 240 
HIS HB3    H  N N 241 
HIS HD1    H  N N 242 
HIS HD2    H  N N 243 
HIS HE1    H  N N 244 
HIS HE2    H  N N 245 
HIS HXT    H  N N 246 
HOH O      O  N N 247 
HOH H1     H  N N 248 
HOH H2     H  N N 249 
ILE N      N  N N 250 
ILE CA     C  N S 251 
ILE C      C  N N 252 
ILE O      O  N N 253 
ILE CB     C  N S 254 
ILE CG1    C  N N 255 
ILE CG2    C  N N 256 
ILE CD1    C  N N 257 
ILE OXT    O  N N 258 
ILE H      H  N N 259 
ILE H2     H  N N 260 
ILE HA     H  N N 261 
ILE HB     H  N N 262 
ILE HG12   H  N N 263 
ILE HG13   H  N N 264 
ILE HG21   H  N N 265 
ILE HG22   H  N N 266 
ILE HG23   H  N N 267 
ILE HD11   H  N N 268 
ILE HD12   H  N N 269 
ILE HD13   H  N N 270 
ILE HXT    H  N N 271 
LEU N      N  N N 272 
LEU CA     C  N S 273 
LEU C      C  N N 274 
LEU O      O  N N 275 
LEU CB     C  N N 276 
LEU CG     C  N N 277 
LEU CD1    C  N N 278 
LEU CD2    C  N N 279 
LEU OXT    O  N N 280 
LEU H      H  N N 281 
LEU H2     H  N N 282 
LEU HA     H  N N 283 
LEU HB2    H  N N 284 
LEU HB3    H  N N 285 
LEU HG     H  N N 286 
LEU HD11   H  N N 287 
LEU HD12   H  N N 288 
LEU HD13   H  N N 289 
LEU HD21   H  N N 290 
LEU HD22   H  N N 291 
LEU HD23   H  N N 292 
LEU HXT    H  N N 293 
LYS N      N  N N 294 
LYS CA     C  N S 295 
LYS C      C  N N 296 
LYS O      O  N N 297 
LYS CB     C  N N 298 
LYS CG     C  N N 299 
LYS CD     C  N N 300 
LYS CE     C  N N 301 
LYS NZ     N  N N 302 
LYS OXT    O  N N 303 
LYS H      H  N N 304 
LYS H2     H  N N 305 
LYS HA     H  N N 306 
LYS HB2    H  N N 307 
LYS HB3    H  N N 308 
LYS HG2    H  N N 309 
LYS HG3    H  N N 310 
LYS HD2    H  N N 311 
LYS HD3    H  N N 312 
LYS HE2    H  N N 313 
LYS HE3    H  N N 314 
LYS HZ1    H  N N 315 
LYS HZ2    H  N N 316 
LYS HZ3    H  N N 317 
LYS HXT    H  N N 318 
MET N      N  N N 319 
MET CA     C  N S 320 
MET C      C  N N 321 
MET O      O  N N 322 
MET CB     C  N N 323 
MET CG     C  N N 324 
MET SD     S  N N 325 
MET CE     C  N N 326 
MET OXT    O  N N 327 
MET H      H  N N 328 
MET H2     H  N N 329 
MET HA     H  N N 330 
MET HB2    H  N N 331 
MET HB3    H  N N 332 
MET HG2    H  N N 333 
MET HG3    H  N N 334 
MET HE1    H  N N 335 
MET HE2    H  N N 336 
MET HE3    H  N N 337 
MET HXT    H  N N 338 
OXY O1     O  N N 339 
OXY O2     O  N N 340 
PHE N      N  N N 341 
PHE CA     C  N S 342 
PHE C      C  N N 343 
PHE O      O  N N 344 
PHE CB     C  N N 345 
PHE CG     C  Y N 346 
PHE CD1    C  Y N 347 
PHE CD2    C  Y N 348 
PHE CE1    C  Y N 349 
PHE CE2    C  Y N 350 
PHE CZ     C  Y N 351 
PHE OXT    O  N N 352 
PHE H      H  N N 353 
PHE H2     H  N N 354 
PHE HA     H  N N 355 
PHE HB2    H  N N 356 
PHE HB3    H  N N 357 
PHE HD1    H  N N 358 
PHE HD2    H  N N 359 
PHE HE1    H  N N 360 
PHE HE2    H  N N 361 
PHE HZ     H  N N 362 
PHE HXT    H  N N 363 
PRO N      N  N N 364 
PRO CA     C  N S 365 
PRO C      C  N N 366 
PRO O      O  N N 367 
PRO CB     C  N N 368 
PRO CG     C  N N 369 
PRO CD     C  N N 370 
PRO OXT    O  N N 371 
PRO H      H  N N 372 
PRO HA     H  N N 373 
PRO HB2    H  N N 374 
PRO HB3    H  N N 375 
PRO HG2    H  N N 376 
PRO HG3    H  N N 377 
PRO HD2    H  N N 378 
PRO HD3    H  N N 379 
PRO HXT    H  N N 380 
SER N      N  N N 381 
SER CA     C  N S 382 
SER C      C  N N 383 
SER O      O  N N 384 
SER CB     C  N N 385 
SER OG     O  N N 386 
SER OXT    O  N N 387 
SER H      H  N N 388 
SER H2     H  N N 389 
SER HA     H  N N 390 
SER HB2    H  N N 391 
SER HB3    H  N N 392 
SER HG     H  N N 393 
SER HXT    H  N N 394 
SO4 S      S  N N 395 
SO4 O1     O  N N 396 
SO4 O2     O  N N 397 
SO4 O3     O  N N 398 
SO4 O4     O  N N 399 
THR N      N  N N 400 
THR CA     C  N S 401 
THR C      C  N N 402 
THR O      O  N N 403 
THR CB     C  N R 404 
THR OG1    O  N N 405 
THR CG2    C  N N 406 
THR OXT    O  N N 407 
THR H      H  N N 408 
THR H2     H  N N 409 
THR HA     H  N N 410 
THR HB     H  N N 411 
THR HG1    H  N N 412 
THR HG21   H  N N 413 
THR HG22   H  N N 414 
THR HG23   H  N N 415 
THR HXT    H  N N 416 
TRP N      N  N N 417 
TRP CA     C  N S 418 
TRP C      C  N N 419 
TRP O      O  N N 420 
TRP CB     C  N N 421 
TRP CG     C  Y N 422 
TRP CD1    C  Y N 423 
TRP CD2    C  Y N 424 
TRP NE1    N  Y N 425 
TRP CE2    C  Y N 426 
TRP CE3    C  Y N 427 
TRP CZ2    C  Y N 428 
TRP CZ3    C  Y N 429 
TRP CH2    C  Y N 430 
TRP OXT    O  N N 431 
TRP H      H  N N 432 
TRP H2     H  N N 433 
TRP HA     H  N N 434 
TRP HB2    H  N N 435 
TRP HB3    H  N N 436 
TRP HD1    H  N N 437 
TRP HE1    H  N N 438 
TRP HE3    H  N N 439 
TRP HZ2    H  N N 440 
TRP HZ3    H  N N 441 
TRP HH2    H  N N 442 
TRP HXT    H  N N 443 
TYR N      N  N N 444 
TYR CA     C  N S 445 
TYR C      C  N N 446 
TYR O      O  N N 447 
TYR CB     C  N N 448 
TYR CG     C  Y N 449 
TYR CD1    C  Y N 450 
TYR CD2    C  Y N 451 
TYR CE1    C  Y N 452 
TYR CE2    C  Y N 453 
TYR CZ     C  Y N 454 
TYR OH     O  N N 455 
TYR OXT    O  N N 456 
TYR H      H  N N 457 
TYR H2     H  N N 458 
TYR HA     H  N N 459 
TYR HB2    H  N N 460 
TYR HB3    H  N N 461 
TYR HD1    H  N N 462 
TYR HD2    H  N N 463 
TYR HE1    H  N N 464 
TYR HE2    H  N N 465 
TYR HH     H  N N 466 
TYR HXT    H  N N 467 
VAL N      N  N N 468 
VAL CA     C  N S 469 
VAL C      C  N N 470 
VAL O      O  N N 471 
VAL CB     C  N N 472 
VAL CG1    C  N N 473 
VAL CG2    C  N N 474 
VAL OXT    O  N N 475 
VAL H      H  N N 476 
VAL H2     H  N N 477 
VAL HA     H  N N 478 
VAL HB     H  N N 479 
VAL HG11   H  N N 480 
VAL HG12   H  N N 481 
VAL HG13   H  N N 482 
VAL HG21   H  N N 483 
VAL HG22   H  N N 484 
VAL HG23   H  N N 485 
VAL HXT    H  N N 486 
# 
loop_
_chem_comp_bond.comp_id 
_chem_comp_bond.atom_id_1 
_chem_comp_bond.atom_id_2 
_chem_comp_bond.value_order 
_chem_comp_bond.pdbx_aromatic_flag 
_chem_comp_bond.pdbx_stereo_config 
_chem_comp_bond.pdbx_ordinal 
ALA N     CA     sing N N 1   
ALA N     H      sing N N 2   
ALA N     H2     sing N N 3   
ALA CA    C      sing N N 4   
ALA CA    CB     sing N N 5   
ALA CA    HA     sing N N 6   
ALA C     O      doub N N 7   
ALA C     OXT    sing N N 8   
ALA CB    HB1    sing N N 9   
ALA CB    HB2    sing N N 10  
ALA CB    HB3    sing N N 11  
ALA OXT   HXT    sing N N 12  
ARG N     CA     sing N N 13  
ARG N     H      sing N N 14  
ARG N     H2     sing N N 15  
ARG CA    C      sing N N 16  
ARG CA    CB     sing N N 17  
ARG CA    HA     sing N N 18  
ARG C     O      doub N N 19  
ARG C     OXT    sing N N 20  
ARG CB    CG     sing N N 21  
ARG CB    HB2    sing N N 22  
ARG CB    HB3    sing N N 23  
ARG CG    CD     sing N N 24  
ARG CG    HG2    sing N N 25  
ARG CG    HG3    sing N N 26  
ARG CD    NE     sing N N 27  
ARG CD    HD2    sing N N 28  
ARG CD    HD3    sing N N 29  
ARG NE    CZ     sing N N 30  
ARG NE    HE     sing N N 31  
ARG CZ    NH1    sing N N 32  
ARG CZ    NH2    doub N N 33  
ARG NH1   HH11   sing N N 34  
ARG NH1   HH12   sing N N 35  
ARG NH2   HH21   sing N N 36  
ARG NH2   HH22   sing N N 37  
ARG OXT   HXT    sing N N 38  
ASN N     CA     sing N N 39  
ASN N     H      sing N N 40  
ASN N     H2     sing N N 41  
ASN CA    C      sing N N 42  
ASN CA    CB     sing N N 43  
ASN CA    HA     sing N N 44  
ASN C     O      doub N N 45  
ASN C     OXT    sing N N 46  
ASN CB    CG     sing N N 47  
ASN CB    HB2    sing N N 48  
ASN CB    HB3    sing N N 49  
ASN CG    OD1    doub N N 50  
ASN CG    ND2    sing N N 51  
ASN ND2   HD21   sing N N 52  
ASN ND2   HD22   sing N N 53  
ASN OXT   HXT    sing N N 54  
ASP N     CA     sing N N 55  
ASP N     H      sing N N 56  
ASP N     H2     sing N N 57  
ASP CA    C      sing N N 58  
ASP CA    CB     sing N N 59  
ASP CA    HA     sing N N 60  
ASP C     O      doub N N 61  
ASP C     OXT    sing N N 62  
ASP CB    CG     sing N N 63  
ASP CB    HB2    sing N N 64  
ASP CB    HB3    sing N N 65  
ASP CG    OD1    doub N N 66  
ASP CG    OD2    sing N N 67  
ASP OD2   HD2    sing N N 68  
ASP OXT   HXT    sing N N 69  
CYS N     CA     sing N N 70  
CYS N     H      sing N N 71  
CYS N     H2     sing N N 72  
CYS CA    C      sing N N 73  
CYS CA    CB     sing N N 74  
CYS CA    HA     sing N N 75  
CYS C     O      doub N N 76  
CYS C     OXT    sing N N 77  
CYS CB    SG     sing N N 78  
CYS CB    HB2    sing N N 79  
CYS CB    HB3    sing N N 80  
CYS SG    HG     sing N N 81  
CYS OXT   HXT    sing N N 82  
DIO C1    "C1'"  sing N N 83  
DIO C1    O1     sing N N 84  
DIO C1    H11    sing N N 85  
DIO C1    H12    sing N N 86  
DIO C2    "C2'"  sing N N 87  
DIO C2    O1     sing N N 88  
DIO C2    H21    sing N N 89  
DIO C2    H22    sing N N 90  
DIO "C1'" "O1'"  sing N N 91  
DIO "C1'" "H1'1" sing N N 92  
DIO "C1'" "H1'2" sing N N 93  
DIO "C2'" "O1'"  sing N N 94  
DIO "C2'" "H2'1" sing N N 95  
DIO "C2'" "H2'2" sing N N 96  
GLN N     CA     sing N N 97  
GLN N     H      sing N N 98  
GLN N     H2     sing N N 99  
GLN CA    C      sing N N 100 
GLN CA    CB     sing N N 101 
GLN CA    HA     sing N N 102 
GLN C     O      doub N N 103 
GLN C     OXT    sing N N 104 
GLN CB    CG     sing N N 105 
GLN CB    HB2    sing N N 106 
GLN CB    HB3    sing N N 107 
GLN CG    CD     sing N N 108 
GLN CG    HG2    sing N N 109 
GLN CG    HG3    sing N N 110 
GLN CD    OE1    doub N N 111 
GLN CD    NE2    sing N N 112 
GLN NE2   HE21   sing N N 113 
GLN NE2   HE22   sing N N 114 
GLN OXT   HXT    sing N N 115 
GLU N     CA     sing N N 116 
GLU N     H      sing N N 117 
GLU N     H2     sing N N 118 
GLU CA    C      sing N N 119 
GLU CA    CB     sing N N 120 
GLU CA    HA     sing N N 121 
GLU C     O      doub N N 122 
GLU C     OXT    sing N N 123 
GLU CB    CG     sing N N 124 
GLU CB    HB2    sing N N 125 
GLU CB    HB3    sing N N 126 
GLU CG    CD     sing N N 127 
GLU CG    HG2    sing N N 128 
GLU CG    HG3    sing N N 129 
GLU CD    OE1    doub N N 130 
GLU CD    OE2    sing N N 131 
GLU OE2   HE2    sing N N 132 
GLU OXT   HXT    sing N N 133 
GLY N     CA     sing N N 134 
GLY N     H      sing N N 135 
GLY N     H2     sing N N 136 
GLY CA    C      sing N N 137 
GLY CA    HA2    sing N N 138 
GLY CA    HA3    sing N N 139 
GLY C     O      doub N N 140 
GLY C     OXT    sing N N 141 
GLY OXT   HXT    sing N N 142 
HEM CHA   C1A    sing N N 143 
HEM CHA   C4D    doub N N 144 
HEM CHA   HHA    sing N N 145 
HEM CHB   C4A    sing N N 146 
HEM CHB   C1B    doub N N 147 
HEM CHB   HHB    sing N N 148 
HEM CHC   C4B    sing N N 149 
HEM CHC   C1C    doub N N 150 
HEM CHC   HHC    sing N N 151 
HEM CHD   C4C    doub N N 152 
HEM CHD   C1D    sing N N 153 
HEM CHD   HHD    sing N N 154 
HEM C1A   C2A    doub Y N 155 
HEM C1A   NA     sing Y N 156 
HEM C2A   C3A    sing Y N 157 
HEM C2A   CAA    sing N N 158 
HEM C3A   C4A    doub Y N 159 
HEM C3A   CMA    sing N N 160 
HEM C4A   NA     sing Y N 161 
HEM CMA   HMA    sing N N 162 
HEM CMA   HMAA   sing N N 163 
HEM CMA   HMAB   sing N N 164 
HEM CAA   CBA    sing N N 165 
HEM CAA   HAA    sing N N 166 
HEM CAA   HAAA   sing N N 167 
HEM CBA   CGA    sing N N 168 
HEM CBA   HBA    sing N N 169 
HEM CBA   HBAA   sing N N 170 
HEM CGA   O1A    doub N N 171 
HEM CGA   O2A    sing N N 172 
HEM C1B   C2B    sing N N 173 
HEM C1B   NB     sing N N 174 
HEM C2B   C3B    doub N N 175 
HEM C2B   CMB    sing N N 176 
HEM C3B   C4B    sing N N 177 
HEM C3B   CAB    sing N N 178 
HEM C4B   NB     doub N N 179 
HEM CMB   HMB    sing N N 180 
HEM CMB   HMBA   sing N N 181 
HEM CMB   HMBB   sing N N 182 
HEM CAB   CBB    doub N N 183 
HEM CAB   HAB    sing N N 184 
HEM CBB   HBB    sing N N 185 
HEM CBB   HBBA   sing N N 186 
HEM C1C   C2C    sing Y N 187 
HEM C1C   NC     sing Y N 188 
HEM C2C   C3C    doub Y N 189 
HEM C2C   CMC    sing N N 190 
HEM C3C   C4C    sing Y N 191 
HEM C3C   CAC    sing N N 192 
HEM C4C   NC     sing Y N 193 
HEM CMC   HMC    sing N N 194 
HEM CMC   HMCA   sing N N 195 
HEM CMC   HMCB   sing N N 196 
HEM CAC   CBC    doub N N 197 
HEM CAC   HAC    sing N N 198 
HEM CBC   HBC    sing N N 199 
HEM CBC   HBCA   sing N N 200 
HEM C1D   C2D    sing N N 201 
HEM C1D   ND     doub N N 202 
HEM C2D   C3D    doub N N 203 
HEM C2D   CMD    sing N N 204 
HEM C3D   C4D    sing N N 205 
HEM C3D   CAD    sing N N 206 
HEM C4D   ND     sing N N 207 
HEM CMD   HMD    sing N N 208 
HEM CMD   HMDA   sing N N 209 
HEM CMD   HMDB   sing N N 210 
HEM CAD   CBD    sing N N 211 
HEM CAD   HAD    sing N N 212 
HEM CAD   HADA   sing N N 213 
HEM CBD   CGD    sing N N 214 
HEM CBD   HBD    sing N N 215 
HEM CBD   HBDA   sing N N 216 
HEM CGD   O1D    doub N N 217 
HEM CGD   O2D    sing N N 218 
HEM O2A   H2A    sing N N 219 
HEM O2D   H2D    sing N N 220 
HEM FE    NA     sing N N 221 
HEM FE    NB     sing N N 222 
HEM FE    NC     sing N N 223 
HEM FE    ND     sing N N 224 
HIS N     CA     sing N N 225 
HIS N     H      sing N N 226 
HIS N     H2     sing N N 227 
HIS CA    C      sing N N 228 
HIS CA    CB     sing N N 229 
HIS CA    HA     sing N N 230 
HIS C     O      doub N N 231 
HIS C     OXT    sing N N 232 
HIS CB    CG     sing N N 233 
HIS CB    HB2    sing N N 234 
HIS CB    HB3    sing N N 235 
HIS CG    ND1    sing Y N 236 
HIS CG    CD2    doub Y N 237 
HIS ND1   CE1    doub Y N 238 
HIS ND1   HD1    sing N N 239 
HIS CD2   NE2    sing Y N 240 
HIS CD2   HD2    sing N N 241 
HIS CE1   NE2    sing Y N 242 
HIS CE1   HE1    sing N N 243 
HIS NE2   HE2    sing N N 244 
HIS OXT   HXT    sing N N 245 
HOH O     H1     sing N N 246 
HOH O     H2     sing N N 247 
ILE N     CA     sing N N 248 
ILE N     H      sing N N 249 
ILE N     H2     sing N N 250 
ILE CA    C      sing N N 251 
ILE CA    CB     sing N N 252 
ILE CA    HA     sing N N 253 
ILE C     O      doub N N 254 
ILE C     OXT    sing N N 255 
ILE CB    CG1    sing N N 256 
ILE CB    CG2    sing N N 257 
ILE CB    HB     sing N N 258 
ILE CG1   CD1    sing N N 259 
ILE CG1   HG12   sing N N 260 
ILE CG1   HG13   sing N N 261 
ILE CG2   HG21   sing N N 262 
ILE CG2   HG22   sing N N 263 
ILE CG2   HG23   sing N N 264 
ILE CD1   HD11   sing N N 265 
ILE CD1   HD12   sing N N 266 
ILE CD1   HD13   sing N N 267 
ILE OXT   HXT    sing N N 268 
LEU N     CA     sing N N 269 
LEU N     H      sing N N 270 
LEU N     H2     sing N N 271 
LEU CA    C      sing N N 272 
LEU CA    CB     sing N N 273 
LEU CA    HA     sing N N 274 
LEU C     O      doub N N 275 
LEU C     OXT    sing N N 276 
LEU CB    CG     sing N N 277 
LEU CB    HB2    sing N N 278 
LEU CB    HB3    sing N N 279 
LEU CG    CD1    sing N N 280 
LEU CG    CD2    sing N N 281 
LEU CG    HG     sing N N 282 
LEU CD1   HD11   sing N N 283 
LEU CD1   HD12   sing N N 284 
LEU CD1   HD13   sing N N 285 
LEU CD2   HD21   sing N N 286 
LEU CD2   HD22   sing N N 287 
LEU CD2   HD23   sing N N 288 
LEU OXT   HXT    sing N N 289 
LYS N     CA     sing N N 290 
LYS N     H      sing N N 291 
LYS N     H2     sing N N 292 
LYS CA    C      sing N N 293 
LYS CA    CB     sing N N 294 
LYS CA    HA     sing N N 295 
LYS C     O      doub N N 296 
LYS C     OXT    sing N N 297 
LYS CB    CG     sing N N 298 
LYS CB    HB2    sing N N 299 
LYS CB    HB3    sing N N 300 
LYS CG    CD     sing N N 301 
LYS CG    HG2    sing N N 302 
LYS CG    HG3    sing N N 303 
LYS CD    CE     sing N N 304 
LYS CD    HD2    sing N N 305 
LYS CD    HD3    sing N N 306 
LYS CE    NZ     sing N N 307 
LYS CE    HE2    sing N N 308 
LYS CE    HE3    sing N N 309 
LYS NZ    HZ1    sing N N 310 
LYS NZ    HZ2    sing N N 311 
LYS NZ    HZ3    sing N N 312 
LYS OXT   HXT    sing N N 313 
MET N     CA     sing N N 314 
MET N     H      sing N N 315 
MET N     H2     sing N N 316 
MET CA    C      sing N N 317 
MET CA    CB     sing N N 318 
MET CA    HA     sing N N 319 
MET C     O      doub N N 320 
MET C     OXT    sing N N 321 
MET CB    CG     sing N N 322 
MET CB    HB2    sing N N 323 
MET CB    HB3    sing N N 324 
MET CG    SD     sing N N 325 
MET CG    HG2    sing N N 326 
MET CG    HG3    sing N N 327 
MET SD    CE     sing N N 328 
MET CE    HE1    sing N N 329 
MET CE    HE2    sing N N 330 
MET CE    HE3    sing N N 331 
MET OXT   HXT    sing N N 332 
OXY O1    O2     doub N N 333 
PHE N     CA     sing N N 334 
PHE N     H      sing N N 335 
PHE N     H2     sing N N 336 
PHE CA    C      sing N N 337 
PHE CA    CB     sing N N 338 
PHE CA    HA     sing N N 339 
PHE C     O      doub N N 340 
PHE C     OXT    sing N N 341 
PHE CB    CG     sing N N 342 
PHE CB    HB2    sing N N 343 
PHE CB    HB3    sing N N 344 
PHE CG    CD1    doub Y N 345 
PHE CG    CD2    sing Y N 346 
PHE CD1   CE1    sing Y N 347 
PHE CD1   HD1    sing N N 348 
PHE CD2   CE2    doub Y N 349 
PHE CD2   HD2    sing N N 350 
PHE CE1   CZ     doub Y N 351 
PHE CE1   HE1    sing N N 352 
PHE CE2   CZ     sing Y N 353 
PHE CE2   HE2    sing N N 354 
PHE CZ    HZ     sing N N 355 
PHE OXT   HXT    sing N N 356 
PRO N     CA     sing N N 357 
PRO N     CD     sing N N 358 
PRO N     H      sing N N 359 
PRO CA    C      sing N N 360 
PRO CA    CB     sing N N 361 
PRO CA    HA     sing N N 362 
PRO C     O      doub N N 363 
PRO C     OXT    sing N N 364 
PRO CB    CG     sing N N 365 
PRO CB    HB2    sing N N 366 
PRO CB    HB3    sing N N 367 
PRO CG    CD     sing N N 368 
PRO CG    HG2    sing N N 369 
PRO CG    HG3    sing N N 370 
PRO CD    HD2    sing N N 371 
PRO CD    HD3    sing N N 372 
PRO OXT   HXT    sing N N 373 
SER N     CA     sing N N 374 
SER N     H      sing N N 375 
SER N     H2     sing N N 376 
SER CA    C      sing N N 377 
SER CA    CB     sing N N 378 
SER CA    HA     sing N N 379 
SER C     O      doub N N 380 
SER C     OXT    sing N N 381 
SER CB    OG     sing N N 382 
SER CB    HB2    sing N N 383 
SER CB    HB3    sing N N 384 
SER OG    HG     sing N N 385 
SER OXT   HXT    sing N N 386 
SO4 S     O1     doub N N 387 
SO4 S     O2     doub N N 388 
SO4 S     O3     sing N N 389 
SO4 S     O4     sing N N 390 
THR N     CA     sing N N 391 
THR N     H      sing N N 392 
THR N     H2     sing N N 393 
THR CA    C      sing N N 394 
THR CA    CB     sing N N 395 
THR CA    HA     sing N N 396 
THR C     O      doub N N 397 
THR C     OXT    sing N N 398 
THR CB    OG1    sing N N 399 
THR CB    CG2    sing N N 400 
THR CB    HB     sing N N 401 
THR OG1   HG1    sing N N 402 
THR CG2   HG21   sing N N 403 
THR CG2   HG22   sing N N 404 
THR CG2   HG23   sing N N 405 
THR OXT   HXT    sing N N 406 
TRP N     CA     sing N N 407 
TRP N     H      sing N N 408 
TRP N     H2     sing N N 409 
TRP CA    C      sing N N 410 
TRP CA    CB     sing N N 411 
TRP CA    HA     sing N N 412 
TRP C     O      doub N N 413 
TRP C     OXT    sing N N 414 
TRP CB    CG     sing N N 415 
TRP CB    HB2    sing N N 416 
TRP CB    HB3    sing N N 417 
TRP CG    CD1    doub Y N 418 
TRP CG    CD2    sing Y N 419 
TRP CD1   NE1    sing Y N 420 
TRP CD1   HD1    sing N N 421 
TRP CD2   CE2    doub Y N 422 
TRP CD2   CE3    sing Y N 423 
TRP NE1   CE2    sing Y N 424 
TRP NE1   HE1    sing N N 425 
TRP CE2   CZ2    sing Y N 426 
TRP CE3   CZ3    doub Y N 427 
TRP CE3   HE3    sing N N 428 
TRP CZ2   CH2    doub Y N 429 
TRP CZ2   HZ2    sing N N 430 
TRP CZ3   CH2    sing Y N 431 
TRP CZ3   HZ3    sing N N 432 
TRP CH2   HH2    sing N N 433 
TRP OXT   HXT    sing N N 434 
TYR N     CA     sing N N 435 
TYR N     H      sing N N 436 
TYR N     H2     sing N N 437 
TYR CA    C      sing N N 438 
TYR CA    CB     sing N N 439 
TYR CA    HA     sing N N 440 
TYR C     O      doub N N 441 
TYR C     OXT    sing N N 442 
TYR CB    CG     sing N N 443 
TYR CB    HB2    sing N N 444 
TYR CB    HB3    sing N N 445 
TYR CG    CD1    doub Y N 446 
TYR CG    CD2    sing Y N 447 
TYR CD1   CE1    sing Y N 448 
TYR CD1   HD1    sing N N 449 
TYR CD2   CE2    doub Y N 450 
TYR CD2   HD2    sing N N 451 
TYR CE1   CZ     doub Y N 452 
TYR CE1   HE1    sing N N 453 
TYR CE2   CZ     sing Y N 454 
TYR CE2   HE2    sing N N 455 
TYR CZ    OH     sing N N 456 
TYR OH    HH     sing N N 457 
TYR OXT   HXT    sing N N 458 
VAL N     CA     sing N N 459 
VAL N     H      sing N N 460 
VAL N     H2     sing N N 461 
VAL CA    C      sing N N 462 
VAL CA    CB     sing N N 463 
VAL CA    HA     sing N N 464 
VAL C     O      doub N N 465 
VAL C     OXT    sing N N 466 
VAL CB    CG1    sing N N 467 
VAL CB    CG2    sing N N 468 
VAL CB    HB     sing N N 469 
VAL CG1   HG11   sing N N 470 
VAL CG1   HG12   sing N N 471 
VAL CG1   HG13   sing N N 472 
VAL CG2   HG21   sing N N 473 
VAL CG2   HG22   sing N N 474 
VAL CG2   HG23   sing N N 475 
VAL OXT   HXT    sing N N 476 
# 
_pdbx_initial_refinement_model.id               1 
_pdbx_initial_refinement_model.entity_id_list   ? 
_pdbx_initial_refinement_model.type             'experimental model' 
_pdbx_initial_refinement_model.source_name      PDB 
_pdbx_initial_refinement_model.accession_code   4O4T 
_pdbx_initial_refinement_model.details          ? 
# 
_atom_sites.entry_id                    5MJC 
_atom_sites.fract_transf_matrix[1][1]   0.00855705 
_atom_sites.fract_transf_matrix[1][2]   0.00672232 
_atom_sites.fract_transf_matrix[1][3]   -0.00750574 
_atom_sites.fract_transf_matrix[2][1]   0.01275184 
_atom_sites.fract_transf_matrix[2][2]   -0.00347641 
_atom_sites.fract_transf_matrix[2][3]   -0.00021703 
_atom_sites.fract_transf_matrix[3][1]   -0.00161618 
_atom_sites.fract_transf_matrix[3][2]   -0.00550547 
_atom_sites.fract_transf_matrix[3][3]   -0.00677339 
_atom_sites.fract_transf_vector[1]      0.512506 
_atom_sites.fract_transf_vector[2]      0.621332 
_atom_sites.fract_transf_vector[3]      0.301456 
# 
loop_
_atom_type.symbol 
C  
FE 
N  
O  
S  
# 
loop_
_atom_site.group_PDB 
_atom_site.id 
_atom_site.type_symbol 
_atom_site.label_atom_id 
_atom_site.label_alt_id 
_atom_site.label_comp_id 
_atom_site.label_asym_id 
_atom_site.label_entity_id 
_atom_site.label_seq_id 
_atom_site.pdbx_PDB_ins_code 
_atom_site.Cartn_x 
_atom_site.Cartn_y 
_atom_site.Cartn_z 
_atom_site.occupancy 
_atom_site.B_iso_or_equiv 
_atom_site.pdbx_formal_charge 
_atom_site.auth_seq_id 
_atom_site.auth_comp_id 
_atom_site.auth_asym_id 
_atom_site.auth_atom_id 
_atom_site.pdbx_PDB_model_num 
ATOM   1    N  N     . ARG A 1 1   ? -16.814 5.985   -14.233 1.00 81.28 ? 3   ARG A N     1 
ATOM   2    C  CA    . ARG A 1 1   ? -17.120 5.453   -12.869 1.00 77.10 ? 3   ARG A CA    1 
ATOM   3    C  C     . ARG A 1 1   ? -17.376 6.586   -11.871 1.00 73.65 ? 3   ARG A C     1 
ATOM   4    O  O     . ARG A 1 1   ? -16.734 7.629   -11.948 1.00 83.73 ? 3   ARG A O     1 
ATOM   5    C  CB    . ARG A 1 1   ? -15.979 4.560   -12.375 1.00 69.94 ? 3   ARG A CB    1 
ATOM   6    C  CG    . ARG A 1 1   ? -15.859 3.231   -13.108 1.00 62.61 ? 3   ARG A CG    1 
ATOM   7    C  CD    . ARG A 1 1   ? -14.721 2.392   -12.547 1.00 61.94 ? 3   ARG A CD    1 
ATOM   8    N  NE    . ARG A 1 1   ? -14.443 1.196   -13.350 1.00 73.32 ? 3   ARG A NE    1 
ATOM   9    C  CZ    . ARG A 1 1   ? -13.547 0.258   -13.040 1.00 79.99 ? 3   ARG A CZ    1 
ATOM   10   N  NH1   . ARG A 1 1   ? -12.816 0.365   -11.934 1.00 84.66 ? 3   ARG A NH1   1 
ATOM   11   N  NH2   . ARG A 1 1   ? -13.381 -0.803  -13.834 1.00 70.30 ? 3   ARG A NH2   1 
ATOM   12   N  N     . PRO A 1 2   ? -18.332 6.396   -10.942 1.00 79.38 ? 4   PRO A N     1 
ATOM   13   C  CA    . PRO A 1 2   ? -18.444 7.319   -9.794  1.00 71.67 ? 4   PRO A CA    1 
ATOM   14   C  C     . PRO A 1 2   ? -17.337 7.060   -8.756  1.00 65.33 ? 4   PRO A C     1 
ATOM   15   O  O     . PRO A 1 2   ? -16.925 7.981   -8.039  1.00 54.68 ? 4   PRO A O     1 
ATOM   16   C  CB    . PRO A 1 2   ? -19.819 6.978   -9.203  1.00 69.66 ? 4   PRO A CB    1 
ATOM   17   C  CG    . PRO A 1 2   ? -20.042 5.547   -9.583  1.00 70.51 ? 4   PRO A CG    1 
ATOM   18   C  CD    . PRO A 1 2   ? -19.386 5.359   -10.930 1.00 72.74 ? 4   PRO A CD    1 
ATOM   19   N  N     . GLU A 1 3   ? -16.876 5.806   -8.700  1.00 53.93 ? 5   GLU A N     1 
ATOM   20   C  CA    . GLU A 1 3   ? -15.844 5.366   -7.757  1.00 53.58 ? 5   GLU A CA    1 
ATOM   21   C  C     . GLU A 1 3   ? -14.521 6.020   -8.096  1.00 47.26 ? 5   GLU A C     1 
ATOM   22   O  O     . GLU A 1 3   ? -13.730 6.358   -7.210  1.00 39.34 ? 5   GLU A O     1 
ATOM   23   C  CB    . GLU A 1 3   ? -15.703 3.837   -7.788  1.00 50.86 ? 5   GLU A CB    1 
ATOM   24   C  CG    . GLU A 1 3   ? -16.746 3.116   -6.948  1.00 54.65 ? 5   GLU A CG    1 
ATOM   25   C  CD    . GLU A 1 3   ? -16.503 1.623   -6.824  1.00 64.30 ? 5   GLU A CD    1 
ATOM   26   O  OE1   . GLU A 1 3   ? -15.808 1.053   -7.711  1.00 68.68 ? 5   GLU A OE1   1 
ATOM   27   O  OE2   . GLU A 1 3   ? -17.039 1.020   -5.849  1.00 55.29 ? 5   GLU A OE2   1 
ATOM   28   N  N     . SER A 1 4   ? -14.281 6.195   -9.390  1.00 49.02 ? 6   SER A N     1 
ATOM   29   C  CA    . SER A 1 4   ? -13.026 6.739   -9.866  1.00 44.18 ? 6   SER A CA    1 
ATOM   30   C  C     . SER A 1 4   ? -12.769 8.131   -9.328  1.00 49.92 ? 6   SER A C     1 
ATOM   31   O  O     . SER A 1 4   ? -11.681 8.428   -8.832  1.00 35.77 ? 6   SER A O     1 
ATOM   32   C  CB    . SER A 1 4   ? -12.950 6.688   -11.378 1.00 46.10 ? 6   SER A CB    1 
ATOM   33   O  OG    . SER A 1 4   ? -12.518 5.380   -11.738 1.00 47.69 ? 6   SER A OG    1 
ATOM   34   N  N     . GLU A 1 5   ? -13.825 8.917   -9.262  1.00 35.45 ? 7   GLU A N     1 
ATOM   35   C  CA    . GLU A 1 5   ? -13.761 10.210  -8.645  1.00 43.46 ? 7   GLU A CA    1 
ATOM   36   C  C     . GLU A 1 5   ? -13.619 10.168  -7.122  1.00 34.82 ? 7   GLU A C     1 
ATOM   37   O  O     . GLU A 1 5   ? -13.040 11.088  -6.540  1.00 41.67 ? 7   GLU A O     1 
ATOM   38   C  CB    . GLU A 1 5   ? -14.980 11.036  -9.072  1.00 52.90 ? 7   GLU A CB    1 
ATOM   39   C  CG    . GLU A 1 5   ? -14.820 12.549  -8.957  1.00 59.74 ? 7   GLU A CG    1 
ATOM   40   C  CD    . GLU A 1 5   ? -13.579 13.102  -9.656  1.00 61.18 ? 7   GLU A CD    1 
ATOM   41   O  OE1   . GLU A 1 5   ? -13.161 12.580  -10.731 1.00 53.27 ? 7   GLU A OE1   1 
ATOM   42   O  OE2   . GLU A 1 5   ? -13.020 14.078  -9.105  1.00 55.38 ? 7   GLU A OE2   1 
ATOM   43   N  N     . LEU A 1 6   ? -14.233 9.194   -6.459  1.00 35.89 ? 8   LEU A N     1 
ATOM   44   C  CA    . LEU A 1 6   ? -14.148 9.137   -5.005  1.00 32.33 ? 8   LEU A CA    1 
ATOM   45   C  C     . LEU A 1 6   ? -12.662 8.878   -4.662  1.00 29.97 ? 8   LEU A C     1 
ATOM   46   O  O     . LEU A 1 6   ? -12.104 9.508   -3.755  1.00 32.14 ? 8   LEU A O     1 
ATOM   47   C  CB    . LEU A 1 6   ? -15.038 8.037   -4.417  1.00 35.69 ? 8   LEU A CB    1 
ATOM   48   C  CG    . LEU A 1 6   ? -16.553 8.312   -4.460  1.00 39.76 ? 8   LEU A CG    1 
ATOM   49   C  CD1   . LEU A 1 6   ? -17.259 7.117   -3.860  1.00 41.77 ? 8   LEU A CD1   1 
ATOM   50   C  CD2   . LEU A 1 6   ? -16.867 9.580   -3.672  1.00 45.15 ? 8   LEU A CD2   1 
ATOM   51   N  N     . ILE A 1 7   ? -12.053 8.046   -5.488  1.00 31.27 ? 9   ILE A N     1 
ATOM   52   C  CA    . ILE A 1 7   ? -10.648 7.632   -5.307  1.00 26.02 ? 9   ILE A CA    1 
ATOM   53   C  C     . ILE A 1 7   ? -9.770  8.809   -5.662  1.00 31.56 ? 9   ILE A C     1 
ATOM   54   O  O     . ILE A 1 7   ? -8.969  9.267   -4.842  1.00 28.18 ? 9   ILE A O     1 
ATOM   55   C  CB    . ILE A 1 7   ? -10.328 6.395   -6.160  1.00 25.21 ? 9   ILE A CB    1 
ATOM   56   C  CG1   . ILE A 1 7   ? -10.958 5.162   -5.484  1.00 30.65 ? 9   ILE A CG1   1 
ATOM   57   C  CG2   . ILE A 1 7   ? -8.787  6.223   -6.333  1.00 25.56 ? 9   ILE A CG2   1 
ATOM   58   C  CD1   . ILE A 1 7   ? -11.117 3.968   -6.412  1.00 32.81 ? 9   ILE A CD1   1 
ATOM   59   N  N     . ARG A 1 8   ? -9.967  9.391   -6.855  1.00 29.07 ? 10  ARG A N     1 
ATOM   60   C  CA    . ARG A 1 8   ? -9.220  10.593  -7.190  1.00 30.44 ? 10  ARG A CA    1 
ATOM   61   C  C     . ARG A 1 8   ? -9.201  11.712  -6.176  1.00 31.61 ? 10  ARG A C     1 
ATOM   62   O  O     . ARG A 1 8   ? -8.164  12.270  -5.904  1.00 34.57 ? 10  ARG A O     1 
ATOM   63   C  CB    . ARG A 1 8   ? -9.581  11.136  -8.578  1.00 31.98 ? 10  ARG A CB    1 
ATOM   64   C  CG    . ARG A 1 8   ? -9.002  10.302  -9.699  1.00 36.98 ? 10  ARG A CG    1 
ATOM   65   C  CD    . ARG A 1 8   ? -9.273  10.951  -11.052 1.00 49.01 ? 10  ARG A CD    1 
ATOM   66   N  NE    . ARG A 1 8   ? -10.666 10.785  -11.463 1.00 57.28 ? 10  ARG A NE    1 
ATOM   67   C  CZ    . ARG A 1 8   ? -11.111 9.814   -12.259 1.00 63.64 ? 10  ARG A CZ    1 
ATOM   68   N  NH1   . ARG A 1 8   ? -10.274 8.908   -12.774 1.00 53.73 ? 10  ARG A NH1   1 
ATOM   69   N  NH2   . ARG A 1 8   ? -12.406 9.748   -12.530 1.00 55.03 ? 10  ARG A NH2   1 
ATOM   70   N  N     . GLN A 1 9   ? -10.378 12.079  -5.676  1.00 28.19 ? 11  GLN A N     1 
ATOM   71   C  CA    . GLN A 1 9   ? -10.583 13.170  -4.773  1.00 30.82 ? 11  GLN A CA    1 
ATOM   72   C  C     . GLN A 1 9   ? -9.930  12.943  -3.410  1.00 29.17 ? 11  GLN A C     1 
ATOM   73   O  O     . GLN A 1 9   ? -9.328  13.874  -2.837  1.00 30.80 ? 11  GLN A O     1 
ATOM   74   C  CB    . GLN A 1 9   ? -12.097 13.298  -4.571  1.00 35.98 ? 11  GLN A CB    1 
ATOM   75   C  CG    . GLN A 1 9   ? -12.583 14.393  -3.644  0.50 42.90 ? 11  GLN A CG    1 
ATOM   76   C  CD    . GLN A 1 9   ? -14.103 14.441  -3.569  0.50 49.36 ? 11  GLN A CD    1 
ATOM   77   O  OE1   . GLN A 1 9   ? -14.794 13.634  -4.197  0.50 51.51 ? 11  GLN A OE1   1 
ATOM   78   N  NE2   . GLN A 1 9   ? -14.630 15.400  -2.816  0.50 51.19 ? 11  GLN A NE2   1 
ATOM   79   N  N     . SER A 1 10  ? -10.134 11.736  -2.869  1.00 28.81 ? 12  SER A N     1 
ATOM   80   C  CA    . SER A 1 10  ? -9.570  11.354  -1.566  1.00 28.52 ? 12  SER A CA    1 
ATOM   81   C  C     . SER A 1 10  ? -8.035  11.298  -1.705  1.00 26.41 ? 12  SER A C     1 
ATOM   82   O  O     . SER A 1 10  ? -7.283  11.802  -0.843  1.00 29.76 ? 12  SER A O     1 
ATOM   83   C  CB    . SER A 1 10  ? -10.207 10.009  -1.081  1.00 25.42 ? 12  SER A CB    1 
ATOM   84   O  OG    . SER A 1 10  ? -10.194 8.980   -2.055  1.00 30.12 ? 12  SER A OG    1 
ATOM   85   N  N     . TRP A 1 11  ? -7.562  10.795  -2.835  1.00 24.15 ? 13  TRP A N     1 
ATOM   86   C  CA    . TRP A 1 11  ? -6.112  10.702  -3.035  1.00 23.25 ? 13  TRP A CA    1 
ATOM   87   C  C     . TRP A 1 11  ? -5.392  12.054  -3.143  1.00 29.12 ? 13  TRP A C     1 
ATOM   88   O  O     . TRP A 1 11  ? -4.208  12.156  -2.830  1.00 26.52 ? 13  TRP A O     1 
ATOM   89   C  CB    . TRP A 1 11  ? -5.811  9.811   -4.235  1.00 24.00 ? 13  TRP A CB    1 
ATOM   90   C  CG    . TRP A 1 11  ? -4.404  9.521   -4.432  1.00 23.27 ? 13  TRP A CG    1 
ATOM   91   C  CD1   . TRP A 1 11  ? -3.610  9.932   -5.469  1.00 25.05 ? 13  TRP A CD1   1 
ATOM   92   C  CD2   . TRP A 1 11  ? -3.569  8.770   -3.556  1.00 23.15 ? 13  TRP A CD2   1 
ATOM   93   N  NE1   . TRP A 1 11  ? -2.329  9.447   -5.305  1.00 27.97 ? 13  TRP A NE1   1 
ATOM   94   C  CE2   . TRP A 1 11  ? -2.280  8.732   -4.138  1.00 27.48 ? 13  TRP A CE2   1 
ATOM   95   C  CE3   . TRP A 1 11  ? -3.810  8.058   -2.370  1.00 22.76 ? 13  TRP A CE3   1 
ATOM   96   C  CZ2   . TRP A 1 11  ? -1.212  8.069   -3.542  1.00 23.18 ? 13  TRP A CZ2   1 
ATOM   97   C  CZ3   . TRP A 1 11  ? -2.751  7.411   -1.766  1.00 22.23 ? 13  TRP A CZ3   1 
ATOM   98   C  CH2   . TRP A 1 11  ? -1.486  7.374   -2.385  1.00 22.03 ? 13  TRP A CH2   1 
ATOM   99   N  N     . ARG A 1 12  ? -6.091  13.099  -3.613  1.00 28.40 ? 14  ARG A N     1 
ATOM   100  C  CA    . ARG A 1 12  ? -5.514  14.439  -3.628  1.00 30.34 ? 14  ARG A CA    1 
ATOM   101  C  C     . ARG A 1 12  ? -5.051  14.893  -2.248  1.00 28.91 ? 14  ARG A C     1 
ATOM   102  O  O     . ARG A 1 12  ? -4.018  15.557  -2.097  1.00 27.26 ? 14  ARG A O     1 
ATOM   103  C  CB    . ARG A 1 12  ? -6.541  15.460  -4.190  1.00 35.52 ? 14  ARG A CB    1 
ATOM   104  C  CG    . ARG A 1 12  ? -6.743  15.345  -5.693  1.00 42.33 ? 14  ARG A CG    1 
ATOM   105  C  CD    . ARG A 1 12  ? -7.444  16.574  -6.325  1.00 54.99 ? 14  ARG A CD    1 
ATOM   106  N  NE    . ARG A 1 12  ? -8.671  17.029  -5.646  1.00 65.47 ? 14  ARG A NE    1 
ATOM   107  C  CZ    . ARG A 1 12  ? -9.927  16.828  -6.080  1.00 77.51 ? 14  ARG A CZ    1 
ATOM   108  N  NH1   . ARG A 1 12  ? -10.177 16.132  -7.188  1.00 68.35 ? 14  ARG A NH1   1 
ATOM   109  N  NH2   . ARG A 1 12  ? -10.956 17.296  -5.376  1.00 69.24 ? 14  ARG A NH2   1 
ATOM   110  N  N     . VAL A 1 13  ? -5.887  14.644  -1.249  1.00 29.82 ? 15  VAL A N     1 
ATOM   111  C  CA    . VAL A 1 13  ? -5.563  15.053  0.088   1.00 33.38 ? 15  VAL A CA    1 
ATOM   112  C  C     . VAL A 1 13  ? -4.302  14.282  0.541   1.00 29.45 ? 15  VAL A C     1 
ATOM   113  O  O     . VAL A 1 13  ? -3.340  14.863  1.034   1.00 27.96 ? 15  VAL A O     1 
ATOM   114  C  CB    . VAL A 1 13  ? -6.743  14.771  1.035   1.00 33.06 ? 15  VAL A CB    1 
ATOM   115  C  CG1   . VAL A 1 13  ? -6.344  15.039  2.478   1.00 36.38 ? 15  VAL A CG1   1 
ATOM   116  C  CG2   . VAL A 1 13  ? -7.977  15.575  0.637   1.00 36.89 ? 15  VAL A CG2   1 
ATOM   117  N  N     . VAL A 1 14  ? -4.309  12.968  0.337   1.00 27.42 ? 16  VAL A N     1 
ATOM   118  C  CA    . VAL A 1 14  ? -3.167  12.168  0.784   1.00 26.86 ? 16  VAL A CA    1 
ATOM   119  C  C     . VAL A 1 14  ? -1.886  12.545  0.089   1.00 27.86 ? 16  VAL A C     1 
ATOM   120  O  O     . VAL A 1 14  ? -0.824  12.547  0.685   1.00 27.02 ? 16  VAL A O     1 
ATOM   121  C  CB    . VAL A 1 14  ? -3.419  10.685  0.430   1.00 26.57 ? 16  VAL A CB    1 
ATOM   122  C  CG1   . VAL A 1 14  ? -2.177  9.839   0.703   1.00 29.64 ? 16  VAL A CG1   1 
ATOM   123  C  CG2   . VAL A 1 14  ? -4.562  10.172  1.247   1.00 27.66 ? 16  VAL A CG2   1 
ATOM   124  N  N     . SER A 1 15  ? -1.970  12.765  -1.227  1.00 25.69 ? 17  SER A N     1 
ATOM   125  C  CA    . SER A 1 15  ? -0.801  12.988  -2.066  1.00 25.03 ? 17  SER A CA    1 
ATOM   126  C  C     . SER A 1 15  ? -0.079  14.293  -1.716  1.00 25.02 ? 17  SER A C     1 
ATOM   127  O  O     . SER A 1 15  ? 1.068   14.533  -2.168  1.00 29.49 ? 17  SER A O     1 
ATOM   128  C  CB    . SER A 1 15  ? -1.270  12.923  -3.560  1.00 30.03 ? 17  SER A CB    1 
ATOM   129  O  OG    . SER A 1 15  ? -2.192  13.971  -3.745  1.00 38.77 ? 17  SER A OG    1 
ATOM   130  N  N     . ARG A 1 16  ? -0.702  15.143  -0.893  1.00 24.50 ? 18  ARG A N     1 
ATOM   131  C  CA    . ARG A 1 16  ? -0.047  16.380  -0.384  1.00 25.81 ? 18  ARG A CA    1 
ATOM   132  C  C     . ARG A 1 16  ? 1.017   16.085  0.635   1.00 27.24 ? 18  ARG A C     1 
ATOM   133  O  O     . ARG A 1 16  ? 1.864   16.939  0.922   1.00 29.44 ? 18  ARG A O     1 
ATOM   134  C  CB    . ARG A 1 16  ? -1.076  17.310  0.277   1.00 27.66 ? 18  ARG A CB    1 
ATOM   135  C  CG    . ARG A 1 16  ? -2.001  17.913  -0.787  1.00 37.49 ? 18  ARG A CG    1 
ATOM   136  C  CD    . ARG A 1 16  ? -2.896  19.026  -0.260  1.00 44.72 ? 18  ARG A CD    1 
ATOM   137  N  NE    . ARG A 1 16  ? -3.973  19.233  -1.231  1.00 57.86 ? 18  ARG A NE    1 
ATOM   138  C  CZ    . ARG A 1 16  ? -5.271  19.075  -0.986  1.00 58.97 ? 18  ARG A CZ    1 
ATOM   139  N  NH1   . ARG A 1 16  ? -6.148  19.276  -1.966  1.00 68.25 ? 18  ARG A NH1   1 
ATOM   140  N  NH2   . ARG A 1 16  ? -5.707  18.771  0.239   1.00 56.28 ? 18  ARG A NH2   1 
ATOM   141  N  N     . SER A 1 17  ? 0.906   14.929  1.294   1.00 22.23 ? 19  SER A N     1 
ATOM   142  C  CA    . SER A 1 17  ? 1.893   14.619  2.329   1.00 21.36 ? 19  SER A CA    1 
ATOM   143  C  C     . SER A 1 17  ? 2.103   13.104  2.345   1.00 17.20 ? 19  SER A C     1 
ATOM   144  O  O     . SER A 1 17  ? 1.655   12.426  3.287   1.00 19.13 ? 19  SER A O     1 
ATOM   145  C  CB    . SER A 1 17  ? 1.485   15.178  3.718   1.00 21.37 ? 19  SER A CB    1 
ATOM   146  O  OG    . SER A 1 17  ? 0.157   14.796  4.082   1.00 25.80 ? 19  SER A OG    1 
ATOM   147  N  N     . PRO A 1 18  ? 2.609   12.538  1.252   1.00 17.75 ? 20  PRO A N     1 
ATOM   148  C  CA    . PRO A 1 18  ? 2.536   11.107  1.144   1.00 19.99 ? 20  PRO A CA    1 
ATOM   149  C  C     . PRO A 1 18  ? 3.401   10.409  2.155   1.00 17.19 ? 20  PRO A C     1 
ATOM   150  O  O     . PRO A 1 18  ? 3.045   9.273   2.508   1.00 17.37 ? 20  PRO A O     1 
ATOM   151  C  CB    . PRO A 1 18  ? 3.035   10.805  -0.282  1.00 21.64 ? 20  PRO A CB    1 
ATOM   152  C  CG    . PRO A 1 18  ? 3.897   11.996  -0.604  1.00 21.63 ? 20  PRO A CG    1 
ATOM   153  C  CD    . PRO A 1 18  ? 3.167   13.148  0.006   1.00 19.59 ? 20  PRO A CD    1 
ATOM   154  N  N     . LEU A 1 19  ? 4.552   10.974  2.540   1.00 16.45 ? 21  LEU A N     1 
ATOM   155  C  CA    . LEU A 1 19  ? 5.360   10.288  3.551   1.00 16.57 ? 21  LEU A CA    1 
ATOM   156  C  C     . LEU A 1 19  ? 4.625   10.305  4.874   1.00 16.45 ? 21  LEU A C     1 
ATOM   157  O  O     . LEU A 1 19  ? 4.650   9.280   5.578   1.00 15.64 ? 21  LEU A O     1 
ATOM   158  C  CB    . LEU A 1 19  ? 6.785   10.841  3.698   1.00 16.71 ? 21  LEU A CB    1 
ATOM   159  C  CG    . LEU A 1 19  ? 7.614   10.085  4.724   1.00 21.36 ? 21  LEU A CG    1 
ATOM   160  C  CD1   . LEU A 1 19  ? 7.792   8.619   4.310   1.00 22.15 ? 21  LEU A CD1   1 
ATOM   161  C  CD2   . LEU A 1 19  ? 8.973   10.782  4.969   1.00 21.90 ? 21  LEU A CD2   1 
ATOM   162  N  N     . GLU A 1 20  ? 4.057   11.470  5.265   1.00 15.40 ? 22  GLU A N     1 
ATOM   163  C  CA    . GLU A 1 20  ? 3.362   11.503  6.596   1.00 15.01 ? 22  GLU A CA    1 
ATOM   164  C  C     . GLU A 1 20  ? 2.275   10.523  6.564   1.00 16.70 ? 22  GLU A C     1 
ATOM   165  O  O     . GLU A 1 20  ? 2.061   9.769   7.541   1.00 17.50 ? 22  GLU A O     1 
ATOM   166  C  CB    . GLU A 1 20  ? 2.811   12.919  6.824   1.00 17.10 ? 22  GLU A CB    1 
ATOM   167  C  CG    . GLU A 1 20  ? 3.937   13.864  7.198   1.00 20.50 ? 22  GLU A CG    1 
ATOM   168  C  CD    . GLU A 1 20  ? 3.461   15.290  7.119   1.00 27.93 ? 22  GLU A CD    1 
ATOM   169  O  OE1   . GLU A 1 20  ? 2.273   15.512  7.404   1.00 26.90 ? 22  GLU A OE1   1 
ATOM   170  O  OE2   . GLU A 1 20  ? 4.309   16.138  6.770   1.00 39.07 ? 22  GLU A OE2   1 
ATOM   171  N  N     . HIS A 1 21  ? 1.550   10.442  5.435   1.00 17.34 ? 23  HIS A N     1 
ATOM   172  C  CA    . HIS A 1 21  ? 0.453   9.494   5.396   1.00 15.46 ? 23  HIS A CA    1 
ATOM   173  C  C     . HIS A 1 21  ? 0.918   8.030   5.305   1.00 14.40 ? 23  HIS A C     1 
ATOM   174  O  O     . HIS A 1 21  ? 0.377   7.171   5.982   1.00 13.63 ? 23  HIS A O     1 
ATOM   175  C  CB    . HIS A 1 21  ? -0.387  9.756   4.150   1.00 16.75 ? 23  HIS A CB    1 
ATOM   176  C  CG    . HIS A 1 21  ? -1.370  10.833  4.349   1.00 19.82 ? 23  HIS A CG    1 
ATOM   177  N  ND1   . HIS A 1 21  ? -1.026  12.168  4.265   1.00 22.15 ? 23  HIS A ND1   1 
ATOM   178  C  CD2   . HIS A 1 21  ? -2.721  10.782  4.457   1.00 20.99 ? 23  HIS A CD2   1 
ATOM   179  C  CE1   . HIS A 1 21  ? -2.114  12.890  4.482   1.00 23.04 ? 23  HIS A CE1   1 
ATOM   180  N  NE2   . HIS A 1 21  ? -3.160  12.078  4.520   1.00 23.49 ? 23  HIS A NE2   1 
ATOM   181  N  N     . GLY A 1 22  ? 1.895   7.750   4.452   1.00 12.46 ? 24  GLY A N     1 
ATOM   182  C  CA    . GLY A 1 22  ? 2.472   6.390   4.406   1.00 13.29 ? 24  GLY A CA    1 
ATOM   183  C  C     . GLY A 1 22  ? 3.090   5.954   5.730   1.00 11.66 ? 24  GLY A C     1 
ATOM   184  O  O     . GLY A 1 22  ? 3.109   4.783   6.025   1.00 13.17 ? 24  GLY A O     1 
ATOM   185  N  N     . THR A 1 23  ? 3.598   6.924   6.488   1.00 12.29 ? 25  THR A N     1 
ATOM   186  C  CA    . THR A 1 23  ? 4.106   6.589   7.839   1.00 12.21 ? 25  THR A CA    1 
ATOM   187  C  C     . THR A 1 23  ? 2.978   6.089   8.728   1.00 12.10 ? 25  THR A C     1 
ATOM   188  O  O     . THR A 1 23  ? 3.179   5.107   9.439   1.00 13.01 ? 25  THR A O     1 
ATOM   189  C  CB    . THR A 1 23  ? 4.746   7.824   8.465   1.00 13.43 ? 25  THR A CB    1 
ATOM   190  O  OG1   . THR A 1 23  ? 5.926   8.115   7.720   1.00 13.60 ? 25  THR A OG1   1 
ATOM   191  C  CG2   . THR A 1 23  ? 5.109   7.658   9.957   1.00 13.19 ? 25  THR A CG2   1 
ATOM   192  N  N     . VAL A 1 24  ? 1.804   6.699   8.634   1.00 12.44 ? 26  VAL A N     1 
ATOM   193  C  CA    . VAL A 1 24  ? 0.654   6.117   9.398   1.00 11.84 ? 26  VAL A CA    1 
ATOM   194  C  C     . VAL A 1 24  ? 0.375   4.695   8.892   1.00 12.96 ? 26  VAL A C     1 
ATOM   195  O  O     . VAL A 1 24  ? 0.101   3.794   9.660   1.00 13.51 ? 26  VAL A O     1 
ATOM   196  C  CB    . VAL A 1 24  ? -0.575  7.006   9.158   1.00 12.64 ? 26  VAL A CB    1 
ATOM   197  C  CG1   . VAL A 1 24  ? -1.784  6.363   9.875   1.00 16.31 ? 26  VAL A CG1   1 
ATOM   198  C  CG2   . VAL A 1 24  ? -0.315  8.382   9.765   1.00 16.33 ? 26  VAL A CG2   1 
ATOM   199  N  N     . LEU A 1 25  ? 0.338   4.503   7.565   1.00 11.76 ? 27  LEU A N     1 
ATOM   200  C  CA    . LEU A 1 25  ? 0.017   3.180   7.004   1.00 12.74 ? 27  LEU A CA    1 
ATOM   201  C  C     . LEU A 1 25  ? 1.011   2.165   7.538   1.00 12.05 ? 27  LEU A C     1 
ATOM   202  O  O     . LEU A 1 25  ? 0.575   1.106   8.036   1.00 12.71 ? 27  LEU A O     1 
ATOM   203  C  CB    . LEU A 1 25  ? 0.116   3.259   5.458   1.00 13.58 ? 27  LEU A CB    1 
ATOM   204  C  CG    . LEU A 1 25  ? -0.397  2.015   4.695   1.00 13.63 ? 27  LEU A CG    1 
ATOM   205  C  CD1   . LEU A 1 25  ? -0.492  2.445   3.202   1.00 17.35 ? 27  LEU A CD1   1 
ATOM   206  C  CD2   . LEU A 1 25  ? 0.534   0.808   4.745   1.00 15.28 ? 27  LEU A CD2   1 
ATOM   207  N  N     . PHE A 1 26  ? 2.301   2.468   7.520   1.00 11.38 ? 28  PHE A N     1 
ATOM   208  C  CA    . PHE A 1 26  ? 3.262   1.477   7.991   1.00 12.06 ? 28  PHE A CA    1 
ATOM   209  C  C     . PHE A 1 26  ? 3.312   1.290   9.499   1.00 12.19 ? 28  PHE A C     1 
ATOM   210  O  O     . PHE A 1 26  ? 3.560   0.180   9.922   1.00 12.75 ? 28  PHE A O     1 
ATOM   211  C  CB    . PHE A 1 26  ? 4.652   1.710   7.370   1.00 13.51 ? 28  PHE A CB    1 
ATOM   212  C  CG    . PHE A 1 26  ? 4.718   1.095   6.011   1.00 14.65 ? 28  PHE A CG    1 
ATOM   213  C  CD1   . PHE A 1 26  ? 5.034   -0.255  5.857   1.00 15.59 ? 28  PHE A CD1   1 
ATOM   214  C  CD2   . PHE A 1 26  ? 4.320   1.828   4.901   1.00 14.22 ? 28  PHE A CD2   1 
ATOM   215  C  CE1   . PHE A 1 26  ? 5.061   -0.841  4.564   1.00 17.13 ? 28  PHE A CE1   1 
ATOM   216  C  CE2   . PHE A 1 26  ? 4.338   1.227   3.593   1.00 16.16 ? 28  PHE A CE2   1 
ATOM   217  C  CZ    . PHE A 1 26  ? 4.651   -0.111  3.459   1.00 15.55 ? 28  PHE A CZ    1 
ATOM   218  N  N     . ALA A 1 27  ? 3.107   2.371   10.256  1.00 12.35 ? 29  ALA A N     1 
ATOM   219  C  CA    . ALA A 1 27  ? 2.992   2.242   11.710  1.00 12.30 ? 29  ALA A CA    1 
ATOM   220  C  C     . ALA A 1 27  ? 1.813   1.368   12.019  1.00 12.99 ? 29  ALA A C     1 
ATOM   221  O  O     . ALA A 1 27  ? 1.916   0.486   12.850  1.00 12.58 ? 29  ALA A O     1 
ATOM   222  C  CB    . ALA A 1 27  ? 2.822   3.643   12.317  1.00 12.25 ? 29  ALA A CB    1 
ATOM   223  N  N     . ARG A 1 28  ? 0.697   1.606   11.336  1.00 12.37 ? 30  ARG A N     1 
ATOM   224  C  CA    . ARG A 1 28  ? -0.455  0.701   11.577  1.00 11.91 ? 30  ARG A CA    1 
ATOM   225  C  C     . ARG A 1 28  ? -0.133  -0.747  11.166  1.00 11.75 ? 30  ARG A C     1 
ATOM   226  O  O     . ARG A 1 28  ? -0.503  -1.708  11.866  1.00 12.38 ? 30  ARG A O     1 
ATOM   227  C  CB    . ARG A 1 28  ? -1.623  1.184   10.701  1.00 13.41 ? 30  ARG A CB    1 
ATOM   228  C  CG    . ARG A 1 28  ? -2.858  0.319   10.821  1.00 11.43 ? 30  ARG A CG    1 
ATOM   229  C  CD    . ARG A 1 28  ? -3.345  0.357   12.286  1.00 12.77 ? 30  ARG A CD    1 
ATOM   230  N  NE    . ARG A 1 28  ? -4.694  -0.217  12.287  1.00 13.09 ? 30  ARG A NE    1 
ATOM   231  C  CZ    . ARG A 1 28  ? -5.338  -0.369  13.466  1.00 13.89 ? 30  ARG A CZ    1 
ATOM   232  N  NH1   . ARG A 1 28  ? -4.704  -0.085  14.578  1.00 13.50 ? 30  ARG A NH1   1 
ATOM   233  N  NH2   . ARG A 1 28  ? -6.570  -0.871  13.486  1.00 15.26 ? 30  ARG A NH2   1 
ATOM   234  N  N     . LEU A 1 29  ? 0.576   -0.889  10.017  1.00 11.18 ? 31  LEU A N     1 
ATOM   235  C  CA    . LEU A 1 29  ? 0.893   -2.243  9.499   1.00 10.99 ? 31  LEU A CA    1 
ATOM   236  C  C     . LEU A 1 29  ? 1.672   -2.998  10.561  1.00 12.91 ? 31  LEU A C     1 
ATOM   237  O  O     . LEU A 1 29  ? 1.378   -4.181  10.769  1.00 12.81 ? 31  LEU A O     1 
ATOM   238  C  CB    . LEU A 1 29  ? 1.710   -2.175  8.214   1.00 12.30 ? 31  LEU A CB    1 
ATOM   239  C  CG    . LEU A 1 29  ? 1.986   -3.573  7.552   1.00 12.87 ? 31  LEU A CG    1 
ATOM   240  C  CD1   . LEU A 1 29  ? 0.724   -4.352  7.210   1.00 14.68 ? 31  LEU A CD1   1 
ATOM   241  C  CD2   . LEU A 1 29  ? 2.797   -3.221  6.284   1.00 13.53 ? 31  LEU A CD2   1 
ATOM   242  N  N     . PHE A 1 30  ? 2.695   -2.345  11.165  1.00 12.52 ? 32  PHE A N     1 
ATOM   243  C  CA    . PHE A 1 30  ? 3.520   -3.122  12.083  1.00 14.01 ? 32  PHE A CA    1 
ATOM   244  C  C     . PHE A 1 30  ? 2.767   -3.336  13.386  1.00 14.96 ? 32  PHE A C     1 
ATOM   245  O  O     . PHE A 1 30  ? 3.108   -4.212  14.118  1.00 15.98 ? 32  PHE A O     1 
ATOM   246  C  CB    . PHE A 1 30  ? 4.815   -2.378  12.338  1.00 12.27 ? 32  PHE A CB    1 
ATOM   247  C  CG    . PHE A 1 30  ? 5.751   -2.422  11.186  1.00 14.01 ? 32  PHE A CG    1 
ATOM   248  C  CD1   . PHE A 1 30  ? 5.825   -3.533  10.372  1.00 14.41 ? 32  PHE A CD1   1 
ATOM   249  C  CD2   . PHE A 1 30  ? 6.503   -1.304  10.923  1.00 14.36 ? 32  PHE A CD2   1 
ATOM   250  C  CE1   . PHE A 1 30  ? 6.727   -3.550  9.242   1.00 17.03 ? 32  PHE A CE1   1 
ATOM   251  C  CE2   . PHE A 1 30  ? 7.428   -1.301  9.870   1.00 13.47 ? 32  PHE A CE2   1 
ATOM   252  C  CZ    . PHE A 1 30  ? 7.538   -2.422  9.046   1.00 15.73 ? 32  PHE A CZ    1 
ATOM   253  N  N     . ALA A 1 31  ? 1.908   -2.392  13.767  1.00 12.20 ? 33  ALA A N     1 
ATOM   254  C  CA    . ALA A 1 31  ? 1.036   -2.612  14.952  1.00 13.32 ? 33  ALA A CA    1 
ATOM   255  C  C     . ALA A 1 31  ? 0.185   -3.848  14.731  1.00 14.85 ? 33  ALA A C     1 
ATOM   256  O  O     . ALA A 1 31  ? -0.102  -4.580  15.719  1.00 17.43 ? 33  ALA A O     1 
ATOM   257  C  CB    . ALA A 1 31  ? 0.165   -1.368  15.224  1.00 14.34 ? 33  ALA A CB    1 
ATOM   258  N  N     . LEU A 1 32  ? -0.299  -4.096  13.517  1.00 14.72 ? 34  LEU A N     1 
ATOM   259  C  CA    . LEU A 1 32  ? -1.178  -5.242  13.239  1.00 15.10 ? 34  LEU A CA    1 
ATOM   260  C  C     . LEU A 1 32  ? -0.390  -6.510  13.022  1.00 15.69 ? 34  LEU A C     1 
ATOM   261  O  O     . LEU A 1 32  ? -0.876  -7.607  13.317  1.00 17.01 ? 34  LEU A O     1 
ATOM   262  C  CB    . LEU A 1 32  ? -1.976  -4.975  11.972  1.00 13.21 ? 34  LEU A CB    1 
ATOM   263  C  CG    . LEU A 1 32  ? -2.933  -3.754  12.178  1.00 15.35 ? 34  LEU A CG    1 
ATOM   264  C  CD1   . LEU A 1 32  ? -3.679  -3.562  10.842  1.00 17.25 ? 34  LEU A CD1   1 
ATOM   265  C  CD2   . LEU A 1 32  ? -3.892  -4.016  13.326  1.00 16.82 ? 34  LEU A CD2   1 
ATOM   266  N  N     . GLU A 1 33  ? 0.763   -6.390  12.351  1.00 14.05 ? 35  GLU A N     1 
ATOM   267  C  CA    . GLU A 1 33  ? 1.477   -7.631  11.936  1.00 13.63 ? 35  GLU A CA    1 
ATOM   268  C  C     . GLU A 1 33  ? 2.971   -7.353  12.102  1.00 13.95 ? 35  GLU A C     1 
ATOM   269  O  O     . GLU A 1 33  ? 3.690   -7.137  11.117  1.00 13.87 ? 35  GLU A O     1 
ATOM   270  C  CB    . GLU A 1 33  ? 1.138   -7.929  10.435  1.00 16.28 ? 35  GLU A CB    1 
ATOM   271  C  CG    . GLU A 1 33  ? 1.697   -9.300  9.981   1.00 16.93 ? 35  GLU A CG    1 
ATOM   272  C  CD    . GLU A 1 33  ? 1.173   -9.752  8.605   0.50 15.30 ? 35  GLU A CD    1 
ATOM   273  O  OE1   . GLU A 1 33  ? 0.016   -9.479  8.273   1.00 27.93 ? 35  GLU A OE1   1 
ATOM   274  O  OE2   . GLU A 1 33  ? 1.886   -10.473 7.906   0.50 14.15 ? 35  GLU A OE2   1 
ATOM   275  N  N     . PRO A 1 34  ? 3.490   -7.373  13.338  1.00 13.95 ? 36  PRO A N     1 
ATOM   276  C  CA    . PRO A 1 34  ? 4.878   -7.057  13.501  1.00 14.12 ? 36  PRO A CA    1 
ATOM   277  C  C     . PRO A 1 34  ? 5.796   -8.089  12.858  1.00 12.74 ? 36  PRO A C     1 
ATOM   278  O  O     . PRO A 1 34  ? 6.954   -7.766  12.713  1.00 13.40 ? 36  PRO A O     1 
ATOM   279  C  CB    . PRO A 1 34  ? 5.065   -7.016  15.029  1.00 18.86 ? 36  PRO A CB    1 
ATOM   280  C  CG    . PRO A 1 34  ? 3.969   -7.823  15.559  1.00 15.30 ? 36  PRO A CG    1 
ATOM   281  C  CD    . PRO A 1 34  ? 2.799   -7.540  14.643  1.00 17.16 ? 36  PRO A CD    1 
ATOM   282  N  N     . SER A 1 35  ? 5.295   -9.255  12.465  1.00 13.63 ? 37  SER A N     1 
ATOM   283  C  CA    . SER A 1 35  ? 6.191   -10.228 11.830  1.00 15.59 ? 37  SER A CA    1 
ATOM   284  C  C     . SER A 1 35  ? 6.628   -9.781  10.453  1.00 15.84 ? 37  SER A C     1 
ATOM   285  O  O     . SER A 1 35  ? 7.545   -10.393 9.866   1.00 17.42 ? 37  SER A O     1 
ATOM   286  C  CB    . SER A 1 35  ? 5.519   -11.585 11.731  1.00 17.86 ? 37  SER A CB    1 
ATOM   287  O  OG    . SER A 1 35  ? 4.325   -11.537 10.936  1.00 20.19 ? 37  SER A OG    1 
ATOM   288  N  N     . LEU A 1 36  ? 6.021   -8.692  9.965   1.00 14.25 ? 38  LEU A N     1 
ATOM   289  C  CA    . LEU A 1 36  ? 6.540   -8.087  8.719   1.00 14.56 ? 38  LEU A CA    1 
ATOM   290  C  C     . LEU A 1 36  ? 7.838   -7.319  8.922   1.00 16.37 ? 38  LEU A C     1 
ATOM   291  O  O     . LEU A 1 36  ? 8.567   -7.072  7.968   1.00 16.00 ? 38  LEU A O     1 
ATOM   292  C  CB    . LEU A 1 36  ? 5.484   -7.195  8.103   1.00 14.98 ? 38  LEU A CB    1 
ATOM   293  C  CG    . LEU A 1 36  ? 4.281   -7.977  7.634   1.00 16.05 ? 38  LEU A CG    1 
ATOM   294  C  CD1   . LEU A 1 36  ? 3.107   -7.034  7.291   1.00 19.17 ? 38  LEU A CD1   1 
ATOM   295  C  CD2   . LEU A 1 36  ? 4.690   -8.759  6.370   1.00 19.45 ? 38  LEU A CD2   1 
ATOM   296  N  N     . LEU A 1 37  ? 8.110   -6.880  10.172  1.00 14.96 ? 39  LEU A N     1 
ATOM   297  C  CA    . LEU A 1 37  ? 9.286   -6.044  10.412  1.00 14.11 ? 39  LEU A CA    1 
ATOM   298  C  C     . LEU A 1 37  ? 10.602  -6.584  9.867   1.00 16.03 ? 39  LEU A C     1 
ATOM   299  O  O     . LEU A 1 37  ? 11.346  -5.860  9.255   1.00 16.03 ? 39  LEU A O     1 
ATOM   300  C  CB    . LEU A 1 37  ? 9.401   -5.682  11.899  1.00 18.23 ? 39  LEU A CB    1 
ATOM   301  C  CG    . LEU A 1 37  ? 10.440  -4.629  12.249  1.00 23.61 ? 39  LEU A CG    1 
ATOM   302  C  CD1   . LEU A 1 37  ? 10.043  -3.307  11.601  1.00 20.57 ? 39  LEU A CD1   1 
ATOM   303  C  CD2   . LEU A 1 37  ? 10.371  -4.510  13.785  1.00 28.39 ? 39  LEU A CD2   1 
ATOM   304  N  N     . PRO A 1 38  ? 10.871  -7.902  10.003  1.00 16.86 ? 40  PRO A N     1 
ATOM   305  C  CA    . PRO A 1 38  ? 12.202  -8.354  9.600   1.00 17.16 ? 40  PRO A CA    1 
ATOM   306  C  C     . PRO A 1 38  ? 12.334  -8.423  8.068   1.00 16.99 ? 40  PRO A C     1 
ATOM   307  O  O     . PRO A 1 38  ? 13.429  -8.645  7.591   1.00 19.89 ? 40  PRO A O     1 
ATOM   308  C  CB    . PRO A 1 38  ? 12.250  -9.829  10.053  1.00 17.28 ? 40  PRO A CB    1 
ATOM   309  C  CG    . PRO A 1 38  ? 11.159  -9.960  10.963  1.00 17.42 ? 40  PRO A CG    1 
ATOM   310  C  CD    . PRO A 1 38  ? 10.134  -8.877  10.846  1.00 17.26 ? 40  PRO A CD    1 
ATOM   311  N  N     . LEU A 1 39  ? 11.228  -8.291  7.356   1.00 16.31 ? 41  LEU A N     1 
ATOM   312  C  CA    . LEU A 1 39  ? 11.318  -8.451  5.886   1.00 19.75 ? 41  LEU A CA    1 
ATOM   313  C  C     . LEU A 1 39  ? 12.040  -7.276  5.260   1.00 22.26 ? 41  LEU A C     1 
ATOM   314  O  O     . LEU A 1 39  ? 12.513  -7.401  4.139   1.00 23.47 ? 41  LEU A O     1 
ATOM   315  C  CB    . LEU A 1 39  ? 9.979   -8.686  5.283   1.00 18.67 ? 41  LEU A CB    1 
ATOM   316  C  CG    . LEU A 1 39  ? 9.247   -9.944  5.774   1.00 23.46 ? 41  LEU A CG    1 
ATOM   317  C  CD1   . LEU A 1 39  ? 7.966   -10.083 4.989   1.00 27.26 ? 41  LEU A CD1   1 
ATOM   318  C  CD2   . LEU A 1 39  ? 10.102  -11.206 5.574   1.00 27.30 ? 41  LEU A CD2   1 
ATOM   319  N  N     . PHE A 1 40  ? 12.184  -6.173  5.994   1.00 19.67 ? 42  PHE A N     1 
ATOM   320  C  CA    . PHE A 1 40  ? 12.848  -4.976  5.495   1.00 21.47 ? 42  PHE A CA    1 
ATOM   321  C  C     . PHE A 1 40  ? 14.267  -5.016  5.854   1.00 29.41 ? 42  PHE A C     1 
ATOM   322  O  O     . PHE A 1 40  ? 14.664  -4.443  6.890   1.00 29.58 ? 42  PHE A O     1 
ATOM   323  C  CB    . PHE A 1 40  ? 12.271  -3.702  6.083   1.00 23.22 ? 42  PHE A CB    1 
ATOM   324  C  CG    . PHE A 1 40  ? 10.953  -3.415  5.599   1.00 24.47 ? 42  PHE A CG    1 
ATOM   325  C  CD1   . PHE A 1 40  ? 10.772  -2.814  4.329   1.00 22.67 ? 42  PHE A CD1   1 
ATOM   326  C  CD2   . PHE A 1 40  ? 9.870   -3.841  6.284   1.00 19.80 ? 42  PHE A CD2   1 
ATOM   327  C  CE1   . PHE A 1 40  ? 9.491   -2.594  3.906   1.00 23.78 ? 42  PHE A CE1   1 
ATOM   328  C  CE2   . PHE A 1 40  ? 8.567   -3.683  5.834   1.00 23.95 ? 42  PHE A CE2   1 
ATOM   329  C  CZ    . PHE A 1 40  ? 8.380   -3.041  4.599   1.00 23.66 ? 42  PHE A CZ    1 
ATOM   330  N  N     . GLN A 1 41  ? 15.052  -5.642  4.975   1.00 25.48 ? 43  GLN A N     1 
ATOM   331  C  CA    . GLN A 1 41  ? 16.426  -5.937  5.236   1.00 32.36 ? 43  GLN A CA    1 
ATOM   332  C  C     . GLN A 1 41  ? 17.220  -4.990  4.365   1.00 38.40 ? 43  GLN A C     1 
ATOM   333  O  O     . GLN A 1 41  ? 17.046  -4.978  3.137   1.00 48.45 ? 43  GLN A O     1 
ATOM   334  C  CB    . GLN A 1 41  ? 16.725  -7.390  4.815   1.00 40.86 ? 43  GLN A CB    1 
ATOM   335  C  CG    . GLN A 1 41  ? 16.211  -8.403  5.803   1.00 51.45 ? 43  GLN A CG    1 
ATOM   336  C  CD    . GLN A 1 41  ? 16.783  -8.163  7.186   1.00 62.59 ? 43  GLN A CD    1 
ATOM   337  O  OE1   . GLN A 1 41  ? 18.001  -8.034  7.352   1.00 78.42 ? 43  GLN A OE1   1 
ATOM   338  N  NE2   . GLN A 1 41  ? 15.906  -8.072  8.183   1.00 54.48 ? 43  GLN A NE2   1 
ATOM   339  N  N     . TYR A 1 42  ? 17.904  -4.074  5.040   1.00 29.80 ? 44  TYR A N     1 
ATOM   340  C  CA    . TYR A 1 42  ? 18.705  -3.032  4.433   1.00 35.26 ? 44  TYR A CA    1 
ATOM   341  C  C     . TYR A 1 42  ? 20.015  -3.165  5.204   1.00 46.30 ? 44  TYR A C     1 
ATOM   342  O  O     . TYR A 1 42  ? 19.995  -3.198  6.457   1.00 43.31 ? 44  TYR A O     1 
ATOM   343  C  CB    . TYR A 1 42  ? 18.087  -1.670  4.760   1.00 32.73 ? 44  TYR A CB    1 
ATOM   344  C  CG    . TYR A 1 42  ? 16.729  -1.490  4.121   1.00 25.24 ? 44  TYR A CG    1 
ATOM   345  C  CD1   . TYR A 1 42  ? 16.587  -1.573  2.751   1.00 21.32 ? 44  TYR A CD1   1 
ATOM   346  C  CD2   . TYR A 1 42  ? 15.585  -1.204  4.892   1.00 23.91 ? 44  TYR A CD2   1 
ATOM   347  C  CE1   . TYR A 1 42  ? 15.337  -1.446  2.185   1.00 21.51 ? 44  TYR A CE1   1 
ATOM   348  C  CE2   . TYR A 1 42  ? 14.340  -1.025  4.300   1.00 23.66 ? 44  TYR A CE2   1 
ATOM   349  C  CZ    . TYR A 1 42  ? 14.235  -1.142  2.947   1.00 23.07 ? 44  TYR A CZ    1 
ATOM   350  O  OH    . TYR A 1 42  ? 12.996  -1.023  2.368   1.00 23.52 ? 44  TYR A OH    1 
ATOM   351  N  N     . ASN A 1 43  ? 21.128  -3.235  4.472   1.00 60.20 ? 45  ASN A N     1 
ATOM   352  C  CA    . ASN A 1 43  ? 22.459  -3.485  5.073   1.00 64.52 ? 45  ASN A CA    1 
ATOM   353  C  C     . ASN A 1 43  ? 22.442  -4.778  5.891   1.00 54.64 ? 45  ASN A C     1 
ATOM   354  O  O     . ASN A 1 43  ? 22.956  -4.821  6.998   1.00 63.57 ? 45  ASN A O     1 
ATOM   355  C  CB    . ASN A 1 43  ? 22.899  -2.302  5.960   1.00 76.35 ? 45  ASN A CB    1 
ATOM   356  C  CG    . ASN A 1 43  ? 22.819  -0.964  5.245   1.00 84.53 ? 45  ASN A CG    1 
ATOM   357  O  OD1   . ASN A 1 43  ? 23.766  -0.551  4.573   1.00 81.87 ? 45  ASN A OD1   1 
ATOM   358  N  ND2   . ASN A 1 43  ? 21.687  -0.271  5.399   1.00 81.18 ? 45  ASN A ND2   1 
ATOM   359  N  N     . GLY A 1 44  ? 21.767  -5.797  5.359   1.00 68.34 ? 46  GLY A N     1 
ATOM   360  C  CA    . GLY A 1 44  ? 21.658  -7.117  5.993   1.00 64.09 ? 46  GLY A CA    1 
ATOM   361  C  C     . GLY A 1 44  ? 21.121  -7.178  7.424   1.00 58.14 ? 46  GLY A C     1 
ATOM   362  O  O     . GLY A 1 44  ? 21.146  -8.247  8.047   1.00 73.84 ? 46  GLY A O     1 
ATOM   363  N  N     . ARG A 1 45  ? 20.645  -6.043  7.944   1.00 38.97 ? 47  ARG A N     1 
ATOM   364  C  CA    . ARG A 1 45  ? 20.226  -5.925  9.360   1.00 34.21 ? 47  ARG A CA    1 
ATOM   365  C  C     . ARG A 1 45  ? 18.696  -5.863  9.456   1.00 29.17 ? 47  ARG A C     1 
ATOM   366  O  O     . ARG A 1 45  ? 18.037  -5.404  8.488   1.00 27.42 ? 47  ARG A O     1 
ATOM   367  C  CB    . ARG A 1 45  ? 20.825  -4.671  10.015  1.00 42.46 ? 47  ARG A CB    1 
ATOM   368  C  CG    . ARG A 1 45  ? 22.310  -4.781  10.334  1.00 61.01 ? 47  ARG A CG    1 
ATOM   369  C  CD    . ARG A 1 45  ? 22.866  -3.529  11.012  1.00 78.94 ? 47  ARG A CD    1 
ATOM   370  N  NE    . ARG A 1 45  ? 22.715  -2.312  10.206  1.00 84.05 ? 47  ARG A NE    1 
ATOM   371  C  CZ    . ARG A 1 45  ? 22.160  -1.182  10.643  1.00 88.03 ? 47  ARG A CZ    1 
ATOM   372  N  NH1   . ARG A 1 45  ? 21.703  -1.092  11.889  1.00 82.39 ? 47  ARG A NH1   1 
ATOM   373  N  NH2   . ARG A 1 45  ? 22.072  -0.130  9.837   1.00 81.68 ? 47  ARG A NH2   1 
ATOM   374  N  N     . GLN A 1 46  ? 18.167  -6.369  10.585  1.00 24.90 ? 48  GLN A N     1 
ATOM   375  C  CA    . GLN A 1 46  ? 16.731  -6.335  10.922  1.00 21.53 ? 48  GLN A CA    1 
ATOM   376  C  C     . GLN A 1 46  ? 16.400  -5.166  11.866  1.00 21.84 ? 48  GLN A C     1 
ATOM   377  O  O     . GLN A 1 46  ? 17.115  -4.856  12.834  1.00 25.87 ? 48  GLN A O     1 
ATOM   378  C  CB    . GLN A 1 46  ? 16.463  -7.640  11.684  1.00 25.89 ? 48  GLN A CB    1 
ATOM   379  C  CG    . GLN A 1 46  ? 15.071  -8.130  11.759  1.00 31.93 ? 48  GLN A CG    1 
ATOM   380  C  CD    . GLN A 1 46  ? 15.020  -9.620  12.155  1.00 22.93 ? 48  GLN A CD    1 
ATOM   381  O  OE1   . GLN A 1 46  ? 15.711  -10.498 11.553  1.00 33.32 ? 48  GLN A OE1   1 
ATOM   382  N  NE2   . GLN A 1 46  ? 14.114  -9.933  13.040  1.00 30.74 ? 48  GLN A NE2   1 
ATOM   383  N  N     . PHE A 1 47  ? 15.281  -4.498  11.620  1.00 16.56 ? 49  PHE A N     1 
ATOM   384  C  CA    . PHE A 1 47  ? 14.765  -3.563  12.623  1.00 14.07 ? 49  PHE A CA    1 
ATOM   385  C  C     . PHE A 1 47  ? 14.223  -4.335  13.801  1.00 15.67 ? 49  PHE A C     1 
ATOM   386  O  O     . PHE A 1 47  ? 13.517  -5.323  13.668  1.00 17.55 ? 49  PHE A O     1 
ATOM   387  C  CB    . PHE A 1 47  ? 13.588  -2.853  12.043  1.00 16.46 ? 49  PHE A CB    1 
ATOM   388  C  CG    . PHE A 1 47  ? 13.954  -2.042  10.813  1.00 15.74 ? 49  PHE A CG    1 
ATOM   389  C  CD1   . PHE A 1 47  ? 14.966  -1.119  10.890  1.00 16.64 ? 49  PHE A CD1   1 
ATOM   390  C  CD2   . PHE A 1 47  ? 13.160  -2.119  9.698   1.00 16.34 ? 49  PHE A CD2   1 
ATOM   391  C  CE1   . PHE A 1 47  ? 15.286  -0.313  9.798   1.00 17.06 ? 49  PHE A CE1   1 
ATOM   392  C  CE2   . PHE A 1 47  ? 13.460  -1.320  8.577   1.00 14.38 ? 49  PHE A CE2   1 
ATOM   393  C  CZ    . PHE A 1 47  ? 14.499  -0.433  8.655   1.00 14.92 ? 49  PHE A CZ    1 
ATOM   394  N  N     . SER A 1 48  ? 14.633  -3.888  14.990  1.00 14.63 ? 50  SER A N     1 
ATOM   395  C  CA    . SER A 1 48  ? 14.151  -4.545  16.205  1.00 14.02 ? 50  SER A CA    1 
ATOM   396  C  C     . SER A 1 48  ? 12.769  -4.180  16.560  1.00 16.09 ? 50  SER A C     1 
ATOM   397  O  O     . SER A 1 48  ? 11.953  -4.991  16.938  1.00 16.60 ? 50  SER A O     1 
ATOM   398  C  CB    . SER A 1 48  ? 15.036  -4.130  17.394  1.00 17.13 ? 50  SER A CB    1 
ATOM   399  O  OG    . SER A 1 48  ? 16.298  -4.838  17.266  1.00 25.73 ? 50  SER A OG    1 
ATOM   400  N  N     . SER A 1 49  ? 12.454  -2.882  16.408  1.00 16.76 ? 51  SER A N     1 
ATOM   401  C  CA    . SER A 1 49  ? 11.137  -2.376  16.832  1.00 13.84 ? 51  SER A CA    1 
ATOM   402  C  C     . SER A 1 49  ? 10.578  -1.524  15.684  1.00 14.65 ? 51  SER A C     1 
ATOM   403  O  O     . SER A 1 49  ? 11.297  -1.086  14.785  1.00 14.64 ? 51  SER A O     1 
ATOM   404  C  CB    . SER A 1 49  ? 11.296  -1.421  18.062  1.00 17.85 ? 51  SER A CB    1 
ATOM   405  O  OG    A SER A 1 49  ? 11.787  -2.098  19.196  0.50 17.74 ? 51  SER A OG    1 
ATOM   406  O  OG    B SER A 1 49  ? 12.050  -0.253  17.713  0.50 13.08 ? 51  SER A OG    1 
ATOM   407  N  N     . PRO A 1 50  ? 9.260   -1.373  15.679  1.00 15.97 ? 52  PRO A N     1 
ATOM   408  C  CA    . PRO A 1 50  ? 8.707   -0.619  14.596  1.00 17.42 ? 52  PRO A CA    1 
ATOM   409  C  C     . PRO A 1 50  ? 9.238   0.778   14.536  1.00 15.52 ? 52  PRO A C     1 
ATOM   410  O  O     . PRO A 1 50  ? 9.470   1.292   13.446  1.00 16.79 ? 52  PRO A O     1 
ATOM   411  C  CB    . PRO A 1 50  ? 7.208   -0.612  14.910  1.00 20.10 ? 52  PRO A CB    1 
ATOM   412  C  CG    . PRO A 1 50  ? 7.022   -1.872  15.662  1.00 20.08 ? 52  PRO A CG    1 
ATOM   413  C  CD    . PRO A 1 50  ? 8.240   -1.987  16.538  1.00 18.74 ? 52  PRO A CD    1 
ATOM   414  N  N     . GLU A 1 51  ? 9.530   1.436   15.677  1.00 13.93 ? 53  GLU A N     1 
ATOM   415  C  CA    . GLU A 1 51  ? 10.035  2.783   15.576  1.00 15.48 ? 53  GLU A CA    1 
ATOM   416  C  C     . GLU A 1 51  ? 11.414  2.814   14.954  1.00 14.62 ? 53  GLU A C     1 
ATOM   417  O  O     . GLU A 1 51  ? 11.827  3.804   14.379  1.00 15.14 ? 53  GLU A O     1 
ATOM   418  C  CB    . GLU A 1 51  ? 10.024  3.475   16.963  1.00 16.14 ? 53  GLU A CB    1 
ATOM   419  C  CG    . GLU A 1 51  ? 10.964  2.900   18.009  1.00 16.91 ? 53  GLU A CG    1 
ATOM   420  C  CD    . GLU A 1 51  ? 10.242  1.839   18.872  1.00 16.43 ? 53  GLU A CD    1 
ATOM   421  O  OE1   . GLU A 1 51  ? 9.184   1.268   18.424  1.00 14.55 ? 53  GLU A OE1   1 
ATOM   422  O  OE2   . GLU A 1 51  ? 10.753  1.618   19.978  1.00 15.77 ? 53  GLU A OE2   1 
ATOM   423  N  N     . ASP A 1 52  ? 12.190  1.719   15.015  1.00 12.74 ? 54  ASP A N     1 
ATOM   424  C  CA    . ASP A 1 52  ? 13.420  1.697   14.269  1.00 13.86 ? 54  ASP A CA    1 
ATOM   425  C  C     . ASP A 1 52  ? 13.208  1.909   12.786  1.00 13.66 ? 54  ASP A C     1 
ATOM   426  O  O     . ASP A 1 52  ? 14.098  2.533   12.148  1.00 15.71 ? 54  ASP A O     1 
ATOM   427  C  CB    . ASP A 1 52  ? 14.065  0.308   14.462  1.00 15.76 ? 54  ASP A CB    1 
ATOM   428  C  CG    . ASP A 1 52  ? 14.591  0.099   15.844  1.00 18.76 ? 54  ASP A CG    1 
ATOM   429  O  OD1   . ASP A 1 52  ? 15.084  1.025   16.517  1.00 20.19 ? 54  ASP A OD1   1 
ATOM   430  O  OD2   . ASP A 1 52  ? 14.592  -1.040  16.247  1.00 20.90 ? 54  ASP A OD2   1 
ATOM   431  N  N     . SER A 1 53  ? 12.103  1.399   12.212  1.00 13.72 ? 55  SER A N     1 
ATOM   432  C  CA    . SER A 1 53  ? 11.947  1.444   10.738  1.00 12.60 ? 55  SER A CA    1 
ATOM   433  C  C     . SER A 1 53  ? 11.823  2.935   10.392  1.00 13.86 ? 55  SER A C     1 
ATOM   434  O  O     . SER A 1 53  ? 12.173  3.300   9.302   1.00 14.17 ? 55  SER A O     1 
ATOM   435  C  CB    . SER A 1 53  ? 10.672  0.701   10.311  1.00 13.89 ? 55  SER A CB    1 
ATOM   436  O  OG    . SER A 1 53  ? 9.495   1.268   10.823  1.00 13.92 ? 55  SER A OG    1 
ATOM   437  N  N     . LEU A 1 54  ? 11.257  3.717   11.291  1.00 14.95 ? 56  LEU A N     1 
ATOM   438  C  CA    . LEU A 1 54  ? 10.929  5.108   10.928  1.00 14.63 ? 56  LEU A CA    1 
ATOM   439  C  C     . LEU A 1 54  ? 12.195  5.941   10.868  1.00 15.33 ? 56  LEU A C     1 
ATOM   440  O  O     . LEU A 1 54  ? 12.139  7.090   10.466  1.00 14.99 ? 56  LEU A O     1 
ATOM   441  C  CB    . LEU A 1 54  ? 9.949   5.702   11.914  1.00 15.08 ? 56  LEU A CB    1 
ATOM   442  C  CG    . LEU A 1 54  ? 8.653   4.940   11.846  1.00 16.43 ? 56  LEU A CG    1 
ATOM   443  C  CD1   . LEU A 1 54  ? 7.649   5.568   12.799  1.00 17.20 ? 56  LEU A CD1   1 
ATOM   444  C  CD2   . LEU A 1 54  ? 8.016   4.965   10.488  1.00 19.80 ? 56  LEU A CD2   1 
ATOM   445  N  N     . SER A 1 55  ? 13.309  5.433   11.407  1.00 16.26 ? 57  SER A N     1 
ATOM   446  C  CA    . SER A 1 55  ? 14.555  6.175   11.370  1.00 17.42 ? 57  SER A CA    1 
ATOM   447  C  C     . SER A 1 55  ? 15.413  5.764   10.175  1.00 16.63 ? 57  SER A C     1 
ATOM   448  O  O     . SER A 1 55  ? 16.539  6.254   10.048  1.00 21.97 ? 57  SER A O     1 
ATOM   449  C  CB    . SER A 1 55  ? 15.385  5.959   12.687  1.00 18.69 ? 57  SER A CB    1 
ATOM   450  O  OG    . SER A 1 55  ? 15.854  4.605   12.725  1.00 19.37 ? 57  SER A OG    1 
ATOM   451  N  N     . SER A 1 56  ? 14.945  4.827   9.342   1.00 15.11 ? 58  SER A N     1 
ATOM   452  C  CA    . SER A 1 56  ? 15.739  4.282   8.268   1.00 15.96 ? 58  SER A CA    1 
ATOM   453  C  C     . SER A 1 56  ? 15.371  4.991   6.981   1.00 16.89 ? 58  SER A C     1 
ATOM   454  O  O     . SER A 1 56  ? 14.259  4.936   6.529   1.00 15.51 ? 58  SER A O     1 
ATOM   455  C  CB    . SER A 1 56  ? 15.372  2.838   8.081   1.00 17.10 ? 58  SER A CB    1 
ATOM   456  O  OG    . SER A 1 56  ? 15.775  2.293   6.797   1.00 17.07 ? 58  SER A OG    1 
ATOM   457  N  N     . PRO A 1 57  ? 16.332  5.669   6.369   1.00 19.31 ? 59  PRO A N     1 
ATOM   458  C  CA    . PRO A 1 57  ? 16.030  6.317   5.075   1.00 21.64 ? 59  PRO A CA    1 
ATOM   459  C  C     . PRO A 1 57  ? 15.530  5.342   3.994   1.00 15.78 ? 59  PRO A C     1 
ATOM   460  O  O     . PRO A 1 57  ? 14.620  5.704   3.238   1.00 19.22 ? 59  PRO A O     1 
ATOM   461  C  CB    . PRO A 1 57  ? 17.402  6.902   4.672   1.00 23.24 ? 59  PRO A CB    1 
ATOM   462  C  CG    . PRO A 1 57  ? 18.143  7.053   5.963   1.00 30.85 ? 59  PRO A CG    1 
ATOM   463  C  CD    . PRO A 1 57  ? 17.702  5.902   6.849   1.00 19.35 ? 59  PRO A CD    1 
ATOM   464  N  N     . GLU A 1 58  ? 16.041  4.107   3.940   1.00 16.57 ? 60  GLU A N     1 
ATOM   465  C  CA    . GLU A 1 58  ? 15.627  3.141   2.939   1.00 17.14 ? 60  GLU A CA    1 
ATOM   466  C  C     . GLU A 1 58  ? 14.184  2.770   3.200   1.00 16.93 ? 60  GLU A C     1 
ATOM   467  O  O     . GLU A 1 58  ? 13.386  2.594   2.267   1.00 16.61 ? 60  GLU A O     1 
ATOM   468  C  CB    . GLU A 1 58  ? 16.465  1.884   2.983   1.00 22.02 ? 60  GLU A CB    1 
ATOM   469  C  CG    . GLU A 1 58  ? 17.858  2.169   2.456   1.00 25.40 ? 60  GLU A CG    1 
ATOM   470  C  CD    . GLU A 1 58  ? 18.847  2.205   3.574   1.00 33.65 ? 60  GLU A CD    1 
ATOM   471  O  OE1   . GLU A 1 58  ? 18.580  2.818   4.683   1.00 30.82 ? 60  GLU A OE1   1 
ATOM   472  O  OE2   . GLU A 1 58  ? 19.823  1.465   3.353   1.00 42.62 ? 60  GLU A OE2   1 
ATOM   473  N  N     . PHE A 1 59  ? 13.843  2.598   4.487   1.00 15.64 ? 61  PHE A N     1 
ATOM   474  C  CA    . PHE A 1 59  ? 12.461  2.255   4.743   1.00 14.24 ? 61  PHE A CA    1 
ATOM   475  C  C     . PHE A 1 59  ? 11.521  3.388   4.382   1.00 13.26 ? 61  PHE A C     1 
ATOM   476  O  O     . PHE A 1 59  ? 10.448  3.176   3.864   1.00 13.67 ? 61  PHE A O     1 
ATOM   477  C  CB    . PHE A 1 59  ? 12.299  1.962   6.275   1.00 13.16 ? 61  PHE A CB    1 
ATOM   478  C  CG    . PHE A 1 59  ? 10.891  1.544   6.605   1.00 12.96 ? 61  PHE A CG    1 
ATOM   479  C  CD1   . PHE A 1 59  ? 10.510  0.197   6.428   1.00 13.13 ? 61  PHE A CD1   1 
ATOM   480  C  CD2   . PHE A 1 59  ? 10.049  2.449   7.257   1.00 12.71 ? 61  PHE A CD2   1 
ATOM   481  C  CE1   . PHE A 1 59  ? 9.221   -0.181  6.754   1.00 13.12 ? 61  PHE A CE1   1 
ATOM   482  C  CE2   . PHE A 1 59  ? 8.751   2.078   7.536   1.00 12.84 ? 61  PHE A CE2   1 
ATOM   483  C  CZ    . PHE A 1 59  ? 8.350   0.766   7.308   1.00 15.00 ? 61  PHE A CZ    1 
ATOM   484  N  N     . LEU A 1 60  ? 11.920  4.601   4.741   1.00 13.02 ? 62  LEU A N     1 
ATOM   485  C  CA    . LEU A 1 60  ? 11.074  5.731   4.403   1.00 12.65 ? 62  LEU A CA    1 
ATOM   486  C  C     . LEU A 1 60  ? 11.004  5.853   2.846   1.00 15.66 ? 62  LEU A C     1 
ATOM   487  O  O     . LEU A 1 60  ? 9.948   6.142   2.294   1.00 14.73 ? 62  LEU A O     1 
ATOM   488  C  CB    . LEU A 1 60  ? 11.678  7.008   4.990   1.00 15.61 ? 62  LEU A CB    1 
ATOM   489  C  CG    . LEU A 1 60  ? 11.697  7.044   6.554   1.00 14.50 ? 62  LEU A CG    1 
ATOM   490  C  CD1   . LEU A 1 60  ? 12.313  8.374   7.021   1.00 19.16 ? 62  LEU A CD1   1 
ATOM   491  C  CD2   . LEU A 1 60  ? 10.289  6.887   7.140   1.00 15.57 ? 62  LEU A CD2   1 
ATOM   492  N  N     . ASP A 1 61  ? 12.093  5.509   2.177   1.00 15.40 ? 63  ASP A N     1 
ATOM   493  C  CA    . ASP A 1 61  ? 12.003  5.490   0.707   1.00 15.45 ? 63  ASP A CA    1 
ATOM   494  C  C     . ASP A 1 61  ? 11.052  4.440   0.188   1.00 15.32 ? 63  ASP A C     1 
ATOM   495  O  O     . ASP A 1 61  ? 10.292  4.671   -0.792  1.00 16.65 ? 63  ASP A O     1 
ATOM   496  C  CB    . ASP A 1 61  ? 13.382  5.236   0.107   1.00 16.15 ? 63  ASP A CB    1 
ATOM   497  C  CG    . ASP A 1 61  ? 14.278  6.449   0.198   1.00 22.81 ? 63  ASP A CG    1 
ATOM   498  O  OD1   . ASP A 1 61  ? 13.814  7.592   0.344   1.00 28.83 ? 63  ASP A OD1   1 
ATOM   499  O  OD2   . ASP A 1 61  ? 15.470  6.194   0.135   1.00 30.05 ? 63  ASP A OD2   1 
ATOM   500  N  N     . HIS A 1 62  ? 10.977  3.301   0.862   1.00 15.07 ? 64  HIS A N     1 
ATOM   501  C  CA    . HIS A 1 62  ? 9.979   2.328   0.470   1.00 13.88 ? 64  HIS A CA    1 
ATOM   502  C  C     . HIS A 1 62  ? 8.553   2.856   0.701   1.00 13.41 ? 64  HIS A C     1 
ATOM   503  O  O     . HIS A 1 62  ? 7.675   2.563   -0.079  1.00 15.11 ? 64  HIS A O     1 
ATOM   504  C  CB    . HIS A 1 62  ? 10.249  0.997   1.190   1.00 15.89 ? 64  HIS A CB    1 
ATOM   505  C  CG    . HIS A 1 62  ? 9.225   -0.051  0.898   1.00 16.24 ? 64  HIS A CG    1 
ATOM   506  N  ND1   . HIS A 1 62  ? 8.081   -0.221  1.667   1.00 14.42 ? 64  HIS A ND1   1 
ATOM   507  C  CD2   . HIS A 1 62  ? 9.132   -0.951  -0.123  1.00 15.29 ? 64  HIS A CD2   1 
ATOM   508  C  CE1   . HIS A 1 62  ? 7.352   -1.209  1.150   1.00 15.54 ? 64  HIS A CE1   1 
ATOM   509  N  NE2   . HIS A 1 62  ? 7.971   -1.681  0.069   1.00 15.26 ? 64  HIS A NE2   1 
ATOM   510  N  N     . ILE A 1 63  ? 8.344   3.643   1.796   1.00 12.78 ? 65  ILE A N     1 
ATOM   511  C  CA    . ILE A 1 63  ? 7.054   4.266   1.985   1.00 12.37 ? 65  ILE A CA    1 
ATOM   512  C  C     . ILE A 1 63  ? 6.721   5.134   0.759   1.00 13.50 ? 65  ILE A C     1 
ATOM   513  O  O     . ILE A 1 63  ? 5.610   5.055   0.202   1.00 15.52 ? 65  ILE A O     1 
ATOM   514  C  CB    . ILE A 1 63  ? 6.963   5.130   3.260   1.00 15.04 ? 65  ILE A CB    1 
ATOM   515  C  CG1   . ILE A 1 63  ? 7.133   4.238   4.469   1.00 14.88 ? 65  ILE A CG1   1 
ATOM   516  C  CG2   . ILE A 1 63  ? 5.566   5.759   3.302   1.00 16.35 ? 65  ILE A CG2   1 
ATOM   517  C  CD1   . ILE A 1 63  ? 7.032   5.040   5.777   1.00 16.13 ? 65  ILE A CD1   1 
ATOM   518  N  N     . ARG A 1 64  ? 7.701   5.917   0.328   1.00 15.24 ? 66  ARG A N     1 
ATOM   519  C  CA    . ARG A 1 64  ? 7.412   6.790   -0.830  1.00 16.72 ? 66  ARG A CA    1 
ATOM   520  C  C     . ARG A 1 64  ? 7.114   5.924   -2.063  1.00 14.32 ? 66  ARG A C     1 
ATOM   521  O  O     . ARG A 1 64  ? 6.232   6.305   -2.875  1.00 17.68 ? 66  ARG A O     1 
ATOM   522  C  CB    . ARG A 1 64  ? 8.644   7.691   -1.057  1.00 16.96 ? 66  ARG A CB    1 
ATOM   523  C  CG    A ARG A 1 64  ? 8.686   8.779   0.049   0.60 15.19 ? 66  ARG A CG    1 
ATOM   524  C  CG    B ARG A 1 64  ? 9.107   8.575   0.104   0.40 16.62 ? 66  ARG A CG    1 
ATOM   525  C  CD    A ARG A 1 64  ? 9.754   9.819   -0.285  0.60 15.59 ? 66  ARG A CD    1 
ATOM   526  C  CD    B ARG A 1 64  ? 10.368  9.373   -0.285  0.40 15.56 ? 66  ARG A CD    1 
ATOM   527  N  NE    A ARG A 1 64  ? 10.049  10.732  0.853   0.60 17.82 ? 66  ARG A NE    1 
ATOM   528  N  NE    B ARG A 1 64  ? 10.619  10.442  0.697   0.40 17.19 ? 66  ARG A NE    1 
ATOM   529  C  CZ    A ARG A 1 64  ? 9.339   11.808  1.143   0.60 18.60 ? 66  ARG A CZ    1 
ATOM   530  C  CZ    B ARG A 1 64  ? 11.468  10.400  1.704   0.40 20.46 ? 66  ARG A CZ    1 
ATOM   531  N  NH1   A ARG A 1 64  ? 9.704   12.589  2.183   0.60 25.63 ? 66  ARG A NH1   1 
ATOM   532  N  NH1   B ARG A 1 64  ? 11.528  11.451  2.534   0.40 26.91 ? 66  ARG A NH1   1 
ATOM   533  N  NH2   A ARG A 1 64  ? 8.261   12.115  0.470   0.60 17.81 ? 66  ARG A NH2   1 
ATOM   534  N  NH2   B ARG A 1 64  ? 12.276  9.358   1.863   0.40 19.40 ? 66  ARG A NH2   1 
ATOM   535  N  N     . LYS A 1 65  ? 7.822   4.795   -2.245  1.00 16.03 ? 67  LYS A N     1 
ATOM   536  C  CA    . LYS A 1 65  ? 7.631   3.867   -3.425  1.00 16.89 ? 67  LYS A CA    1 
ATOM   537  C  C     . LYS A 1 65  ? 6.222   3.280   -3.364  1.00 18.33 ? 67  LYS A C     1 
ATOM   538  O  O     . LYS A 1 65  ? 5.501   3.199   -4.362  1.00 19.40 ? 67  LYS A O     1 
ATOM   539  C  CB    . LYS A 1 65  ? 8.627   2.661   -3.388  1.00 19.73 ? 67  LYS A CB    1 
ATOM   540  C  CG    . LYS A 1 65  ? 10.055  3.052   -3.565  1.00 23.46 ? 67  LYS A CG    1 
ATOM   541  C  CD    . LYS A 1 65  ? 10.831  1.794   -3.260  1.00 22.63 ? 67  LYS A CD    1 
ATOM   542  C  CE    . LYS A 1 65  ? 12.252  2.207   -3.125  1.00 30.50 ? 67  LYS A CE    1 
ATOM   543  N  NZ    . LYS A 1 65  ? 12.997  0.958   -3.260  1.00 23.19 ? 67  LYS A NZ    1 
ATOM   544  N  N     . VAL A 1 66  ? 5.782   2.894   -2.156  1.00 15.36 ? 68  VAL A N     1 
ATOM   545  C  CA    . VAL A 1 66  ? 4.446   2.368   -2.012  1.00 16.04 ? 68  VAL A CA    1 
ATOM   546  C  C     . VAL A 1 66  ? 3.447   3.412   -2.447  1.00 15.93 ? 68  VAL A C     1 
ATOM   547  O  O     . VAL A 1 66  ? 2.476   3.067   -3.213  1.00 18.14 ? 68  VAL A O     1 
ATOM   548  C  CB    . VAL A 1 66  ? 4.212   1.991   -0.511  1.00 15.11 ? 68  VAL A CB    1 
ATOM   549  C  CG1   . VAL A 1 66  ? 2.704   1.683   -0.318  1.00 18.05 ? 68  VAL A CG1   1 
ATOM   550  C  CG2   . VAL A 1 66  ? 5.083   0.802   -0.200  1.00 16.06 ? 68  VAL A CG2   1 
ATOM   551  N  N     . MET A 1 67  ? 3.603   4.650   -1.953  1.00 15.28 ? 69  MET A N     1 
ATOM   552  C  CA    . MET A 1 67  ? 2.664   5.653   -2.188  1.00 16.02 ? 69  MET A CA    1 
ATOM   553  C  C     . MET A 1 67  ? 2.645   5.943   -3.709  1.00 18.49 ? 69  MET A C     1 
ATOM   554  O  O     . MET A 1 67  ? 1.592   6.236   -4.254  1.00 19.47 ? 69  MET A O     1 
ATOM   555  C  CB    . MET A 1 67  ? 2.928   6.917   -1.364  1.00 20.98 ? 69  MET A CB    1 
ATOM   556  C  CG    . MET A 1 67  ? 2.796   6.741   0.185   1.00 17.33 ? 69  MET A CG    1 
ATOM   557  S  SD    . MET A 1 67  ? 1.235   6.033   0.709   1.00 19.80 ? 69  MET A SD    1 
ATOM   558  C  CE    . MET A 1 67  ? 0.405   7.532   0.847   1.00 18.23 ? 69  MET A CE    1 
ATOM   559  N  N     . LEU A 1 68  ? 3.818   5.850   -4.345  1.00 17.81 ? 70  LEU A N     1 
ATOM   560  C  CA    . LEU A 1 68  ? 3.815   6.024   -5.813  1.00 19.37 ? 70  LEU A CA    1 
ATOM   561  C  C     . LEU A 1 68  ? 3.144   4.891   -6.552  1.00 20.65 ? 70  LEU A C     1 
ATOM   562  O  O     . LEU A 1 68  ? 2.611   5.129   -7.662  1.00 23.70 ? 70  LEU A O     1 
ATOM   563  C  CB    . LEU A 1 68  ? 5.254   6.239   -6.285  1.00 18.88 ? 70  LEU A CB    1 
ATOM   564  C  CG    . LEU A 1 68  ? 5.723   7.660   -5.962  1.00 22.67 ? 70  LEU A CG    1 
ATOM   565  C  CD1   . LEU A 1 68  ? 7.237   7.734   -6.015  1.00 27.57 ? 70  LEU A CD1   1 
ATOM   566  C  CD2   . LEU A 1 68  ? 5.105   8.666   -6.935  1.00 26.26 ? 70  LEU A CD2   1 
ATOM   567  N  N     . VAL A 1 69  ? 3.190   3.659   -6.059  1.00 17.19 ? 71  VAL A N     1 
ATOM   568  C  CA    . VAL A 1 69  ? 2.482   2.584   -6.772  1.00 19.87 ? 71  VAL A CA    1 
ATOM   569  C  C     . VAL A 1 69  ? 0.996   2.808   -6.641  1.00 20.87 ? 71  VAL A C     1 
ATOM   570  O  O     . VAL A 1 69  ? 0.219   2.683   -7.613  1.00 21.91 ? 71  VAL A O     1 
ATOM   571  C  CB    . VAL A 1 69  ? 2.824   1.204   -6.214  1.00 18.00 ? 71  VAL A CB    1 
ATOM   572  C  CG1   . VAL A 1 69  ? 1.943   0.111   -6.862  1.00 18.40 ? 71  VAL A CG1   1 
ATOM   573  C  CG2   . VAL A 1 69  ? 4.272   0.864   -6.512  1.00 19.55 ? 71  VAL A CG2   1 
ATOM   574  N  N     . ILE A 1 70  ? 0.560   3.190   -5.429  1.00 18.51 ? 72  ILE A N     1 
ATOM   575  C  CA    . ILE A 1 70  ? -0.814  3.611   -5.271  1.00 19.79 ? 72  ILE A CA    1 
ATOM   576  C  C     . ILE A 1 70  ? -1.194  4.783   -6.173  1.00 20.09 ? 72  ILE A C     1 
ATOM   577  O  O     . ILE A 1 70  ? -2.259  4.776   -6.835  1.00 23.19 ? 72  ILE A O     1 
ATOM   578  C  CB    . ILE A 1 70  ? -1.143  3.948   -3.765  1.00 20.70 ? 72  ILE A CB    1 
ATOM   579  C  CG1   . ILE A 1 70  ? -0.947  2.682   -2.926  1.00 21.53 ? 72  ILE A CG1   1 
ATOM   580  C  CG2   . ILE A 1 70  ? -2.634  4.333   -3.701  1.00 22.34 ? 72  ILE A CG2   1 
ATOM   581  C  CD1   . ILE A 1 70  ? -0.924  2.934   -1.419  1.00 21.54 ? 72  ILE A CD1   1 
ATOM   582  N  N     . ASP A 1 71  ? -0.305  5.753   -6.276  1.00 20.42 ? 73  ASP A N     1 
ATOM   583  C  CA    . ASP A 1 71  ? -0.553  6.875   -7.163  1.00 21.48 ? 73  ASP A CA    1 
ATOM   584  C  C     . ASP A 1 71  ? -0.755  6.378   -8.626  1.00 22.03 ? 73  ASP A C     1 
ATOM   585  O  O     . ASP A 1 71  ? -1.666  6.878   -9.309  1.00 26.90 ? 73  ASP A O     1 
ATOM   586  C  CB    . ASP A 1 71  ? 0.656   7.784   -7.125  1.00 21.76 ? 73  ASP A CB    1 
ATOM   587  C  CG    . ASP A 1 71  ? 0.414   9.105   -7.758  1.00 27.14 ? 73  ASP A CG    1 
ATOM   588  O  OD1   . ASP A 1 71  ? -0.552  9.798   -7.443  1.00 26.19 ? 73  ASP A OD1   1 
ATOM   589  O  OD2   . ASP A 1 71  ? 1.296   9.488   -8.557  1.00 30.04 ? 73  ASP A OD2   1 
ATOM   590  N  N     . ALA A 1 72  ? 0.064   5.427   -9.059  1.00 19.75 ? 74  ALA A N     1 
ATOM   591  C  CA    . ALA A 1 72  ? -0.030  4.780   -10.423 1.00 19.94 ? 74  ALA A CA    1 
ATOM   592  C  C     . ALA A 1 72  ? -1.375  4.092   -10.590 1.00 23.17 ? 74  ALA A C     1 
ATOM   593  O  O     . ALA A 1 72  ? -2.051  4.226   -11.637 1.00 26.49 ? 74  ALA A O     1 
ATOM   594  C  CB    . ALA A 1 72  ? 1.105   3.768   -10.619 1.00 22.49 ? 74  ALA A CB    1 
ATOM   595  N  N     . ALA A 1 73  ? -1.816  3.397   -9.540  1.00 21.27 ? 75  ALA A N     1 
ATOM   596  C  CA    . ALA A 1 73  ? -3.149  2.808   -9.566  1.00 22.68 ? 75  ALA A CA    1 
ATOM   597  C  C     . ALA A 1 73  ? -4.226  3.827   -9.700  1.00 22.50 ? 75  ALA A C     1 
ATOM   598  O  O     . ALA A 1 73  ? -5.196  3.568   -10.428 1.00 26.88 ? 75  ALA A O     1 
ATOM   599  C  CB    . ALA A 1 73  ? -3.403  1.947   -8.332  1.00 19.74 ? 75  ALA A CB    1 
ATOM   600  N  N     . VAL A 1 74  ? -4.136  4.946   -8.967  1.00 22.16 ? 76  VAL A N     1 
ATOM   601  C  CA    . VAL A 1 74  ? -5.137  5.984   -8.984  1.00 23.71 ? 76  VAL A CA    1 
ATOM   602  C  C     . VAL A 1 74  ? -5.135  6.550   -10.417 1.00 29.67 ? 76  VAL A C     1 
ATOM   603  O  O     . VAL A 1 74  ? -6.186  6.692   -11.048 1.00 29.18 ? 76  VAL A O     1 
ATOM   604  C  CB    . VAL A 1 74  ? -4.867  7.106   -7.954  1.00 22.96 ? 76  VAL A CB    1 
ATOM   605  C  CG1   . VAL A 1 74  ? -5.835  8.273   -8.135  1.00 23.62 ? 76  VAL A CG1   1 
ATOM   606  C  CG2   . VAL A 1 74  ? -5.081  6.556   -6.507  1.00 20.25 ? 76  VAL A CG2   1 
ATOM   607  N  N     . THR A 1 75  ? -3.948  6.832   -10.932 1.00 27.10 ? 77  THR A N     1 
ATOM   608  C  CA    . THR A 1 75  ? -3.830  7.371   -12.294 1.00 26.58 ? 77  THR A CA    1 
ATOM   609  C  C     . THR A 1 75  ? -4.536  6.424   -13.267 1.00 31.46 ? 77  THR A C     1 
ATOM   610  O  O     . THR A 1 75  ? -5.149  6.885   -14.229 1.00 40.31 ? 77  THR A O     1 
ATOM   611  C  CB    . THR A 1 75  ? -2.350  7.658   -12.612 1.00 24.29 ? 77  THR A CB    1 
ATOM   612  O  OG1   . THR A 1 75  ? -1.913  8.770   -11.824 1.00 28.19 ? 77  THR A OG1   1 
ATOM   613  C  CG2   . THR A 1 75  ? -2.104  7.971   -14.137 1.00 32.96 ? 77  THR A CG2   1 
ATOM   614  N  N     . ASN A 1 76  ? -4.473  5.115   -13.033 1.00 33.33 ? 78  ASN A N     1 
ATOM   615  C  CA    . ASN A 1 76  ? -5.163  4.132   -13.886 1.00 30.59 ? 78  ASN A CA    1 
ATOM   616  C  C     . ASN A 1 76  ? -6.449  3.518   -13.346 1.00 28.27 ? 78  ASN A C     1 
ATOM   617  O  O     . ASN A 1 76  ? -6.757  2.360   -13.692 1.00 38.16 ? 78  ASN A O     1 
ATOM   618  C  CB    . ASN A 1 76  ? -4.191  3.029   -14.245 1.00 34.53 ? 78  ASN A CB    1 
ATOM   619  C  CG    . ASN A 1 76  ? -3.019  3.540   -15.069 1.00 34.91 ? 78  ASN A CG    1 
ATOM   620  O  OD1   . ASN A 1 76  ? -3.149  3.624   -16.283 1.00 41.01 ? 78  ASN A OD1   1 
ATOM   621  N  ND2   . ASN A 1 76  ? -1.927  3.982   -14.428 1.00 30.82 ? 78  ASN A ND2   1 
ATOM   622  N  N     . VAL A 1 77  ? -7.222  4.273   -12.587 1.00 31.18 ? 79  VAL A N     1 
ATOM   623  C  CA    . VAL A 1 77  ? -8.309  3.699   -11.757 1.00 32.82 ? 79  VAL A CA    1 
ATOM   624  C  C     . VAL A 1 77  ? -9.430  3.173   -12.665 1.00 39.22 ? 79  VAL A C     1 
ATOM   625  O  O     . VAL A 1 77  ? -10.179 2.291   -12.273 1.00 43.32 ? 79  VAL A O     1 
ATOM   626  C  CB    . VAL A 1 77  ? -8.835  4.714   -10.719 1.00 36.40 ? 79  VAL A CB    1 
ATOM   627  C  CG1   . VAL A 1 77  ? -9.440  5.937   -11.366 1.00 37.20 ? 79  VAL A CG1   1 
ATOM   628  C  CG2   . VAL A 1 77  ? -9.797  4.076   -9.719  1.00 37.52 ? 79  VAL A CG2   1 
ATOM   629  N  N     . GLU A 1 78  ? -9.478  3.704   -13.880 1.00 46.23 ? 80  GLU A N     1 
ATOM   630  C  CA    . GLU A 1 78  ? -10.437 3.312   -14.921 1.00 51.38 ? 80  GLU A CA    1 
ATOM   631  C  C     . GLU A 1 78  ? -9.961  2.094   -15.695 1.00 58.25 ? 80  GLU A C     1 
ATOM   632  O  O     . GLU A 1 78  ? -10.784 1.273   -16.127 1.00 65.77 ? 80  GLU A O     1 
ATOM   633  C  CB    . GLU A 1 78  ? -10.654 4.470   -15.897 1.00 50.56 ? 80  GLU A CB    1 
ATOM   634  C  CG    . GLU A 1 78  ? -11.161 5.743   -15.260 1.00 59.91 ? 80  GLU A CG    1 
ATOM   635  C  CD    . GLU A 1 78  ? -12.667 5.835   -15.278 1.00 69.36 ? 80  GLU A CD    1 
ATOM   636  O  OE1   . GLU A 1 78  ? -13.331 4.798   -15.510 1.00 77.77 ? 80  GLU A OE1   1 
ATOM   637  O  OE2   . GLU A 1 78  ? -13.180 6.949   -15.038 1.00 78.06 ? 80  GLU A OE2   1 
ATOM   638  N  N     . ASP A 1 79  ? -8.647  1.975   -15.893 1.00 52.20 ? 81  ASP A N     1 
ATOM   639  C  CA    . ASP A 1 79  ? -8.105  0.775   -16.522 1.00 57.68 ? 81  ASP A CA    1 
ATOM   640  C  C     . ASP A 1 79  ? -6.819  0.188   -15.942 1.00 49.10 ? 81  ASP A C     1 
ATOM   641  O  O     . ASP A 1 79  ? -5.725  0.377   -16.465 1.00 38.42 ? 81  ASP A O     1 
ATOM   642  C  CB    . ASP A 1 79  ? -7.998  0.923   -18.044 1.00 65.75 ? 81  ASP A CB    1 
ATOM   643  C  CG    . ASP A 1 79  ? -8.189  -0.408  -18.766 1.00 68.96 ? 81  ASP A CG    1 
ATOM   644  O  OD1   . ASP A 1 79  ? -7.744  -1.445  -18.231 1.00 66.18 ? 81  ASP A OD1   1 
ATOM   645  O  OD2   . ASP A 1 79  ? -8.834  -0.429  -19.840 1.00 76.58 ? 81  ASP A OD2   1 
ATOM   646  N  N     . LEU A 1 80  ? -6.984  -0.664  -14.949 1.00 41.15 ? 82  LEU A N     1 
ATOM   647  C  CA    . LEU A 1 80  ? -5.827  -1.237  -14.273 1.00 41.68 ? 82  LEU A CA    1 
ATOM   648  C  C     . LEU A 1 80  ? -5.092  -2.247  -15.113 1.00 41.32 ? 82  LEU A C     1 
ATOM   649  O  O     . LEU A 1 80  ? -3.973  -2.622  -14.786 1.00 36.35 ? 82  LEU A O     1 
ATOM   650  C  CB    . LEU A 1 80  ? -6.240  -1.866  -12.940 1.00 38.82 ? 82  LEU A CB    1 
ATOM   651  C  CG    . LEU A 1 80  ? -6.674  -0.777  -11.971 1.00 43.21 ? 82  LEU A CG    1 
ATOM   652  C  CD1   . LEU A 1 80  ? -7.426  -1.424  -10.813 1.00 51.82 ? 82  LEU A CD1   1 
ATOM   653  C  CD2   . LEU A 1 80  ? -5.482  0.098   -11.510 1.00 36.97 ? 82  LEU A CD2   1 
ATOM   654  N  N     . SER A 1 81  ? -5.712  -2.714  -16.205 1.00 36.67 ? 83  SER A N     1 
ATOM   655  C  CA    . SER A 1 81  ? -5.049  -3.689  -17.012 1.00 35.94 ? 83  SER A CA    1 
ATOM   656  C  C     . SER A 1 81  ? -3.696  -3.153  -17.515 1.00 29.16 ? 83  SER A C     1 
ATOM   657  O  O     . SER A 1 81  ? -2.745  -3.924  -17.703 1.00 34.91 ? 83  SER A O     1 
ATOM   658  C  CB    . SER A 1 81  ? -5.969  -4.167  -18.170 1.00 38.72 ? 83  SER A CB    1 
ATOM   659  O  OG    . SER A 1 81  ? -6.205  -3.142  -19.118 1.00 41.81 ? 83  SER A OG    1 
ATOM   660  N  N     . SER A 1 82  ? -3.595  -1.834  -17.687 1.00 32.72 ? 84  SER A N     1 
ATOM   661  C  CA    . SER A 1 82  ? -2.292  -1.229  -18.025 1.00 34.40 ? 84  SER A CA    1 
ATOM   662  C  C     . SER A 1 82  ? -1.162  -1.423  -16.982 1.00 36.86 ? 84  SER A C     1 
ATOM   663  O  O     . SER A 1 82  ? 0.009   -1.244  -17.293 1.00 31.22 ? 84  SER A O     1 
ATOM   664  C  CB    . SER A 1 82  ? -2.469  0.257   -18.309 1.00 41.01 ? 84  SER A CB    1 
ATOM   665  O  OG    . SER A 1 82  ? -3.144  0.861   -17.235 1.00 56.69 ? 84  SER A OG    1 
ATOM   666  N  N     . LEU A 1 83  ? -1.514  -1.744  -15.730 1.00 31.63 ? 85  LEU A N     1 
ATOM   667  C  CA    . LEU A 1 83  ? -0.473  -2.010  -14.710 1.00 27.92 ? 85  LEU A CA    1 
ATOM   668  C  C     . LEU A 1 83  ? -0.282  -3.475  -14.468 1.00 29.43 ? 85  LEU A C     1 
ATOM   669  O  O     . LEU A 1 83  ? 0.515   -3.856  -13.633 1.00 23.72 ? 85  LEU A O     1 
ATOM   670  C  CB    . LEU A 1 83  ? -0.866  -1.343  -13.392 1.00 30.00 ? 85  LEU A CB    1 
ATOM   671  C  CG    . LEU A 1 83  ? -0.918  0.154   -13.399 1.00 30.02 ? 85  LEU A CG    1 
ATOM   672  C  CD1   . LEU A 1 83  ? -1.329  0.751   -12.038 1.00 26.33 ? 85  LEU A CD1   1 
ATOM   673  C  CD2   . LEU A 1 83  ? 0.455   0.676   -13.809 1.00 29.20 ? 85  LEU A CD2   1 
ATOM   674  N  N     . GLU A 1 84  ? -0.982  -4.346  -15.204 1.00 30.43 ? 86  GLU A N     1 
ATOM   675  C  CA    . GLU A 1 84  ? -0.931  -5.768  -14.829 1.00 30.95 ? 86  GLU A CA    1 
ATOM   676  C  C     . GLU A 1 84  ? 0.422   -6.407  -14.803 1.00 29.33 ? 86  GLU A C     1 
ATOM   677  O  O     . GLU A 1 84  ? 0.779   -7.200  -13.891 1.00 23.84 ? 86  GLU A O     1 
ATOM   678  C  CB    . GLU A 1 84  ? -1.869  -6.618  -15.674 1.00 36.49 ? 86  GLU A CB    1 
ATOM   679  C  CG    . GLU A 1 84  ? -1.845  -8.076  -15.245 1.00 42.84 ? 86  GLU A CG    1 
ATOM   680  C  CD    . GLU A 1 84  ? -3.077  -8.815  -15.714 1.00 63.03 ? 86  GLU A CD    1 
ATOM   681  O  OE1   . GLU A 1 84  ? -3.035  -9.392  -16.825 1.00 66.08 ? 86  GLU A OE1   1 
ATOM   682  O  OE2   . GLU A 1 84  ? -4.088  -8.780  -14.981 1.00 64.58 ? 86  GLU A OE2   1 
ATOM   683  N  N     . GLU A 1 85  ? 1.176   -6.211  -15.893 1.00 24.92 ? 87  GLU A N     1 
ATOM   684  C  CA    A GLU A 1 85  ? 2.468   -6.883  -15.899 0.50 23.87 ? 87  GLU A CA    1 
ATOM   685  C  CA    B GLU A 1 85  ? 2.474   -6.779  -16.020 0.50 25.97 ? 87  GLU A CA    1 
ATOM   686  C  C     . GLU A 1 85  ? 3.402   -6.288  -14.852 1.00 20.39 ? 87  GLU A C     1 
ATOM   687  O  O     . GLU A 1 85  ? 4.150   -7.059  -14.222 1.00 23.80 ? 87  GLU A O     1 
ATOM   688  C  CB    A GLU A 1 85  ? 3.175   -6.913  -17.270 0.50 24.66 ? 87  GLU A CB    1 
ATOM   689  C  CB    B GLU A 1 85  ? 2.971   -6.335  -17.420 0.50 27.34 ? 87  GLU A CB    1 
ATOM   690  C  CG    A GLU A 1 85  ? 2.388   -7.649  -18.343 0.50 23.43 ? 87  GLU A CG    1 
ATOM   691  C  CG    B GLU A 1 85  ? 2.004   -6.675  -18.581 0.50 26.84 ? 87  GLU A CG    1 
ATOM   692  C  CD    A GLU A 1 85  ? 2.184   -9.080  -17.941 0.50 30.86 ? 87  GLU A CD    1 
ATOM   693  C  CD    B GLU A 1 85  ? 1.126   -5.504  -19.056 0.50 34.39 ? 87  GLU A CD    1 
ATOM   694  O  OE1   A GLU A 1 85  ? 3.189   -9.711  -17.627 0.50 36.86 ? 87  GLU A OE1   1 
ATOM   695  O  OE1   B GLU A 1 85  ? 0.537   -4.774  -18.205 0.50 25.77 ? 87  GLU A OE1   1 
ATOM   696  O  OE2   A GLU A 1 85  ? 1.022   -9.521  -17.819 0.50 41.77 ? 87  GLU A OE2   1 
ATOM   697  O  OE2   B GLU A 1 85  ? 0.989   -5.327  -20.315 0.50 33.12 ? 87  GLU A OE2   1 
ATOM   698  N  N     . TYR A 1 86  ? 3.402   -4.997  -14.680 1.00 22.86 ? 88  TYR A N     1 
ATOM   699  C  CA    . TYR A 1 86  ? 4.234   -4.356  -13.604 1.00 22.47 ? 88  TYR A CA    1 
ATOM   700  C  C     . TYR A 1 86  ? 3.856   -4.918  -12.189 1.00 20.76 ? 88  TYR A C     1 
ATOM   701  O  O     . TYR A 1 86  ? 4.716   -5.335  -11.357 1.00 18.33 ? 88  TYR A O     1 
ATOM   702  C  CB    . TYR A 1 86  ? 4.003   -2.844  -13.623 1.00 18.10 ? 88  TYR A CB    1 
ATOM   703  C  CG    . TYR A 1 86  ? 4.699   -2.194  -12.428 1.00 21.03 ? 88  TYR A CG    1 
ATOM   704  C  CD1   . TYR A 1 86  ? 6.108   -2.150  -12.333 1.00 22.33 ? 88  TYR A CD1   1 
ATOM   705  C  CD2   . TYR A 1 86  ? 3.947   -1.864  -11.278 1.00 22.01 ? 88  TYR A CD2   1 
ATOM   706  C  CE1   . TYR A 1 86  ? 6.739   -1.626  -11.178 1.00 24.27 ? 88  TYR A CE1   1 
ATOM   707  C  CE2   . TYR A 1 86  ? 4.587   -1.435  -10.103 1.00 22.43 ? 88  TYR A CE2   1 
ATOM   708  C  CZ    . TYR A 1 86  ? 5.951   -1.353  -10.047 1.00 24.79 ? 88  TYR A CZ    1 
ATOM   709  O  OH    . TYR A 1 86  ? 6.571   -0.911  -8.901  1.00 24.13 ? 88  TYR A OH    1 
ATOM   710  N  N     . LEU A 1 87  ? 2.564   -5.002  -11.988 1.00 24.33 ? 89  LEU A N     1 
ATOM   711  C  CA    . LEU A 1 87  ? 2.088   -5.507  -10.694 1.00 21.05 ? 89  LEU A CA    1 
ATOM   712  C  C     . LEU A 1 87  ? 2.352   -6.971  -10.536 1.00 24.45 ? 89  LEU A C     1 
ATOM   713  O  O     . LEU A 1 87  ? 2.738   -7.395  -9.450  1.00 21.98 ? 89  LEU A O     1 
ATOM   714  C  CB    . LEU A 1 87  ? 0.601   -5.183  -10.480 1.00 21.21 ? 89  LEU A CB    1 
ATOM   715  C  CG    . LEU A 1 87  ? 0.308   -3.708  -10.290 1.00 21.23 ? 89  LEU A CG    1 
ATOM   716  C  CD1   . LEU A 1 87  ? -1.193  -3.494  -10.280 1.00 20.93 ? 89  LEU A CD1   1 
ATOM   717  C  CD2   . LEU A 1 87  ? 0.920   -3.074  -8.997  1.00 22.10 ? 89  LEU A CD2   1 
ATOM   718  N  N     . THR A 1 88  ? 2.235   -7.780  -11.621 1.00 19.31 ? 90  THR A N     1 
ATOM   719  C  CA    . THR A 1 88  ? 2.666   -9.157  -11.460 1.00 19.63 ? 90  THR A CA    1 
ATOM   720  C  C     . THR A 1 88  ? 4.114   -9.231  -11.000 1.00 21.60 ? 90  THR A C     1 
ATOM   721  O  O     . THR A 1 88  ? 4.477   -10.020 -10.101 1.00 23.24 ? 90  THR A O     1 
ATOM   722  C  CB    . THR A 1 88  ? 2.483   -10.002 -12.755 1.00 22.36 ? 90  THR A CB    1 
ATOM   723  O  OG1   . THR A 1 88  ? 1.115   -9.935  -13.149 1.00 26.63 ? 90  THR A OG1   1 
ATOM   724  C  CG2   . THR A 1 88  ? 2.983   -11.457 -12.579 1.00 26.06 ? 90  THR A CG2   1 
ATOM   725  N  N     . SER A 1 89  ? 4.981   -8.491  -11.683 1.00 23.18 ? 91  SER A N     1 
ATOM   726  C  CA    . SER A 1 89  ? 6.394   -8.574  -11.314 1.00 23.75 ? 91  SER A CA    1 
ATOM   727  C  C     . SER A 1 89  ? 6.638   -8.053  -9.879  1.00 23.83 ? 91  SER A C     1 
ATOM   728  O  O     . SER A 1 89  ? 7.515   -8.578  -9.146  1.00 24.97 ? 91  SER A O     1 
ATOM   729  C  CB    . SER A 1 89  ? 7.249   -7.819  -12.338 1.00 26.36 ? 91  SER A CB    1 
ATOM   730  O  OG    . SER A 1 89  ? 7.022   -8.438  -13.642 1.00 28.83 ? 91  SER A OG    1 
ATOM   731  N  N     . LEU A 1 90  ? 5.846   -7.049  -9.506  1.00 23.50 ? 92  LEU A N     1 
ATOM   732  C  CA    . LEU A 1 90  ? 5.964   -6.474  -8.122  1.00 22.29 ? 92  LEU A CA    1 
ATOM   733  C  C     . LEU A 1 90  ? 5.572   -7.523  -7.114  1.00 20.24 ? 92  LEU A C     1 
ATOM   734  O  O     . LEU A 1 90  ? 6.238   -7.673  -6.080  1.00 22.48 ? 92  LEU A O     1 
ATOM   735  C  CB    . LEU A 1 90  ? 5.115   -5.200  -7.990  1.00 22.01 ? 92  LEU A CB    1 
ATOM   736  C  CG    . LEU A 1 90  ? 5.326   -4.443  -6.632  1.00 18.71 ? 92  LEU A CG    1 
ATOM   737  C  CD1   . LEU A 1 90  ? 6.779   -3.921  -6.628  1.00 19.60 ? 92  LEU A CD1   1 
ATOM   738  C  CD2   . LEU A 1 90  ? 4.342   -3.309  -6.584  1.00 17.96 ? 92  LEU A CD2   1 
ATOM   739  N  N     . GLY A 1 91  ? 4.585   -8.349  -7.483  1.00 19.39 ? 93  GLY A N     1 
ATOM   740  C  CA    . GLY A 1 91  ? 4.150   -9.490  -6.683  1.00 22.68 ? 93  GLY A CA    1 
ATOM   741  C  C     . GLY A 1 91  ? 5.291   -10.479 -6.538  1.00 24.63 ? 93  GLY A C     1 
ATOM   742  O  O     . GLY A 1 91  ? 5.668   -10.919 -5.433  1.00 22.95 ? 93  GLY A O     1 
ATOM   743  N  N     . ARG A 1 92  ? 5.840   -10.862 -7.690  1.00 24.21 ? 94  ARG A N     1 
ATOM   744  C  CA    . ARG A 1 92  ? 6.950   -11.795 -7.729  1.00 25.72 ? 94  ARG A CA    1 
ATOM   745  C  C     . ARG A 1 92  ? 8.115   -11.309 -6.860  1.00 20.53 ? 94  ARG A C     1 
ATOM   746  O  O     . ARG A 1 92  ? 8.626   -12.083 -6.108  1.00 26.26 ? 94  ARG A O     1 
ATOM   747  C  CB    . ARG A 1 92  ? 7.442   -11.962 -9.168  1.00 28.79 ? 94  ARG A CB    1 
ATOM   748  C  CG    . ARG A 1 92  ? 8.642   -12.894 -9.262  0.50 26.27 ? 94  ARG A CG    1 
ATOM   749  C  CD    . ARG A 1 92  ? 8.913   -13.311 -10.694 0.50 33.91 ? 94  ARG A CD    1 
ATOM   750  N  NE    . ARG A 1 92  ? 7.687   -13.686 -11.381 0.50 36.76 ? 94  ARG A NE    1 
ATOM   751  C  CZ    . ARG A 1 92  ? 7.086   -12.941 -12.299 0.50 31.64 ? 94  ARG A CZ    1 
ATOM   752  N  NH1   . ARG A 1 92  ? 7.567   -11.741 -12.618 0.50 34.55 ? 94  ARG A NH1   1 
ATOM   753  N  NH2   . ARG A 1 92  ? 5.987   -13.392 -12.867 0.50 30.28 ? 94  ARG A NH2   1 
ATOM   754  N  N     . LYS A 1 93  ? 8.429   -10.017 -6.930  1.00 24.98 ? 95  LYS A N     1 
ATOM   755  C  CA    . LYS A 1 93  ? 9.525   -9.394  -6.094  1.00 23.17 ? 95  LYS A CA    1 
ATOM   756  C  C     . LYS A 1 93  ? 9.199   -9.558  -4.584  1.00 22.31 ? 95  LYS A C     1 
ATOM   757  O  O     . LYS A 1 93  ? 10.076  -9.784  -3.780  1.00 25.45 ? 95  LYS A O     1 
ATOM   758  C  CB    . LYS A 1 93  ? 9.669   -7.914  -6.441  1.00 25.71 ? 95  LYS A CB    1 
ATOM   759  C  CG    . LYS A 1 93  ? 10.566  -7.071  -5.522  1.00 28.11 ? 95  LYS A CG    1 
ATOM   760  C  CD    . LYS A 1 93  ? 12.023  -7.289  -5.835  1.00 33.88 ? 95  LYS A CD    1 
ATOM   761  C  CE    . LYS A 1 93  ? 12.872  -6.403  -4.951  1.00 37.54 ? 95  LYS A CE    1 
ATOM   762  N  NZ    . LYS A 1 93  ? 14.292  -6.846  -5.063  1.00 44.15 ? 95  LYS A NZ    1 
ATOM   763  N  N     . HIS A 1 94  ? 7.965   -9.227  -4.206  1.00 21.72 ? 96  HIS A N     1 
ATOM   764  C  CA    . HIS A 1 94  ? 7.638   -9.349  -2.797  1.00 20.44 ? 96  HIS A CA    1 
ATOM   765  C  C     . HIS A 1 94  ? 7.577   -10.776 -2.292  1.00 21.55 ? 96  HIS A C     1 
ATOM   766  O  O     . HIS A 1 94  ? 7.851   -11.056 -1.118  1.00 26.24 ? 96  HIS A O     1 
ATOM   767  C  CB    . HIS A 1 94  ? 6.330   -8.621  -2.519  1.00 20.73 ? 96  HIS A CB    1 
ATOM   768  C  CG    . HIS A 1 94  ? 6.511   -7.137  -2.531  1.00 20.90 ? 96  HIS A CG    1 
ATOM   769  N  ND1   . HIS A 1 94  ? 6.537   -6.395  -3.684  1.00 19.62 ? 96  HIS A ND1   1 
ATOM   770  C  CD2   . HIS A 1 94  ? 6.869   -6.298  -1.530  1.00 17.89 ? 96  HIS A CD2   1 
ATOM   771  C  CE1   . HIS A 1 94  ? 6.809   -5.123  -3.379  1.00 21.89 ? 96  HIS A CE1   1 
ATOM   772  N  NE2   . HIS A 1 94  ? 7.024   -5.042  -2.068  1.00 20.46 ? 96  HIS A NE2   1 
ATOM   773  N  N     . ARG A 1 95  ? 7.131   -11.676 -3.189  1.00 27.40 ? 97  ARG A N     1 
ATOM   774  C  CA    . ARG A 1 95  ? 7.276   -13.100 -2.911  1.00 26.70 ? 97  ARG A CA    1 
ATOM   775  C  C     . ARG A 1 95  ? 8.730   -13.440 -2.605  1.00 26.26 ? 97  ARG A C     1 
ATOM   776  O  O     . ARG A 1 95  ? 9.009   -14.051 -1.562  1.00 31.08 ? 97  ARG A O     1 
ATOM   777  C  CB    . ARG A 1 95  ? 6.779   -13.920 -4.117  1.00 30.51 ? 97  ARG A CB    1 
ATOM   778  C  CG    . ARG A 1 95  ? 6.885   -15.407 -3.916  1.00 41.42 ? 97  ARG A CG    1 
ATOM   779  C  CD    . ARG A 1 95  ? 6.288   -16.085 -5.137  1.00 50.13 ? 97  ARG A CD    1 
ATOM   780  N  NE    . ARG A 1 95  ? 6.687   -17.482 -5.254  1.00 71.49 ? 97  ARG A NE    1 
ATOM   781  C  CZ    . ARG A 1 95  ? 6.803   -18.121 -6.416  1.00 77.17 ? 97  ARG A CZ    1 
ATOM   782  N  NH1   . ARG A 1 95  ? 6.554   -17.486 -7.566  1.00 65.39 ? 97  ARG A NH1   1 
ATOM   783  N  NH2   . ARG A 1 95  ? 7.197   -19.389 -6.427  1.00 74.83 ? 97  ARG A NH2   1 
ATOM   784  N  N     . ALA A 1 96  ? 9.619   -12.953 -3.448  1.00 24.63 ? 98  ALA A N     1 
ATOM   785  C  CA    . ALA A 1 96  ? 11.057  -13.162 -3.317  1.00 28.31 ? 98  ALA A CA    1 
ATOM   786  C  C     . ALA A 1 96  ? 11.644  -12.557 -2.030  1.00 32.89 ? 98  ALA A C     1 
ATOM   787  O  O     . ALA A 1 96  ? 12.598  -13.093 -1.482  1.00 37.96 ? 98  ALA A O     1 
ATOM   788  C  CB    . ALA A 1 96  ? 11.757  -12.577 -4.532  1.00 28.04 ? 98  ALA A CB    1 
ATOM   789  N  N     . VAL A 1 97  ? 11.105  -11.432 -1.555  1.00 31.73 ? 99  VAL A N     1 
ATOM   790  C  CA    . VAL A 1 97  ? 11.614  -10.827 -0.307  1.00 33.21 ? 99  VAL A CA    1 
ATOM   791  C  C     . VAL A 1 97  ? 11.025  -11.518 0.913   1.00 34.50 ? 99  VAL A C     1 
ATOM   792  O  O     . VAL A 1 97  ? 11.483  -11.324 2.025   1.00 29.54 ? 99  VAL A O     1 
ATOM   793  C  CB    . VAL A 1 97  ? 11.416  -9.284  -0.201  1.00 40.38 ? 99  VAL A CB    1 
ATOM   794  C  CG1   . VAL A 1 97  ? 11.775  -8.555  -1.494  1.00 38.74 ? 99  VAL A CG1   1 
ATOM   795  C  CG2   . VAL A 1 97  ? 10.025  -8.940  0.260   1.00 48.45 ? 99  VAL A CG2   1 
ATOM   796  N  N     . GLY A 1 98  ? 10.039  -12.372 0.697   1.00 31.52 ? 100 GLY A N     1 
ATOM   797  C  CA    . GLY A 1 98  ? 9.494   -13.112 1.797   1.00 28.37 ? 100 GLY A CA    1 
ATOM   798  C  C     . GLY A 1 98  ? 8.094   -12.767 2.186   1.00 27.63 ? 100 GLY A C     1 
ATOM   799  O  O     . GLY A 1 98  ? 7.561   -13.303 3.180   1.00 28.72 ? 100 GLY A O     1 
ATOM   800  N  N     . VAL A 1 99  ? 7.464   -11.863 1.454   1.00 25.71 ? 101 VAL A N     1 
ATOM   801  C  CA    . VAL A 1 99  ? 6.141   -11.445 1.861   1.00 25.26 ? 101 VAL A CA    1 
ATOM   802  C  C     . VAL A 1 99  ? 5.152   -12.473 1.375   1.00 27.95 ? 101 VAL A C     1 
ATOM   803  O  O     . VAL A 1 99  ? 5.232   -12.904 0.238   1.00 29.56 ? 101 VAL A O     1 
ATOM   804  C  CB    . VAL A 1 99  ? 5.689   -10.052 1.321   1.00 30.02 ? 101 VAL A CB    1 
ATOM   805  C  CG1   . VAL A 1 99  ? 4.374   -9.666  1.985   1.00 25.50 ? 101 VAL A CG1   1 
ATOM   806  C  CG2   . VAL A 1 99  ? 6.762   -9.014  1.609   1.00 27.43 ? 101 VAL A CG2   1 
ATOM   807  N  N     . ARG A 1 100 ? 4.337   -12.944 2.292   1.00 26.65 ? 102 ARG A N     1 
ATOM   808  C  CA    . ARG A 1 100 ? 3.261   -13.847 1.971   1.00 26.30 ? 102 ARG A CA    1 
ATOM   809  C  C     . ARG A 1 100 ? 2.127   -13.064 1.354   1.00 29.83 ? 102 ARG A C     1 
ATOM   810  O  O     . ARG A 1 100 ? 1.775   -11.934 1.783   1.00 26.27 ? 102 ARG A O     1 
ATOM   811  C  CB    . ARG A 1 100 ? 2.744   -14.538 3.228   1.00 31.42 ? 102 ARG A CB    1 
ATOM   812  C  CG    . ARG A 1 100 ? 3.844   -15.301 3.931   1.00 36.18 ? 102 ARG A CG    1 
ATOM   813  C  CD    . ARG A 1 100 ? 3.309   -16.565 4.570   1.00 58.97 ? 102 ARG A CD    1 
ATOM   814  N  NE    . ARG A 1 100 ? 4.240   -17.691 4.412   1.00 78.97 ? 102 ARG A NE    1 
ATOM   815  C  CZ    . ARG A 1 100 ? 3.955   -18.828 3.771   1.00 80.92 ? 102 ARG A CZ    1 
ATOM   816  N  NH1   . ARG A 1 100 ? 2.759   -19.011 3.214   1.00 83.37 ? 102 ARG A NH1   1 
ATOM   817  N  NH2   . ARG A 1 100 ? 4.864   -19.793 3.704   1.00 78.14 ? 102 ARG A NH2   1 
ATOM   818  N  N     . LEU A 1 101 ? 1.484   -13.682 0.376   1.00 29.11 ? 103 LEU A N     1 
ATOM   819  C  CA    . LEU A 1 101 ? 0.367   -12.996 -0.302  1.00 31.37 ? 103 LEU A CA    1 
ATOM   820  C  C     . LEU A 1 101 ? -0.690  -12.532 0.708   1.00 28.17 ? 103 LEU A C     1 
ATOM   821  O  O     . LEU A 1 101 ? -1.221  -11.443 0.585   1.00 26.75 ? 103 LEU A O     1 
ATOM   822  C  CB    . LEU A 1 101 ? -0.237  -13.892 -1.409  1.00 30.77 ? 103 LEU A CB    1 
ATOM   823  C  CG    . LEU A 1 101 ? -1.359  -13.254 -2.240  1.00 29.17 ? 103 LEU A CG    1 
ATOM   824  C  CD1   . LEU A 1 101 ? -1.039  -11.920 -2.912  1.00 29.63 ? 103 LEU A CD1   1 
ATOM   825  C  CD2   . LEU A 1 101 ? -1.962  -14.250 -3.236  1.00 34.89 ? 103 LEU A CD2   1 
ATOM   826  N  N     . SER A 1 102 ? -0.951  -13.329 1.741   1.00 28.09 ? 104 SER A N     1 
ATOM   827  C  CA    . SER A 1 102 ? -1.959  -12.969 2.727   1.00 30.28 ? 104 SER A CA    1 
ATOM   828  C  C     . SER A 1 102 ? -1.625  -11.675 3.467   1.00 27.27 ? 104 SER A C     1 
ATOM   829  O  O     . SER A 1 102 ? -2.525  -10.971 3.916   1.00 28.21 ? 104 SER A O     1 
ATOM   830  C  CB    . SER A 1 102 ? -2.125  -14.094 3.743   1.00 37.31 ? 104 SER A CB    1 
ATOM   831  O  OG    . SER A 1 102 ? -0.920  -14.288 4.452   1.00 43.71 ? 104 SER A OG    1 
ATOM   832  N  N     . SER A 1 103 ? -0.345  -11.364 3.613   1.00 23.01 ? 105 SER A N     1 
ATOM   833  C  CA    . SER A 1 103 ? 0.036   -10.066 4.286   1.00 22.19 ? 105 SER A CA    1 
ATOM   834  C  C     . SER A 1 103 ? -0.453  -8.848  3.545   1.00 22.92 ? 105 SER A C     1 
ATOM   835  O  O     . SER A 1 103 ? -0.584  -7.742  4.100   1.00 18.50 ? 105 SER A O     1 
ATOM   836  C  CB    . SER A 1 103 ? 1.519   -9.919  4.493   1.00 23.21 ? 105 SER A CB    1 
ATOM   837  O  OG    . SER A 1 103 ? 1.887   -10.944 5.349   1.00 23.95 ? 105 SER A OG    1 
ATOM   838  N  N     . PHE A 1 104 ? -0.675  -9.014  2.234   1.00 20.71 ? 106 PHE A N     1 
ATOM   839  C  CA    . PHE A 1 104 ? -1.269  -7.903  1.527   1.00 18.81 ? 106 PHE A CA    1 
ATOM   840  C  C     . PHE A 1 104 ? -2.730  -7.519  1.927   1.00 17.50 ? 106 PHE A C     1 
ATOM   841  O  O     . PHE A 1 104 ? -3.124  -6.396  1.709   1.00 19.75 ? 106 PHE A O     1 
ATOM   842  C  CB    . PHE A 1 104 ? -1.124  -8.136  -0.019  1.00 21.23 ? 106 PHE A CB    1 
ATOM   843  C  CG    . PHE A 1 104 ? 0.262   -7.819  -0.492  1.00 20.96 ? 106 PHE A CG    1 
ATOM   844  C  CD1   . PHE A 1 104 ? 0.601   -6.523  -0.813  1.00 26.00 ? 106 PHE A CD1   1 
ATOM   845  C  CD2   . PHE A 1 104 ? 1.294   -8.761  -0.412  1.00 23.57 ? 106 PHE A CD2   1 
ATOM   846  C  CE1   . PHE A 1 104 ? 1.952   -6.175  -1.108  1.00 25.95 ? 106 PHE A CE1   1 
ATOM   847  C  CE2   . PHE A 1 104 ? 2.622   -8.417  -0.730  1.00 23.74 ? 106 PHE A CE2   1 
ATOM   848  C  CZ    . PHE A 1 104 ? 2.944   -7.149  -1.097  1.00 26.20 ? 106 PHE A CZ    1 
ATOM   849  N  N     . SER A 1 105 ? -3.445  -8.417  2.565   1.00 18.72 ? 107 SER A N     1 
ATOM   850  C  CA    . SER A 1 105 ? -4.696  -8.091  3.213   1.00 19.08 ? 107 SER A CA    1 
ATOM   851  C  C     . SER A 1 105 ? -4.503  -7.103  4.379   1.00 17.38 ? 107 SER A C     1 
ATOM   852  O  O     . SER A 1 105 ? -5.213  -6.124  4.431   1.00 18.29 ? 107 SER A O     1 
ATOM   853  C  CB    . SER A 1 105 ? -5.453  -9.323  3.612   1.00 23.90 ? 107 SER A CB    1 
ATOM   854  O  OG    . SER A 1 105 ? -4.847  -9.969  4.696   1.00 36.91 ? 107 SER A OG    1 
ATOM   855  N  N     . THR A 1 106 ? -3.434  -7.345  5.162   1.00 17.74 ? 108 THR A N     1 
ATOM   856  C  CA    . THR A 1 106 ? -3.121  -6.434  6.296   1.00 15.15 ? 108 THR A CA    1 
ATOM   857  C  C     . THR A 1 106 ? -2.748  -5.098  5.768   1.00 14.83 ? 108 THR A C     1 
ATOM   858  O  O     . THR A 1 106 ? -3.047  -4.057  6.349   1.00 15.46 ? 108 THR A O     1 
ATOM   859  C  CB    . THR A 1 106 ? -1.994  -6.979  7.164   1.00 16.30 ? 108 THR A CB    1 
ATOM   860  O  OG1   . THR A 1 106 ? -2.298  -8.348  7.374   1.00 24.01 ? 108 THR A OG1   1 
ATOM   861  C  CG2   . THR A 1 106 ? -1.985  -6.278  8.554   1.00 17.59 ? 108 THR A CG2   1 
ATOM   862  N  N     . VAL A 1 107 ? -1.990  -5.089  4.655   1.00 14.89 ? 109 VAL A N     1 
ATOM   863  C  CA    . VAL A 1 107 ? -1.611  -3.822  4.081   1.00 14.47 ? 109 VAL A CA    1 
ATOM   864  C  C     . VAL A 1 107 ? -2.849  -3.095  3.636   1.00 13.63 ? 109 VAL A C     1 
ATOM   865  O  O     . VAL A 1 107 ? -2.973  -1.885  3.836   1.00 14.68 ? 109 VAL A O     1 
ATOM   866  C  CB    . VAL A 1 107 ? -0.705  -4.103  2.860   1.00 17.61 ? 109 VAL A CB    1 
ATOM   867  C  CG1   . VAL A 1 107 ? -0.483  -2.789  2.152   1.00 17.78 ? 109 VAL A CG1   1 
ATOM   868  C  CG2   . VAL A 1 107 ? 0.587   -4.793  3.313   1.00 17.16 ? 109 VAL A CG2   1 
ATOM   869  N  N     . GLY A 1 108 ? -3.810  -3.826  3.048   1.00 14.63 ? 110 GLY A N     1 
ATOM   870  C  CA    . GLY A 1 108 ? -5.073  -3.157  2.614   1.00 16.33 ? 110 GLY A CA    1 
ATOM   871  C  C     . GLY A 1 108 ? -5.802  -2.562  3.789   1.00 14.37 ? 110 GLY A C     1 
ATOM   872  O  O     . GLY A 1 108 ? -6.224  -1.441  3.713   1.00 13.88 ? 110 GLY A O     1 
ATOM   873  N  N     . GLU A 1 109 ? -5.823  -3.293  4.903   1.00 14.52 ? 111 GLU A N     1 
ATOM   874  C  CA    . GLU A 1 109 ? -6.462  -2.694  6.096   1.00 14.80 ? 111 GLU A CA    1 
ATOM   875  C  C     . GLU A 1 109 ? -5.699  -1.491  6.615   1.00 15.40 ? 111 GLU A C     1 
ATOM   876  O  O     . GLU A 1 109 ? -6.296  -0.540  7.138   1.00 15.39 ? 111 GLU A O     1 
ATOM   877  C  CB    . GLU A 1 109 ? -6.510  -3.754  7.217   1.00 15.92 ? 111 GLU A CB    1 
ATOM   878  C  CG    . GLU A 1 109 ? -7.400  -4.949  6.861   1.00 20.62 ? 111 GLU A CG    1 
ATOM   879  C  CD    . GLU A 1 109 ? -8.836  -4.592  6.573   1.00 25.56 ? 111 GLU A CD    1 
ATOM   880  O  OE1   . GLU A 1 109 ? -9.321  -3.495  6.892   1.00 21.85 ? 111 GLU A OE1   1 
ATOM   881  O  OE2   . GLU A 1 109 ? -9.490  -5.492  6.051   1.00 34.30 ? 111 GLU A OE2   1 
ATOM   882  N  N     . SER A 1 110 ? -4.379  -1.520  6.504   1.00 14.46 ? 112 SER A N     1 
ATOM   883  C  CA    . SER A 1 110 ? -3.623  -0.388  6.964   1.00 12.24 ? 112 SER A CA    1 
ATOM   884  C  C     . SER A 1 110 ? -3.779  0.880   6.094   1.00 13.75 ? 112 SER A C     1 
ATOM   885  O  O     . SER A 1 110 ? -3.855  2.011   6.551   1.00 14.17 ? 112 SER A O     1 
ATOM   886  C  CB    . SER A 1 110 ? -2.128  -0.741  7.037   1.00 15.97 ? 112 SER A CB    1 
ATOM   887  O  OG    . SER A 1 110 ? -1.924  -1.834  7.938   1.00 15.21 ? 112 SER A OG    1 
ATOM   888  N  N     . LEU A 1 111 ? -3.949  0.607   4.798   1.00 13.75 ? 113 LEU A N     1 
ATOM   889  C  CA    . LEU A 1 111 ? -4.274  1.666   3.835   1.00 15.06 ? 113 LEU A CA    1 
ATOM   890  C  C     . LEU A 1 111 ? -5.653  2.254   4.155   1.00 13.27 ? 113 LEU A C     1 
ATOM   891  O  O     . LEU A 1 111 ? -5.804  3.467   4.263   1.00 14.80 ? 113 LEU A O     1 
ATOM   892  C  CB    . LEU A 1 111 ? -4.276  1.031   2.401   1.00 15.40 ? 113 LEU A CB    1 
ATOM   893  C  CG    . LEU A 1 111 ? -4.850  1.991   1.338   1.00 15.98 ? 113 LEU A CG    1 
ATOM   894  C  CD1   . LEU A 1 111 ? -3.939  3.203   1.271   1.00 17.71 ? 113 LEU A CD1   1 
ATOM   895  C  CD2   . LEU A 1 111 ? -4.825  1.265   -0.016  1.00 18.79 ? 113 LEU A CD2   1 
ATOM   896  N  N     . LEU A 1 112 ? -6.600  1.384   4.418   1.00 14.05 ? 114 LEU A N     1 
ATOM   897  C  CA    . LEU A 1 112 ? -7.918  1.891   4.776   1.00 16.51 ? 114 LEU A CA    1 
ATOM   898  C  C     . LEU A 1 112 ? -7.953  2.636   6.104   1.00 15.49 ? 114 LEU A C     1 
ATOM   899  O  O     . LEU A 1 112 ? -8.625  3.639   6.236   1.00 16.87 ? 114 LEU A O     1 
ATOM   900  C  CB    . LEU A 1 112 ? -8.910  0.749   4.807   1.00 17.22 ? 114 LEU A CB    1 
ATOM   901  C  CG    . LEU A 1 112 ? -9.265  0.108   3.462   1.00 20.42 ? 114 LEU A CG    1 
ATOM   902  C  CD1   . LEU A 1 112 ? -10.224 -1.032  3.720   1.00 26.23 ? 114 LEU A CD1   1 
ATOM   903  C  CD2   . LEU A 1 112 ? -9.835  1.120   2.495   1.00 22.96 ? 114 LEU A CD2   1 
ATOM   904  N  N     . TYR A 1 113 ? -7.137  2.178   7.039   1.00 15.70 ? 115 TYR A N     1 
ATOM   905  C  CA    . TYR A 1 113 ? -6.972  2.897   8.327   1.00 16.04 ? 115 TYR A CA    1 
ATOM   906  C  C     . TYR A 1 113 ? -6.423  4.286   8.088   1.00 15.71 ? 115 TYR A C     1 
ATOM   907  O  O     . TYR A 1 113 ? -6.919  5.293   8.637   1.00 17.72 ? 115 TYR A O     1 
ATOM   908  C  CB    . TYR A 1 113 ? -6.015  2.071   9.192   1.00 14.63 ? 115 TYR A CB    1 
ATOM   909  C  CG    . TYR A 1 113 ? -5.544  2.840   10.412  1.00 15.19 ? 115 TYR A CG    1 
ATOM   910  C  CD1   . TYR A 1 113 ? -6.314  2.861   11.561  1.00 18.14 ? 115 TYR A CD1   1 
ATOM   911  C  CD2   . TYR A 1 113 ? -4.278  3.470   10.432  1.00 15.80 ? 115 TYR A CD2   1 
ATOM   912  C  CE1   . TYR A 1 113 ? -5.908  3.614   12.680  1.00 14.58 ? 115 TYR A CE1   1 
ATOM   913  C  CE2   . TYR A 1 113 ? -3.871  4.187   11.532  1.00 15.28 ? 115 TYR A CE2   1 
ATOM   914  C  CZ    . TYR A 1 113 ? -4.707  4.213   12.655  1.00 14.46 ? 115 TYR A CZ    1 
ATOM   915  O  OH    . TYR A 1 113 ? -4.255  5.002   13.697  1.00 18.71 ? 115 TYR A OH    1 
ATOM   916  N  N     . MET A 1 114 ? -5.366  4.360   7.289   1.00 14.14 ? 116 MET A N     1 
ATOM   917  C  CA    . MET A 1 114 ? -4.687  5.620   7.024   1.00 14.34 ? 116 MET A CA    1 
ATOM   918  C  C     . MET A 1 114 ? -5.661  6.588   6.340   1.00 14.71 ? 116 MET A C     1 
ATOM   919  O  O     . MET A 1 114 ? -5.715  7.740   6.710   1.00 15.38 ? 116 MET A O     1 
ATOM   920  C  CB    . MET A 1 114 ? -3.522  5.369   6.086   1.00 15.83 ? 116 MET A CB    1 
ATOM   921  C  CG    A MET A 1 114 ? -2.779  6.617   5.518   0.60 15.92 ? 116 MET A CG    1 
ATOM   922  C  CG    B MET A 1 114 ? -2.664  6.616   5.976   0.40 16.35 ? 116 MET A CG    1 
ATOM   923  S  SD    A MET A 1 114 ? -1.903  6.312   3.942   0.60 16.68 ? 116 MET A SD    1 
ATOM   924  S  SD    B MET A 1 114 ? -3.305  7.354   4.498   0.40 16.32 ? 116 MET A SD    1 
ATOM   925  C  CE    A MET A 1 114 ? -3.312  6.505   2.838   0.60 19.02 ? 116 MET A CE    1 
ATOM   926  C  CE    B MET A 1 114 ? -2.545  6.253   3.274   0.40 20.03 ? 116 MET A CE    1 
ATOM   927  N  N     . LEU A 1 115 ? -6.454  6.064   5.432   1.00 16.01 ? 117 LEU A N     1 
ATOM   928  C  CA    . LEU A 1 115 ? -7.415  6.942   4.724   1.00 16.76 ? 117 LEU A CA    1 
ATOM   929  C  C     . LEU A 1 115 ? -8.522  7.404   5.660   1.00 17.05 ? 117 LEU A C     1 
ATOM   930  O  O     . LEU A 1 115 ? -8.805  8.615   5.727   1.00 19.21 ? 117 LEU A O     1 
ATOM   931  C  CB    . LEU A 1 115 ? -7.995  6.155   3.561   1.00 16.98 ? 117 LEU A CB    1 
ATOM   932  C  CG    . LEU A 1 115 ? -7.034  5.931   2.402   1.00 17.31 ? 117 LEU A CG    1 
ATOM   933  C  CD1   . LEU A 1 115 ? -7.642  4.829   1.540   1.00 18.64 ? 117 LEU A CD1   1 
ATOM   934  C  CD2   . LEU A 1 115 ? -6.706  7.218   1.626   1.00 23.22 ? 117 LEU A CD2   1 
ATOM   935  N  N     . GLU A 1 116 ? -9.011  6.475   6.499   1.00 16.85 ? 118 GLU A N     1 
ATOM   936  C  CA    . GLU A 1 116 ? -9.994  6.833   7.549   1.00 17.86 ? 118 GLU A CA    1 
ATOM   937  C  C     . GLU A 1 116 ? -9.468  7.965   8.433   1.00 18.76 ? 118 GLU A C     1 
ATOM   938  O  O     . GLU A 1 116 ? -10.191 8.929   8.762   1.00 18.94 ? 118 GLU A O     1 
ATOM   939  C  CB    . GLU A 1 116 ? -10.339 5.593   8.368   1.00 22.02 ? 118 GLU A CB    1 
ATOM   940  C  CG    . GLU A 1 116 ? -11.216 5.887   9.599   1.00 27.96 ? 118 GLU A CG    1 
ATOM   941  C  CD    . GLU A 1 116 ? -11.541 4.624   10.438  1.00 30.66 ? 118 GLU A CD    1 
ATOM   942  O  OE1   . GLU A 1 116 ? -11.287 3.429   10.030  1.00 29.71 ? 118 GLU A OE1   1 
ATOM   943  O  OE2   . GLU A 1 116 ? -12.169 4.855   11.496  1.00 45.04 ? 118 GLU A OE2   1 
ATOM   944  N  N     . LYS A 1 117 ? -8.233  7.775   8.941   1.00 16.50 ? 119 LYS A N     1 
ATOM   945  C  CA    . LYS A 1 117 ? -7.712  8.737   9.876   1.00 16.34 ? 119 LYS A CA    1 
ATOM   946  C  C     . LYS A 1 117 ? -7.493  10.080  9.252   1.00 18.46 ? 119 LYS A C     1 
ATOM   947  O  O     . LYS A 1 117 ? -7.658  11.103  9.906   1.00 20.19 ? 119 LYS A O     1 
ATOM   948  C  CB    . LYS A 1 117 ? -6.429  8.238   10.595  1.00 16.95 ? 119 LYS A CB    1 
ATOM   949  C  CG    . LYS A 1 117 ? -6.634  7.012   11.470  1.00 17.78 ? 119 LYS A CG    1 
ATOM   950  C  CD    . LYS A 1 117 ? -7.683  7.191   12.557  1.00 21.99 ? 119 LYS A CD    1 
ATOM   951  C  CE    . LYS A 1 117 ? -7.264  8.152   13.625  1.00 29.05 ? 119 LYS A CE    1 
ATOM   952  N  NZ    . LYS A 1 117 ? -8.208  7.858   14.735  1.00 29.80 ? 119 LYS A NZ    1 
ATOM   953  N  N     . SER A 1 118 ? -7.028  10.085  8.017   1.00 15.80 ? 120 SER A N     1 
ATOM   954  C  CA    . SER A 1 118 ? -6.721  11.358  7.380   1.00 17.84 ? 120 SER A CA    1 
ATOM   955  C  C     . SER A 1 118 ? -8.026  12.063  7.000   1.00 21.97 ? 120 SER A C     1 
ATOM   956  O  O     . SER A 1 118 ? -8.117  13.270  7.167   1.00 22.85 ? 120 SER A O     1 
ATOM   957  C  CB    . SER A 1 118 ? -5.948  11.059  6.090   1.00 21.58 ? 120 SER A CB    1 
ATOM   958  O  OG    . SER A 1 118 ? -5.643  12.281  5.400   1.00 21.77 ? 120 SER A OG    1 
ATOM   959  N  N     . LEU A 1 119 ? -8.952  11.324  6.418   1.00 22.23 ? 121 LEU A N     1 
ATOM   960  C  CA    . LEU A 1 119 ? -10.137 11.931  5.789   1.00 25.64 ? 121 LEU A CA    1 
ATOM   961  C  C     . LEU A 1 119 ? -11.274 12.180  6.788   1.00 28.63 ? 121 LEU A C     1 
ATOM   962  O  O     . LEU A 1 119 ? -12.106 13.082  6.563   1.00 28.66 ? 121 LEU A O     1 
ATOM   963  C  CB    . LEU A 1 119 ? -10.575 11.122  4.577   1.00 24.96 ? 121 LEU A CB    1 
ATOM   964  C  CG    . LEU A 1 119 ? -9.573  11.083  3.408   1.00 30.61 ? 121 LEU A CG    1 
ATOM   965  C  CD1   . LEU A 1 119 ? -9.833  9.877   2.508   1.00 34.95 ? 121 LEU A CD1   1 
ATOM   966  C  CD2   . LEU A 1 119 ? -9.617  12.357  2.582   1.00 38.50 ? 121 LEU A CD2   1 
ATOM   967  N  N     . GLY A 1 120 ? -11.220 11.529  7.952   1.00 25.82 ? 122 GLY A N     1 
ATOM   968  C  CA    . GLY A 1 120 ? -12.232 11.688  8.984   1.00 27.02 ? 122 GLY A CA    1 
ATOM   969  C  C     . GLY A 1 120 ? -13.604 11.540  8.337   1.00 29.42 ? 122 GLY A C     1 
ATOM   970  O  O     . GLY A 1 120 ? -13.894 10.530  7.642   1.00 30.31 ? 122 GLY A O     1 
ATOM   971  N  N     . PRO A 1 121 ? -14.454 12.571  8.493   1.00 34.37 ? 123 PRO A N     1 
ATOM   972  C  CA    . PRO A 1 121 ? -15.841 12.388  8.042   1.00 41.65 ? 123 PRO A CA    1 
ATOM   973  C  C     . PRO A 1 121 ? -15.994 12.256  6.516   1.00 37.56 ? 123 PRO A C     1 
ATOM   974  O  O     . PRO A 1 121 ? -16.952 11.659  6.035   1.00 43.65 ? 123 PRO A O     1 
ATOM   975  C  CB    . PRO A 1 121 ? -16.567 13.620  8.625   1.00 38.86 ? 123 PRO A CB    1 
ATOM   976  C  CG    . PRO A 1 121 ? -15.489 14.649  8.858   1.00 46.25 ? 123 PRO A CG    1 
ATOM   977  C  CD    . PRO A 1 121 ? -14.220 13.878  9.143   1.00 42.63 ? 123 PRO A CD    1 
ATOM   978  N  N     . ASP A 1 122 ? -14.984 12.669  5.760   1.00 33.57 ? 124 ASP A N     1 
ATOM   979  C  CA    . ASP A 1 122 ? -14.992 12.489  4.311   1.00 33.69 ? 124 ASP A CA    1 
ATOM   980  C  C     . ASP A 1 122 ? -14.700 11.090  3.827   1.00 33.72 ? 124 ASP A C     1 
ATOM   981  O  O     . ASP A 1 122 ? -14.643 10.859  2.617   1.00 32.95 ? 124 ASP A O     1 
ATOM   982  C  CB    . ASP A 1 122 ? -14.008 13.446  3.652   1.00 35.07 ? 124 ASP A CB    1 
ATOM   983  C  CG    . ASP A 1 122 ? -14.370 14.909  3.894   1.00 41.95 ? 124 ASP A CG    1 
ATOM   984  O  OD1   . ASP A 1 122 ? -15.459 15.197  4.434   1.00 55.08 ? 124 ASP A OD1   1 
ATOM   985  O  OD2   . ASP A 1 122 ? -13.562 15.761  3.584   1.00 43.95 ? 124 ASP A OD2   1 
ATOM   986  N  N     . PHE A 1 123 ? -14.356 10.200  4.763   1.00 32.40 ? 125 PHE A N     1 
ATOM   987  C  CA    . PHE A 1 123 ? -14.154 8.805   4.429   1.00 31.36 ? 125 PHE A CA    1 
ATOM   988  C  C     . PHE A 1 123 ? -15.474 8.060   4.493   1.00 30.56 ? 125 PHE A C     1 
ATOM   989  O  O     . PHE A 1 123 ? -15.775 7.306   5.419   1.00 34.59 ? 125 PHE A O     1 
ATOM   990  C  CB    . PHE A 1 123 ? -13.065 8.115   5.280   1.00 28.75 ? 125 PHE A CB    1 
ATOM   991  C  CG    . PHE A 1 123 ? -12.481 6.875   4.606   1.00 25.65 ? 125 PHE A CG    1 
ATOM   992  C  CD1   . PHE A 1 123 ? -11.909 6.992   3.332   1.00 29.55 ? 125 PHE A CD1   1 
ATOM   993  C  CD2   . PHE A 1 123 ? -12.505 5.659   5.224   1.00 33.60 ? 125 PHE A CD2   1 
ATOM   994  C  CE1   . PHE A 1 123 ? -11.360 5.901   2.702   1.00 28.97 ? 125 PHE A CE1   1 
ATOM   995  C  CE2   . PHE A 1 123 ? -11.960 4.541   4.601   1.00 27.67 ? 125 PHE A CE2   1 
ATOM   996  C  CZ    . PHE A 1 123 ? -11.357 4.683   3.355   1.00 25.86 ? 125 PHE A CZ    1 
ATOM   997  N  N     . THR A 1 124 ? -16.258 8.312   3.465   1.00 35.04 ? 126 THR A N     1 
ATOM   998  C  CA    . THR A 1 124 ? -17.629 7.827   3.402   1.00 39.71 ? 126 THR A CA    1 
ATOM   999  C  C     . THR A 1 124 ? -17.624 6.313   3.172   1.00 40.74 ? 126 THR A C     1 
ATOM   1000 O  O     . THR A 1 124 ? -16.610 5.740   2.732   1.00 30.92 ? 126 THR A O     1 
ATOM   1001 C  CB    . THR A 1 124 ? -18.361 8.535   2.265   1.00 31.70 ? 126 THR A CB    1 
ATOM   1002 O  OG1   . THR A 1 124 ? -17.745 8.211   1.014   1.00 37.87 ? 126 THR A OG1   1 
ATOM   1003 C  CG2   . THR A 1 124 ? -18.307 10.050  2.426   1.00 36.79 ? 126 THR A CG2   1 
ATOM   1004 N  N     . PRO A 1 125 ? -18.766 5.639   3.424   1.00 40.44 ? 127 PRO A N     1 
ATOM   1005 C  CA    . PRO A 1 125 ? -18.826 4.244   2.985   1.00 37.30 ? 127 PRO A CA    1 
ATOM   1006 C  C     . PRO A 1 125 ? -18.480 4.027   1.535   1.00 28.75 ? 127 PRO A C     1 
ATOM   1007 O  O     . PRO A 1 125 ? -17.894 2.984   1.204   1.00 34.78 ? 127 PRO A O     1 
ATOM   1008 C  CB    . PRO A 1 125 ? -20.303 3.856   3.253   1.00 37.18 ? 127 PRO A CB    1 
ATOM   1009 C  CG    . PRO A 1 125 ? -20.597 4.676   4.486   1.00 37.06 ? 127 PRO A CG    1 
ATOM   1010 C  CD    . PRO A 1 125 ? -19.998 6.019   4.152   1.00 40.92 ? 127 PRO A CD    1 
ATOM   1011 N  N     . ALA A 1 126 ? -18.951 4.900   0.647   1.00 34.51 ? 128 ALA A N     1 
ATOM   1012 C  CA    . ALA A 1 126 ? -18.744 4.715   -0.769  1.00 33.20 ? 128 ALA A CA    1 
ATOM   1013 C  C     . ALA A 1 126 ? -17.225 4.853   -1.032  1.00 30.03 ? 128 ALA A C     1 
ATOM   1014 O  O     . ALA A 1 126 ? -16.686 4.188   -1.898  1.00 30.18 ? 128 ALA A O     1 
ATOM   1015 C  CB    . ALA A 1 126 ? -19.531 5.728   -1.578  1.00 36.12 ? 128 ALA A CB    1 
ATOM   1016 N  N     . THR A 1 127 ? -16.582 5.685   -0.230  1.00 32.93 ? 129 THR A N     1 
ATOM   1017 C  CA    . THR A 1 127 ? -15.142 6.019   -0.477  1.00 32.56 ? 129 THR A CA    1 
ATOM   1018 C  C     . THR A 1 127 ? -14.340 4.812   -0.027  1.00 27.08 ? 129 THR A C     1 
ATOM   1019 O  O     . THR A 1 127 ? -13.475 4.316   -0.781  1.00 26.55 ? 129 THR A O     1 
ATOM   1020 C  CB    . THR A 1 127 ? -14.698 7.271   0.311   1.00 31.54 ? 129 THR A CB    1 
ATOM   1021 O  OG1   . THR A 1 127 ? -15.422 8.406   -0.161  1.00 35.95 ? 129 THR A OG1   1 
ATOM   1022 C  CG2   . THR A 1 127 ? -13.179 7.551   0.045   1.00 30.45 ? 129 THR A CG2   1 
ATOM   1023 N  N     . ARG A 1 128 ? -14.678 4.285   1.144   1.00 25.67 ? 130 ARG A N     1 
ATOM   1024 C  CA    . ARG A 1 128 ? -14.094 3.041   1.629   1.00 27.54 ? 130 ARG A CA    1 
ATOM   1025 C  C     . ARG A 1 128 ? -14.287 1.903   0.629   1.00 30.23 ? 130 ARG A C     1 
ATOM   1026 O  O     . ARG A 1 128 ? -13.357 1.157   0.326   1.00 26.35 ? 130 ARG A O     1 
ATOM   1027 C  CB    . ARG A 1 128 ? -14.652 2.673   3.011   1.00 27.33 ? 130 ARG A CB    1 
ATOM   1028 C  CG    . ARG A 1 128 ? -14.285 1.291   3.513   1.00 38.32 ? 130 ARG A CG    1 
ATOM   1029 C  CD    . ARG A 1 128 ? -14.715 0.985   4.956   1.00 42.07 ? 130 ARG A CD    1 
ATOM   1030 N  NE    . ARG A 1 128 ? -13.696 0.155   5.616   1.00 57.73 ? 130 ARG A NE    1 
ATOM   1031 C  CZ    . ARG A 1 128 ? -12.717 0.633   6.393   1.00 63.92 ? 130 ARG A CZ    1 
ATOM   1032 N  NH1   . ARG A 1 128 ? -12.664 1.934   6.689   1.00 71.57 ? 130 ARG A NH1   1 
ATOM   1033 N  NH2   . ARG A 1 128 ? -11.792 -0.185  6.891   1.00 49.82 ? 130 ARG A NH2   1 
ATOM   1034 N  N     . THR A 1 129 ? -15.515 1.753   0.079   1.00 25.93 ? 131 THR A N     1 
ATOM   1035 C  CA    . THR A 1 129 ? -15.732 0.638   -0.823  1.00 23.83 ? 131 THR A CA    1 
ATOM   1036 C  C     . THR A 1 129 ? -14.930 0.774   -2.104  1.00 22.87 ? 131 THR A C     1 
ATOM   1037 O  O     . THR A 1 129 ? -14.372 -0.217  -2.665  1.00 25.39 ? 131 THR A O     1 
ATOM   1038 C  CB    . THR A 1 129 ? -17.269 0.506   -1.121  1.00 28.07 ? 131 THR A CB    1 
ATOM   1039 O  OG1   . THR A 1 129 ? -17.898 0.042   0.069   1.00 30.94 ? 131 THR A OG1   1 
ATOM   1040 C  CG2   . THR A 1 129 ? -17.495 -0.518  -2.241  1.00 28.65 ? 131 THR A CG2   1 
ATOM   1041 N  N     . ALA A 1 130 ? -14.804 2.016   -2.541  1.00 25.60 ? 132 ALA A N     1 
ATOM   1042 C  CA    . ALA A 1 130 ? -14.108 2.327   -3.774  1.00 26.88 ? 132 ALA A CA    1 
ATOM   1043 C  C     . ALA A 1 130 ? -12.600 1.933   -3.628  1.00 23.49 ? 132 ALA A C     1 
ATOM   1044 O  O     . ALA A 1 130 ? -12.021 1.208   -4.470  1.00 22.46 ? 132 ALA A O     1 
ATOM   1045 C  CB    . ALA A 1 130 ? -14.283 3.784   -4.088  1.00 26.57 ? 132 ALA A CB    1 
ATOM   1046 N  N     . TRP A 1 131 ? -12.017 2.354   -2.507  1.00 27.54 ? 133 TRP A N     1 
ATOM   1047 C  CA    . TRP A 1 131 ? -10.621 2.002   -2.229  1.00 23.13 ? 133 TRP A CA    1 
ATOM   1048 C  C     . TRP A 1 131 ? -10.440 0.535   -2.068  1.00 21.33 ? 133 TRP A C     1 
ATOM   1049 O  O     . TRP A 1 131 ? -9.391  -0.029  -2.448  1.00 23.07 ? 133 TRP A O     1 
ATOM   1050 C  CB    . TRP A 1 131 ? -10.135 2.776   -1.004  1.00 20.69 ? 133 TRP A CB    1 
ATOM   1051 C  CG    . TRP A 1 131 ? -9.683  4.109   -1.367  1.00 19.48 ? 133 TRP A CG    1 
ATOM   1052 C  CD1   . TRP A 1 131 ? -10.315 5.281   -1.152  1.00 21.66 ? 133 TRP A CD1   1 
ATOM   1053 C  CD2   . TRP A 1 131 ? -8.413  4.432   -1.936  1.00 20.47 ? 133 TRP A CD2   1 
ATOM   1054 N  NE1   . TRP A 1 131 ? -9.571  6.325   -1.637  1.00 24.01 ? 133 TRP A NE1   1 
ATOM   1055 C  CE2   . TRP A 1 131 ? -8.402  5.832   -2.149  1.00 22.48 ? 133 TRP A CE2   1 
ATOM   1056 C  CE3   . TRP A 1 131 ? -7.353  3.658   -2.370  1.00 22.05 ? 133 TRP A CE3   1 
ATOM   1057 C  CZ2   . TRP A 1 131 ? -7.301  6.510   -2.687  1.00 20.21 ? 133 TRP A CZ2   1 
ATOM   1058 C  CZ3   . TRP A 1 131 ? -6.234  4.325   -2.905  1.00 18.77 ? 133 TRP A CZ3   1 
ATOM   1059 C  CH2   . TRP A 1 131 ? -6.243  5.726   -3.060  1.00 20.46 ? 133 TRP A CH2   1 
ATOM   1060 N  N     . SER A 1 132 ? -11.379 -0.113  -1.363  1.00 19.39 ? 134 SER A N     1 
ATOM   1061 C  CA    . SER A 1 132 ? -11.263 -1.530  -1.212  1.00 19.68 ? 134 SER A CA    1 
ATOM   1062 C  C     . SER A 1 132 ? -11.221 -2.266  -2.566  1.00 20.83 ? 134 SER A C     1 
ATOM   1063 O  O     . SER A 1 132 ? -10.471 -3.187  -2.727  1.00 22.22 ? 134 SER A O     1 
ATOM   1064 C  CB    . SER A 1 132 ? -12.405 -2.061  -0.316  1.00 23.72 ? 134 SER A CB    1 
ATOM   1065 O  OG    A SER A 1 132 ? -12.274 -3.439  -0.196  0.50 23.87 ? 134 SER A OG    1 
ATOM   1066 O  OG    B SER A 1 132 ? -12.211 -1.596  1.005   0.50 24.51 ? 134 SER A OG    1 
ATOM   1067 N  N     . ARG A 1 133 ? -12.090 -1.863  -3.493  1.00 22.55 ? 135 ARG A N     1 
ATOM   1068 C  CA    . ARG A 1 133 ? -12.100 -2.424  -4.830  1.00 27.32 ? 135 ARG A CA    1 
ATOM   1069 C  C     . ARG A 1 133 ? -10.787 -2.161  -5.584  1.00 23.72 ? 135 ARG A C     1 
ATOM   1070 O  O     . ARG A 1 133 ? -10.220 -3.069  -6.186  1.00 25.37 ? 135 ARG A O     1 
ATOM   1071 C  CB    . ARG A 1 133 ? -13.314 -1.902  -5.627  1.00 29.62 ? 135 ARG A CB    1 
ATOM   1072 C  CG    A ARG A 1 133 ? -14.566 -2.737  -5.386  0.50 40.05 ? 135 ARG A CG    1 
ATOM   1073 C  CG    B ARG A 1 133 ? -14.659 -2.412  -5.136  0.50 43.81 ? 135 ARG A CG    1 
ATOM   1074 C  CD    A ARG A 1 133 ? -15.794 -2.209  -6.150  0.50 36.42 ? 135 ARG A CD    1 
ATOM   1075 C  CD    B ARG A 1 133 ? -15.746 -2.329  -6.219  0.50 45.98 ? 135 ARG A CD    1 
ATOM   1076 N  NE    A ARG A 1 133 ? -15.487 -2.008  -7.555  0.50 33.82 ? 135 ARG A NE    1 
ATOM   1077 N  NE    B ARG A 1 133 ? -16.966 -3.013  -5.792  0.50 50.03 ? 135 ARG A NE    1 
ATOM   1078 C  CZ    A ARG A 1 133 ? -15.391 -2.984  -8.453  0.50 33.02 ? 135 ARG A CZ    1 
ATOM   1079 C  CZ    B ARG A 1 133 ? -18.114 -2.397  -5.510  0.50 48.31 ? 135 ARG A CZ    1 
ATOM   1080 N  NH1   A ARG A 1 133 ? -15.611 -4.250  -8.111  0.50 34.00 ? 135 ARG A NH1   1 
ATOM   1081 N  NH1   B ARG A 1 133 ? -18.207 -1.086  -5.647  0.50 40.09 ? 135 ARG A NH1   1 
ATOM   1082 N  NH2   A ARG A 1 133 ? -15.063 -2.689  -9.695  0.50 32.60 ? 135 ARG A NH2   1 
ATOM   1083 N  NH2   B ARG A 1 133 ? -19.176 -3.096  -5.108  0.50 45.23 ? 135 ARG A NH2   1 
ATOM   1084 N  N     . LEU A 1 134 ? -10.311 -0.925  -5.516  1.00 23.30 ? 136 LEU A N     1 
ATOM   1085 C  CA    . LEU A 1 134 ? -9.085  -0.600  -6.220  1.00 23.24 ? 136 LEU A CA    1 
ATOM   1086 C  C     . LEU A 1 134 ? -7.909  -1.399  -5.633  1.00 22.77 ? 136 LEU A C     1 
ATOM   1087 O  O     . LEU A 1 134 ? -7.111  -2.029  -6.350  1.00 20.39 ? 136 LEU A O     1 
ATOM   1088 C  CB    . LEU A 1 134 ? -8.840  0.900   -6.156  1.00 23.24 ? 136 LEU A CB    1 
ATOM   1089 C  CG    . LEU A 1 134 ? -7.457  1.314   -6.705  1.00 24.71 ? 136 LEU A CG    1 
ATOM   1090 C  CD1   . LEU A 1 134 ? -7.297  0.887   -8.166  1.00 27.70 ? 136 LEU A CD1   1 
ATOM   1091 C  CD2   . LEU A 1 134 ? -7.235  2.819   -6.546  1.00 26.69 ? 136 LEU A CD2   1 
ATOM   1092 N  N     . TYR A 1 135 ? -7.774  -1.367  -4.301  1.00 21.81 ? 137 TYR A N     1 
ATOM   1093 C  CA    . TYR A 1 135 ? -6.728  -2.137  -3.669  1.00 19.26 ? 137 TYR A CA    1 
ATOM   1094 C  C     . TYR A 1 135 ? -6.845  -3.619  -4.012  1.00 20.57 ? 137 TYR A C     1 
ATOM   1095 O  O     . TYR A 1 135 ? -5.865  -4.289  -4.272  1.00 19.65 ? 137 TYR A O     1 
ATOM   1096 C  CB    . TYR A 1 135 ? -6.740  -1.879  -2.117  1.00 19.20 ? 137 TYR A CB    1 
ATOM   1097 C  CG    . TYR A 1 135 ? -5.574  -2.585  -1.489  1.00 19.73 ? 137 TYR A CG    1 
ATOM   1098 C  CD1   . TYR A 1 135 ? -4.282  -2.040  -1.567  1.00 19.07 ? 137 TYR A CD1   1 
ATOM   1099 C  CD2   . TYR A 1 135 ? -5.745  -3.780  -0.864  1.00 20.46 ? 137 TYR A CD2   1 
ATOM   1100 C  CE1   . TYR A 1 135 ? -3.181  -2.761  -1.110  1.00 18.76 ? 137 TYR A CE1   1 
ATOM   1101 C  CE2   . TYR A 1 135 ? -4.656  -4.476  -0.360  1.00 19.17 ? 137 TYR A CE2   1 
ATOM   1102 C  CZ    . TYR A 1 135 ? -3.373  -3.940  -0.499  1.00 18.24 ? 137 TYR A CZ    1 
ATOM   1103 O  OH    . TYR A 1 135 ? -2.290  -4.681  -0.039  1.00 21.18 ? 137 TYR A OH    1 
ATOM   1104 N  N     . GLY A 1 136 ? -8.067  -4.179  -3.974  1.00 22.44 ? 138 GLY A N     1 
ATOM   1105 C  CA    . GLY A 1 136 ? -8.240  -5.573  -4.316  1.00 25.30 ? 138 GLY A CA    1 
ATOM   1106 C  C     . GLY A 1 136 ? -7.733  -5.871  -5.716  1.00 22.26 ? 138 GLY A C     1 
ATOM   1107 O  O     . GLY A 1 136 ? -7.168  -6.939  -5.976  1.00 24.69 ? 138 GLY A O     1 
ATOM   1108 N  N     . ALA A 1 137 ? -7.987  -4.921  -6.606  1.00 25.27 ? 139 ALA A N     1 
ATOM   1109 C  CA    . ALA A 1 137 ? -7.626  -5.124  -8.021  1.00 24.50 ? 139 ALA A CA    1 
ATOM   1110 C  C     . ALA A 1 137 ? -6.117  -5.111  -8.178  1.00 24.89 ? 139 ALA A C     1 
ATOM   1111 O  O     . ALA A 1 137 ? -5.536  -5.921  -8.897  1.00 24.11 ? 139 ALA A O     1 
ATOM   1112 C  CB    . ALA A 1 137 ? -8.236  -4.030  -8.875  1.00 23.94 ? 139 ALA A CB    1 
ATOM   1113 N  N     . VAL A 1 138 ? -5.475  -4.258  -7.376  1.00 22.86 ? 140 VAL A N     1 
ATOM   1114 C  CA    . VAL A 1 138 ? -4.024  -4.186  -7.354  1.00 21.63 ? 140 VAL A CA    1 
ATOM   1115 C  C     . VAL A 1 138 ? -3.480  -5.509  -6.847  1.00 22.92 ? 140 VAL A C     1 
ATOM   1116 O  O     . VAL A 1 138 ? -2.537  -6.074  -7.415  1.00 21.28 ? 140 VAL A O     1 
ATOM   1117 C  CB    . VAL A 1 138 ? -3.539  -2.962  -6.485  1.00 21.44 ? 140 VAL A CB    1 
ATOM   1118 C  CG1   . VAL A 1 138 ? -2.041  -3.027  -6.204  1.00 21.49 ? 140 VAL A CG1   1 
ATOM   1119 C  CG2   . VAL A 1 138 ? -3.939  -1.627  -7.105  1.00 19.91 ? 140 VAL A CG2   1 
ATOM   1120 N  N     . VAL A 1 139 ? -3.990  -5.996  -5.705  1.00 17.42 ? 141 VAL A N     1 
ATOM   1121 C  CA    . VAL A 1 139 ? -3.476  -7.188  -5.134  1.00 20.21 ? 141 VAL A CA    1 
ATOM   1122 C  C     . VAL A 1 139 ? -3.759  -8.401  -6.066  1.00 20.80 ? 141 VAL A C     1 
ATOM   1123 O  O     . VAL A 1 139 ? -2.970  -9.296  -6.112  1.00 21.54 ? 141 VAL A O     1 
ATOM   1124 C  CB    . VAL A 1 139 ? -4.076  -7.458  -3.752  1.00 22.61 ? 141 VAL A CB    1 
ATOM   1125 C  CG1   . VAL A 1 139 ? -3.553  -8.812  -3.266  1.00 27.29 ? 141 VAL A CG1   1 
ATOM   1126 C  CG2   . VAL A 1 139 ? -3.605  -6.358  -2.818  1.00 25.85 ? 141 VAL A CG2   1 
ATOM   1127 N  N     . GLN A 1 140 ? -4.889  -8.386  -6.767  1.00 24.69 ? 142 GLN A N     1 
ATOM   1128 C  CA    . GLN A 1 140 ? -5.220  -9.481  -7.748  1.00 23.58 ? 142 GLN A CA    1 
ATOM   1129 C  C     . GLN A 1 140 ? -4.125  -9.572  -8.824  1.00 23.79 ? 142 GLN A C     1 
ATOM   1130 O  O     . GLN A 1 140 ? -3.549  -10.635 -9.049  1.00 24.61 ? 142 GLN A O     1 
ATOM   1131 C  CB    . GLN A 1 140 ? -6.562  -9.208  -8.442  1.00 30.90 ? 142 GLN A CB    1 
ATOM   1132 C  CG    . GLN A 1 140 ? -6.974  -10.306 -9.437  1.00 42.79 ? 142 GLN A CG    1 
ATOM   1133 C  CD    . GLN A 1 140 ? -8.289  -10.028 -10.163 1.00 60.90 ? 142 GLN A CD    1 
ATOM   1134 O  OE1   . GLN A 1 140 ? -8.754  -8.880  -10.256 1.00 71.75 ? 142 GLN A OE1   1 
ATOM   1135 N  NE2   . GLN A 1 140 ? -8.879  -11.085 -10.722 1.00 78.65 ? 142 GLN A NE2   1 
ATOM   1136 N  N     . ALA A 1 141 ? -3.740  -8.420  -9.339  1.00 23.40 ? 143 ALA A N     1 
ATOM   1137 C  CA    . ALA A 1 141 ? -2.620  -8.348  -10.288 1.00 24.94 ? 143 ALA A CA    1 
ATOM   1138 C  C     . ALA A 1 141 ? -1.303  -8.759  -9.679  1.00 30.88 ? 143 ALA A C     1 
ATOM   1139 O  O     . ALA A 1 141 ? -0.633  -9.616  -10.217 1.00 24.18 ? 143 ALA A O     1 
ATOM   1140 C  CB    . ALA A 1 141 ? -2.554  -6.993  -10.938 1.00 24.07 ? 143 ALA A CB    1 
ATOM   1141 N  N     . MET A 1 142 ? -1.002  -8.314  -8.448  1.00 21.57 ? 144 MET A N     1 
ATOM   1142 C  CA    . MET A 1 142 ? 0.217   -8.791  -7.820  1.00 23.49 ? 144 MET A CA    1 
ATOM   1143 C  C     . MET A 1 142 ? 0.241   -10.271 -7.554  1.00 24.72 ? 144 MET A C     1 
ATOM   1144 O  O     . MET A 1 142 ? 1.289   -10.864 -7.503  1.00 24.78 ? 144 MET A O     1 
ATOM   1145 C  CB    . MET A 1 142 ? 0.458   -8.023  -6.482  1.00 21.36 ? 144 MET A CB    1 
ATOM   1146 C  CG    . MET A 1 142 ? 0.577   -6.550  -6.725  1.00 20.05 ? 144 MET A CG    1 
ATOM   1147 S  SD    . MET A 1 142 ? 0.991   -5.549  -5.221  1.00 21.85 ? 144 MET A SD    1 
ATOM   1148 C  CE    . MET A 1 142 ? 2.530   -6.225  -4.775  1.00 22.01 ? 144 MET A CE    1 
ATOM   1149 N  N     . SER A 1 143 ? -0.934  -10.889 -7.335  1.00 23.63 ? 145 SER A N     1 
ATOM   1150 C  CA    . SER A 1 143 ? -0.975  -12.254 -6.835  1.00 24.23 ? 145 SER A CA    1 
ATOM   1151 C  C     . SER A 1 143 ? -0.518  -13.174 -7.954  1.00 25.26 ? 145 SER A C     1 
ATOM   1152 O  O     . SER A 1 143 ? -0.105  -14.302 -7.695  1.00 31.21 ? 145 SER A O     1 
ATOM   1153 C  CB    . SER A 1 143 ? -2.408  -12.626 -6.462  1.00 26.15 ? 145 SER A CB    1 
ATOM   1154 O  OG    . SER A 1 143 ? -3.241  -12.589 -7.625  1.00 30.75 ? 145 SER A OG    1 
ATOM   1155 N  N     . ARG A 1 144 ? -0.606  -12.665 -9.176  1.00 27.68 ? 146 ARG A N     1 
ATOM   1156 C  CA    . ARG A 1 144 ? -0.120  -13.412 -10.339 1.00 32.95 ? 146 ARG A CA    1 
ATOM   1157 C  C     . ARG A 1 144 ? 1.377   -13.707 -10.143 1.00 30.70 ? 146 ARG A C     1 
ATOM   1158 O  O     . ARG A 1 144 ? 1.919   -14.617 -10.781 1.00 34.10 ? 146 ARG A O     1 
ATOM   1159 C  CB    . ARG A 1 144 ? -0.362  -12.626 -11.631 1.00 30.46 ? 146 ARG A CB    1 
ATOM   1160 C  CG    . ARG A 1 144 ? -1.849  -12.472 -12.000 1.00 39.05 ? 146 ARG A CG    1 
ATOM   1161 C  CD    . ARG A 1 144 ? -2.094  -11.546 -13.196 1.00 52.82 ? 146 ARG A CD    1 
ATOM   1162 N  NE    . ARG A 1 144 ? -2.134  -12.303 -14.452 1.00 67.24 ? 146 ARG A NE    1 
ATOM   1163 C  CZ    . ARG A 1 144 ? -1.129  -12.414 -15.325 1.00 70.94 ? 146 ARG A CZ    1 
ATOM   1164 N  NH1   . ARG A 1 144 ? 0.025   -11.759 -15.152 1.00 59.27 ? 146 ARG A NH1   1 
ATOM   1165 N  NH2   . ARG A 1 144 ? -1.296  -13.168 -16.406 1.00 73.62 ? 146 ARG A NH2   1 
ATOM   1166 N  N     . GLY A 1 145 ? 2.062   -12.898 -9.317  1.00 30.08 ? 147 GLY A N     1 
ATOM   1167 C  CA    . GLY A 1 145 ? 3.493   -13.065 -9.052  1.00 27.23 ? 147 GLY A CA    1 
ATOM   1168 C  C     . GLY A 1 145 ? 3.870   -14.219 -8.178  1.00 32.46 ? 147 GLY A C     1 
ATOM   1169 O  O     . GLY A 1 145 ? 5.042   -14.634 -8.115  1.00 38.60 ? 147 GLY A O     1 
ATOM   1170 N  N     . TRP A 1 146 ? 2.881   -14.688 -7.426  1.00 34.64 ? 148 TRP A N     1 
ATOM   1171 C  CA    . TRP A 1 146 ? 3.026   -15.841 -6.572  1.00 37.78 ? 148 TRP A CA    1 
ATOM   1172 C  C     . TRP A 1 146 ? 2.567   -17.035 -7.435  1.00 48.92 ? 148 TRP A C     1 
ATOM   1173 O  O     . TRP A 1 146 ? 2.279   -18.109 -6.920  1.00 57.58 ? 148 TRP A O     1 
ATOM   1174 C  CB    . TRP A 1 146 ? 2.172   -15.664 -5.308  1.00 36.64 ? 148 TRP A CB    1 
ATOM   1175 C  CG    . TRP A 1 146 ? 2.781   -14.721 -4.229  1.00 32.66 ? 148 TRP A CG    1 
ATOM   1176 C  CD1   . TRP A 1 146 ? 3.478   -15.111 -3.111  1.00 35.73 ? 148 TRP A CD1   1 
ATOM   1177 C  CD2   . TRP A 1 146 ? 2.684   -13.292 -4.159  1.00 36.50 ? 148 TRP A CD2   1 
ATOM   1178 N  NE1   . TRP A 1 146 ? 3.851   -14.004 -2.361  1.00 35.36 ? 148 TRP A NE1   1 
ATOM   1179 C  CE2   . TRP A 1 146 ? 3.371   -12.877 -2.972  1.00 32.16 ? 148 TRP A CE2   1 
ATOM   1180 C  CE3   . TRP A 1 146 ? 2.108   -12.323 -4.974  1.00 35.65 ? 148 TRP A CE3   1 
ATOM   1181 C  CZ2   . TRP A 1 146 ? 3.442   -11.542 -2.565  1.00 35.06 ? 148 TRP A CZ2   1 
ATOM   1182 C  CZ3   . TRP A 1 146 ? 2.163   -10.986 -4.566  1.00 38.30 ? 148 TRP A CZ3   1 
ATOM   1183 C  CH2   . TRP A 1 146 ? 2.861   -10.605 -3.381  1.00 36.44 ? 148 TRP A CH2   1 
ATOM   1184 N  N     . ASP A 1 147 ? 2.621   -16.828 -8.755  1.00 59.96 ? 149 ASP A N     1 
ATOM   1185 C  CA    . ASP A 1 147 ? 2.083   -17.702 -9.821  1.00 74.67 ? 149 ASP A CA    1 
ATOM   1186 C  C     . ASP A 1 147 ? 0.683   -18.287 -9.645  1.00 84.35 ? 149 ASP A C     1 
ATOM   1187 O  O     . ASP A 1 147 ? 0.454   -19.479 -9.871  1.00 90.00 ? 149 ASP A O     1 
ATOM   1188 C  CB    . ASP A 1 147 ? 3.110   -18.726 -10.357 1.00 81.34 ? 149 ASP A CB    1 
ATOM   1189 C  CG    . ASP A 1 147 ? 3.677   -19.640 -9.271  1.00 90.00 ? 149 ASP A CG    1 
ATOM   1190 O  OD1   . ASP A 1 147 ? 2.892   -20.276 -8.528  1.00 90.00 ? 149 ASP A OD1   1 
ATOM   1191 O  OD2   . ASP A 1 147 ? 4.919   -19.771 -9.199  1.00 90.00 ? 149 ASP A OD2   1 
ATOM   1192 N  N     . GLY A 1 148 ? -0.265  -17.404 -9.338  1.00 81.08 ? 150 GLY A N     1 
ATOM   1193 C  CA    . GLY A 1 148 ? -1.648  -17.775 -9.084  1.00 75.07 ? 150 GLY A CA    1 
ATOM   1194 C  C     . GLY A 1 148 ? -2.352  -16.707 -8.266  1.00 83.29 ? 150 GLY A C     1 
ATOM   1195 O  O     . GLY A 1 148 ? -1.957  -16.406 -7.133  1.00 75.35 ? 150 GLY A O     1 
HETATM 1196 C  CHA   . HEM B 2 .   ? 10.276  -3.128  -2.794  1.00 16.41 ? 201 HEM A CHA   1 
HETATM 1197 C  CHB   . HEM B 2 .   ? 8.898   -5.065  1.390   1.00 17.26 ? 201 HEM A CHB   1 
HETATM 1198 C  CHC   . HEM B 2 .   ? 4.301   -3.705  0.405   1.00 17.59 ? 201 HEM A CHC   1 
HETATM 1199 C  CHD   . HEM B 2 .   ? 5.882   -1.149  -3.410  1.00 15.69 ? 201 HEM A CHD   1 
HETATM 1200 C  C1A   . HEM B 2 .   ? 10.252  -3.762  -1.594  1.00 17.25 ? 201 HEM A C1A   1 
HETATM 1201 C  C2A   . HEM B 2 .   ? 11.412  -4.296  -1.000  1.00 17.10 ? 201 HEM A C2A   1 
HETATM 1202 C  C3A   . HEM B 2 .   ? 11.040  -4.859  0.194   1.00 18.03 ? 201 HEM A C3A   1 
HETATM 1203 C  C4A   . HEM B 2 .   ? 9.655   -4.635  0.325   1.00 19.39 ? 201 HEM A C4A   1 
HETATM 1204 C  CMA   . HEM B 2 .   ? 11.887  -5.572  1.225   1.00 21.41 ? 201 HEM A CMA   1 
HETATM 1205 C  CAA   . HEM B 2 .   ? 12.781  -4.306  -1.565  1.00 16.88 ? 201 HEM A CAA   1 
HETATM 1206 C  CBA   . HEM B 2 .   ? 13.630  -3.242  -0.842  1.00 18.78 ? 201 HEM A CBA   1 
HETATM 1207 C  CGA   . HEM B 2 .   ? 13.163  -1.866  -1.188  1.00 21.71 ? 201 HEM A CGA   1 
HETATM 1208 O  O1A   . HEM B 2 .   ? 13.289  -1.395  -2.371  1.00 21.01 ? 201 HEM A O1A   1 
HETATM 1209 O  O2A   . HEM B 2 .   ? 12.726  -1.124  -0.290  1.00 19.70 ? 201 HEM A O2A   1 
HETATM 1210 C  C1B   . HEM B 2 .   ? 7.531   -4.831  1.446   1.00 16.94 ? 201 HEM A C1B   1 
HETATM 1211 C  C2B   . HEM B 2 .   ? 6.749   -5.314  2.519   1.00 16.12 ? 201 HEM A C2B   1 
HETATM 1212 C  C3B   . HEM B 2 .   ? 5.431   -5.041  2.196   1.00 16.34 ? 201 HEM A C3B   1 
HETATM 1213 C  C4B   . HEM B 2 .   ? 5.420   -4.255  0.984   1.00 16.98 ? 201 HEM A C4B   1 
HETATM 1214 C  CMB   . HEM B 2 .   ? 7.259   -6.196  3.631   1.00 18.92 ? 201 HEM A CMB   1 
HETATM 1215 C  CAB   . HEM B 2 .   ? 4.189   -5.298  2.970   1.00 18.51 ? 201 HEM A CAB   1 
HETATM 1216 C  CBB   . HEM B 2 .   ? 3.807   -6.520  3.127   1.00 25.53 ? 201 HEM A CBB   1 
HETATM 1217 C  C1C   . HEM B 2 .   ? 4.368   -2.895  -0.705  1.00 18.72 ? 201 HEM A C1C   1 
HETATM 1218 C  C2C   . HEM B 2 .   ? 3.258   -2.359  -1.332  1.00 19.20 ? 201 HEM A C2C   1 
HETATM 1219 C  C3C   . HEM B 2 .   ? 3.720   -1.613  -2.419  1.00 19.76 ? 201 HEM A C3C   1 
HETATM 1220 C  C4C   . HEM B 2 .   ? 5.095   -1.769  -2.472  1.00 18.73 ? 201 HEM A C4C   1 
HETATM 1221 C  CMC   . HEM B 2 .   ? 1.858   -2.525  -0.776  1.00 23.47 ? 201 HEM A CMC   1 
HETATM 1222 C  CAC   . HEM B 2 .   ? 2.966   -0.790  -3.358  1.00 20.20 ? 201 HEM A CAC   1 
HETATM 1223 C  CBC   . HEM B 2 .   ? 1.682   -1.005  -3.406  1.00 27.81 ? 201 HEM A CBC   1 
HETATM 1224 C  C1D   . HEM B 2 .   ? 7.195   -1.538  -3.459  1.00 15.98 ? 201 HEM A C1D   1 
HETATM 1225 C  C2D   . HEM B 2 .   ? 8.022   -1.045  -4.570  1.00 17.65 ? 201 HEM A C2D   1 
HETATM 1226 C  C3D   . HEM B 2 .   ? 9.229   -1.592  -4.430  1.00 15.67 ? 201 HEM A C3D   1 
HETATM 1227 C  C4D   . HEM B 2 .   ? 9.153   -2.411  -3.221  1.00 17.32 ? 201 HEM A C4D   1 
HETATM 1228 C  CMD   . HEM B 2 .   ? 7.530   -0.036  -5.556  1.00 15.01 ? 201 HEM A CMD   1 
HETATM 1229 C  CAD   . HEM B 2 .   ? 10.398  -1.445  -5.403  1.00 16.60 ? 201 HEM A CAD   1 
HETATM 1230 C  CBD   . HEM B 2 .   ? 10.541  -2.840  -6.112  1.00 20.92 ? 201 HEM A CBD   1 
HETATM 1231 C  CGD   . HEM B 2 .   ? 11.606  -2.950  -7.203  1.00 22.20 ? 201 HEM A CGD   1 
HETATM 1232 O  O1D   . HEM B 2 .   ? 12.757  -3.321  -6.940  1.00 27.69 ? 201 HEM A O1D   1 
HETATM 1233 O  O2D   . HEM B 2 .   ? 11.329  -2.650  -8.344  1.00 25.17 ? 201 HEM A O2D   1 
HETATM 1234 N  NA    . HEM B 2 .   ? 9.161   -3.980  -0.768  1.00 17.77 ? 201 HEM A NA    1 
HETATM 1235 N  NB    . HEM B 2 .   ? 6.685   -4.220  0.595   1.00 14.43 ? 201 HEM A NB    1 
HETATM 1236 N  NC    . HEM B 2 .   ? 5.484   -2.534  -1.424  1.00 17.09 ? 201 HEM A NC    1 
HETATM 1237 N  ND    . HEM B 2 .   ? 7.897   -2.362  -2.693  1.00 14.11 ? 201 HEM A ND    1 
HETATM 1238 FE FE    . HEM B 2 .   ? 7.304   -3.257  -1.095  1.00 15.95 ? 201 HEM A FE    1 
HETATM 1239 C  C1    . DIO C 3 .   ? -2.231  14.118  8.641   1.00 35.88 ? 202 DIO A C1    1 
HETATM 1240 C  C2    . DIO C 3 .   ? -0.688  12.275  8.693   1.00 25.63 ? 202 DIO A C2    1 
HETATM 1241 C  "C1'" . DIO C 3 .   ? -3.370  13.179  8.203   1.00 32.22 ? 202 DIO A "C1'" 1 
HETATM 1242 C  "C2'" . DIO C 3 .   ? -1.789  11.408  8.112   1.00 28.31 ? 202 DIO A "C2'" 1 
HETATM 1243 O  O1    . DIO C 3 .   ? -0.933  13.637  8.250   1.00 40.06 ? 202 DIO A O1    1 
HETATM 1244 O  "O1'" . DIO C 3 .   ? -3.100  11.796  8.472   1.00 27.03 ? 202 DIO A "O1'" 1 
HETATM 1245 C  C1    . DIO D 3 .   ? 4.131   11.618  -4.654  1.00 29.19 ? 203 DIO A C1    1 
HETATM 1246 C  C2    . DIO D 3 .   ? 2.534   9.734   -4.460  1.00 26.46 ? 203 DIO A C2    1 
HETATM 1247 C  "C1'" . DIO D 3 .   ? 2.931   12.590  -4.640  1.00 28.48 ? 203 DIO A "C1'" 1 
HETATM 1248 C  "C2'" . DIO D 3 .   ? 1.407   10.778  -4.358  1.00 31.02 ? 203 DIO A "C2'" 1 
HETATM 1249 O  O1    . DIO D 3 .   ? 3.778   10.335  -4.067  1.00 26.29 ? 203 DIO A O1    1 
HETATM 1250 O  "O1'" . DIO D 3 .   ? 1.737   11.948  -5.087  1.00 31.13 ? 203 DIO A "O1'" 1 
HETATM 1251 S  S     . SO4 E 4 .   ? 5.597   14.302  3.049   0.65 22.96 ? 204 SO4 A S     1 
HETATM 1252 O  O1    . SO4 E 4 .   ? 5.125   15.649  2.607   0.65 27.89 ? 204 SO4 A O1    1 
HETATM 1253 O  O2    . SO4 E 4 .   ? 6.963   14.493  3.609   0.65 24.06 ? 204 SO4 A O2    1 
HETATM 1254 O  O3    . SO4 E 4 .   ? 5.770   13.489  1.912   0.65 16.24 ? 204 SO4 A O3    1 
HETATM 1255 O  O4    . SO4 E 4 .   ? 4.585   13.802  4.100   0.65 20.50 ? 204 SO4 A O4    1 
HETATM 1256 O  O1    . OXY F 5 .   ? -5.070  0.954   -3.496  0.50 36.71 ? 205 OXY A O1    1 
HETATM 1257 O  O2    . OXY F 5 .   ? -4.508  0.999   -4.566  0.50 34.60 ? 205 OXY A O2    1 
HETATM 1258 O  O     . HOH G 6 .   ? 13.127  10.882  3.860   1.00 50.97 ? 301 HOH A O     1 
HETATM 1259 O  O     . HOH G 6 .   ? 14.150  -2.262  -4.385  1.00 28.18 ? 302 HOH A O     1 
HETATM 1260 O  O     . HOH G 6 .   ? -10.451 2.218   8.154   1.00 37.23 ? 303 HOH A O     1 
HETATM 1261 O  O     . HOH G 6 .   ? 8.982   -0.842  -9.033  1.00 34.84 ? 304 HOH A O     1 
HETATM 1262 O  O     . HOH G 6 .   ? 14.397  8.909   3.042   1.00 44.66 ? 305 HOH A O     1 
HETATM 1263 O  O     . HOH G 6 .   ? -0.320  5.006   -16.061 1.00 45.00 ? 306 HOH A O     1 
HETATM 1264 O  O     . HOH G 6 .   ? 0.888   -0.883  -19.619 1.00 42.35 ? 307 HOH A O     1 
HETATM 1265 O  O     . HOH G 6 .   ? -5.946  12.289  -7.134  1.00 34.09 ? 308 HOH A O     1 
HETATM 1266 O  O     . HOH G 6 .   ? -13.483 -1.987  4.249   1.00 54.72 ? 309 HOH A O     1 
HETATM 1267 O  O     . HOH G 6 .   ? 0.637   8.695   -11.988 0.50 34.49 ? 310 HOH A O     1 
HETATM 1268 O  O     . HOH G 6 .   ? 3.975   -11.868 8.411   1.00 29.18 ? 311 HOH A O     1 
HETATM 1269 O  O     . HOH G 6 .   ? -11.675 -3.018  7.786   1.00 42.00 ? 312 HOH A O     1 
HETATM 1270 O  O     . HOH G 6 .   ? -1.816  16.194  3.205   1.00 36.26 ? 313 HOH A O     1 
HETATM 1271 O  O     . HOH G 6 .   ? 18.106  1.278   7.232   1.00 28.84 ? 314 HOH A O     1 
HETATM 1272 O  O     . HOH G 6 .   ? 16.597  -3.197  8.076   1.00 28.86 ? 315 HOH A O     1 
HETATM 1273 O  O     . HOH G 6 .   ? -0.969  12.335  -7.045  1.00 39.41 ? 316 HOH A O     1 
HETATM 1274 O  O     . HOH G 6 .   ? -18.011 1.003   2.887   1.00 38.35 ? 317 HOH A O     1 
HETATM 1275 O  O     . HOH G 6 .   ? 9.839   -3.407  20.330  0.50 37.38 ? 318 HOH A O     1 
HETATM 1276 O  O     . HOH G 6 .   ? -9.802  16.453  -2.760  1.00 47.05 ? 319 HOH A O     1 
HETATM 1277 O  O     . HOH G 6 .   ? -1.337  -10.080 14.064  1.00 21.32 ? 320 HOH A O     1 
HETATM 1278 O  O     . HOH G 6 .   ? 17.928  -5.971  15.067  1.00 40.29 ? 321 HOH A O     1 
HETATM 1279 O  O     . HOH G 6 .   ? -2.775  16.684  -4.153  1.00 38.63 ? 322 HOH A O     1 
HETATM 1280 O  O     . HOH G 6 .   ? -19.167 9.341   -0.935  1.00 40.61 ? 323 HOH A O     1 
HETATM 1281 O  O     . HOH G 6 .   ? -7.226  9.663   16.458  1.00 34.95 ? 324 HOH A O     1 
HETATM 1282 O  O     . HOH G 6 .   ? 5.510   9.025   -2.493  1.00 20.33 ? 325 HOH A O     1 
HETATM 1283 O  O     . HOH G 6 .   ? -18.216 3.101   -3.816  1.00 35.00 ? 326 HOH A O     1 
HETATM 1284 O  O     . HOH G 6 .   ? 14.027  -5.452  9.431   1.00 19.70 ? 327 HOH A O     1 
HETATM 1285 O  O     . HOH G 6 .   ? 3.875   0.523   14.706  1.00 19.59 ? 328 HOH A O     1 
HETATM 1286 O  O     . HOH G 6 .   ? 4.352   -11.986 4.964   1.00 31.31 ? 329 HOH A O     1 
HETATM 1287 O  O     . HOH G 6 .   ? 3.538   -22.139 3.488   1.00 48.01 ? 330 HOH A O     1 
HETATM 1288 O  O     . HOH G 6 .   ? 13.462  -9.821  3.093   1.00 29.63 ? 331 HOH A O     1 
HETATM 1289 O  O     . HOH G 6 .   ? -11.371 15.380  5.335   1.00 51.24 ? 332 HOH A O     1 
HETATM 1290 O  O     . HOH G 6 .   ? -3.598  -4.874  -13.313 1.00 41.39 ? 333 HOH A O     1 
HETATM 1291 O  O     . HOH G 6 .   ? -2.602  9.752   -9.377  1.00 29.72 ? 334 HOH A O     1 
HETATM 1292 O  O     . HOH G 6 .   ? 7.807   -0.676  19.753  1.00 30.50 ? 335 HOH A O     1 
HETATM 1293 O  O     . HOH G 6 .   ? -20.436 1.054   0.017   1.00 47.78 ? 336 HOH A O     1 
HETATM 1294 O  O     . HOH G 6 .   ? 1.451   -5.649  17.699  1.00 22.18 ? 337 HOH A O     1 
HETATM 1295 O  O     . HOH G 6 .   ? 13.769  1.564   -0.238  1.00 20.51 ? 338 HOH A O     1 
HETATM 1296 O  O     . HOH G 6 .   ? 8.766   -12.846 10.020  1.00 30.32 ? 339 HOH A O     1 
HETATM 1297 O  O     . HOH G 6 .   ? 3.390   6.935   -9.591  1.00 33.97 ? 340 HOH A O     1 
HETATM 1298 O  O     . HOH G 6 .   ? -10.191 -7.674  -8.219  1.00 50.98 ? 341 HOH A O     1 
HETATM 1299 O  O     . HOH G 6 .   ? -7.352  8.849   -12.345 1.00 39.23 ? 342 HOH A O     1 
HETATM 1300 O  O     . HOH G 6 .   ? -11.452 -5.459  -6.870  1.00 39.02 ? 343 HOH A O     1 
HETATM 1301 O  O     . HOH G 6 .   ? 8.228   1.216   4.039   1.00 15.40 ? 344 HOH A O     1 
HETATM 1302 O  O     . HOH G 6 .   ? -9.312  -4.811  -0.793  1.00 45.16 ? 345 HOH A O     1 
HETATM 1303 O  O     . HOH G 6 .   ? 9.141   -14.787 -6.558  0.50 22.14 ? 346 HOH A O     1 
HETATM 1304 O  O     . HOH G 6 .   ? 10.274  -0.636  21.554  1.00 26.31 ? 347 HOH A O     1 
HETATM 1305 O  O     . HOH G 6 .   ? 6.662   2.121   17.577  1.00 24.63 ? 348 HOH A O     1 
HETATM 1306 O  O     . HOH G 6 .   ? 18.025  3.456   11.393  1.00 32.27 ? 349 HOH A O     1 
HETATM 1307 O  O     . HOH G 6 .   ? 5.734   -11.007 -14.596 1.00 45.29 ? 350 HOH A O     1 
HETATM 1308 O  O     . HOH G 6 .   ? 19.331  6.390   9.976   1.00 28.62 ? 351 HOH A O     1 
HETATM 1309 O  O     . HOH G 6 .   ? 5.224   -9.269  -15.760 1.00 38.44 ? 352 HOH A O     1 
HETATM 1310 O  O     . HOH G 6 .   ? -6.034  15.033  5.711   1.00 32.97 ? 353 HOH A O     1 
HETATM 1311 O  O     . HOH G 6 .   ? -6.328  -6.350  -11.547 1.00 49.72 ? 354 HOH A O     1 
HETATM 1312 O  O     . HOH G 6 .   ? -5.377  -8.938  -12.490 1.00 42.18 ? 355 HOH A O     1 
HETATM 1313 O  O     . HOH G 6 .   ? 2.312   -3.203  -16.558 1.00 26.96 ? 356 HOH A O     1 
HETATM 1314 O  O     . HOH G 6 .   ? 5.755   15.741  -0.137  1.00 44.36 ? 357 HOH A O     1 
HETATM 1315 O  O     . HOH G 6 .   ? -2.185  5.674   -17.966 1.00 42.37 ? 358 HOH A O     1 
HETATM 1316 O  O     . HOH G 6 .   ? -3.563  8.909   8.136   1.00 22.87 ? 359 HOH A O     1 
HETATM 1317 O  O     . HOH G 6 .   ? 9.935   -9.809  -9.967  1.00 46.06 ? 360 HOH A O     1 
HETATM 1318 O  O     . HOH G 6 .   ? 7.317   11.021  -1.971  1.00 26.44 ? 361 HOH A O     1 
HETATM 1319 O  O     . HOH G 6 .   ? 10.163  9.127   10.366  1.00 15.98 ? 362 HOH A O     1 
HETATM 1320 O  O     . HOH G 6 .   ? -3.966  -10.951 0.020   1.00 36.72 ? 363 HOH A O     1 
HETATM 1321 O  O     . HOH G 6 .   ? 3.848   -4.023  16.865  1.00 22.95 ? 364 HOH A O     1 
HETATM 1322 O  O     . HOH G 6 .   ? 1.253   16.229  -4.469  1.00 49.66 ? 365 HOH A O     1 
HETATM 1323 O  O     . HOH G 6 .   ? 15.715  -4.577  -4.045  1.00 34.21 ? 366 HOH A O     1 
HETATM 1324 O  O     . HOH G 6 .   ? 16.886  -2.099  14.754  1.00 37.97 ? 367 HOH A O     1 
HETATM 1325 O  O     . HOH G 6 .   ? 8.205   9.736   8.491   1.00 16.82 ? 368 HOH A O     1 
HETATM 1326 O  O     . HOH G 6 .   ? -10.189 14.775  8.575   1.00 42.66 ? 369 HOH A O     1 
HETATM 1327 O  O     . HOH G 6 .   ? -2.378  -3.486  17.203  1.00 28.41 ? 370 HOH A O     1 
HETATM 1328 O  O     . HOH G 6 .   ? -13.836 10.956  -1.844  1.00 50.05 ? 371 HOH A O     1 
HETATM 1329 O  O     . HOH G 6 .   ? -2.535  11.301  -13.252 0.50 31.67 ? 372 HOH A O     1 
HETATM 1330 O  O     . HOH G 6 .   ? -20.906 -0.645  -4.453  1.00 48.82 ? 373 HOH A O     1 
HETATM 1331 O  O     . HOH G 6 .   ? 16.661  3.575   -0.700  1.00 50.97 ? 374 HOH A O     1 
HETATM 1332 O  O     . HOH G 6 .   ? 18.846  -1.500  11.028  1.00 39.21 ? 375 HOH A O     1 
HETATM 1333 O  O     . HOH G 6 .   ? 7.171   -15.460 0.363   1.00 51.01 ? 376 HOH A O     1 
HETATM 1334 O  O     . HOH G 6 .   ? -6.605  -9.341  7.063   1.00 48.70 ? 377 HOH A O     1 
HETATM 1335 O  O     . HOH G 6 .   ? 7.539   14.041  6.555   0.50 32.13 ? 378 HOH A O     1 
HETATM 1336 O  O     . HOH G 6 .   ? -21.058 7.067   0.960   1.00 46.55 ? 379 HOH A O     1 
HETATM 1337 O  O     . HOH G 6 .   ? -7.660  -5.873  2.636   1.00 35.35 ? 380 HOH A O     1 
HETATM 1338 O  O     . HOH G 6 .   ? -7.962  6.166   -15.157 1.00 45.13 ? 381 HOH A O     1 
HETATM 1339 O  O     . HOH G 6 .   ? 6.526   1.956   10.629  1.00 30.63 ? 382 HOH A O     1 
HETATM 1340 O  O     . HOH G 6 .   ? -0.509  -12.249 7.074   1.00 43.33 ? 383 HOH A O     1 
HETATM 1341 O  O     . HOH G 6 .   ? 2.229   -16.646 -0.006  1.00 42.15 ? 384 HOH A O     1 
HETATM 1342 O  O     . HOH G 6 .   ? -3.648  13.384  -6.399  1.00 40.79 ? 385 HOH A O     1 
HETATM 1343 O  O     . HOH G 6 .   ? 3.451   16.497  -1.690  1.00 49.51 ? 386 HOH A O     1 
HETATM 1344 O  O     . HOH G 6 .   ? 14.525  -5.706  -7.938  1.00 53.23 ? 387 HOH A O     1 
HETATM 1345 O  O     . HOH G 6 .   ? 9.353   -19.527 -8.688  1.00 54.57 ? 388 HOH A O     1 
HETATM 1346 O  O     . HOH G 6 .   ? -9.073  11.140  12.701  1.00 52.99 ? 389 HOH A O     1 
HETATM 1347 O  O     . HOH G 6 .   ? -9.913  -1.582  -14.299 1.00 58.95 ? 390 HOH A O     1 
HETATM 1348 O  O     . HOH G 6 .   ? -16.659 4.326   6.040   1.00 61.35 ? 391 HOH A O     1 
HETATM 1349 O  O     . HOH G 6 .   ? 18.600  -2.796  18.046  1.00 38.84 ? 392 HOH A O     1 
HETATM 1350 O  O     . HOH G 6 .   ? 9.747   -15.820 -12.543 1.00 54.55 ? 393 HOH A O     1 
HETATM 1351 O  O     . HOH G 6 .   ? -15.412 -3.193  -2.198  1.00 42.30 ? 394 HOH A O     1 
HETATM 1352 O  O     . HOH G 6 .   ? -3.968  -12.362 6.616   1.00 54.15 ? 395 HOH A O     1 
HETATM 1353 O  O     . HOH G 6 .   ? 0.390   -17.548 4.835   1.00 55.27 ? 396 HOH A O     1 
HETATM 1354 O  O     . HOH G 6 .   ? -11.612 -0.957  -9.242  1.00 45.02 ? 397 HOH A O     1 
HETATM 1355 O  O     . HOH G 6 .   ? 4.872   -10.543 -20.278 1.00 51.75 ? 398 HOH A O     1 
HETATM 1356 O  O     . HOH G 6 .   ? -4.524  -18.361 -7.519  1.00 56.89 ? 399 HOH A O     1 
HETATM 1357 O  O     . HOH G 6 .   ? 7.974   -4.780  -10.544 1.00 36.76 ? 400 HOH A O     1 
HETATM 1358 O  O     . HOH G 6 .   ? 18.189  -1.326  8.507   1.00 36.51 ? 401 HOH A O     1 
HETATM 1359 O  O     . HOH G 6 .   ? -0.062  -16.521 1.807   1.00 40.22 ? 402 HOH A O     1 
HETATM 1360 O  O     . HOH G 6 .   ? 15.852  -6.513  -2.120  1.00 51.03 ? 403 HOH A O     1 
HETATM 1361 O  O     . HOH G 6 .   ? 6.257   2.057   12.842  1.00 38.90 ? 404 HOH A O     1 
HETATM 1362 O  O     . HOH G 6 .   ? -6.092  15.489  8.718   1.00 33.66 ? 405 HOH A O     1 
HETATM 1363 O  O     . HOH G 6 .   ? -8.402  15.992  5.165   1.00 45.06 ? 406 HOH A O     1 
HETATM 1364 O  O     . HOH G 6 .   ? -2.247  -6.907  -19.238 1.00 50.07 ? 407 HOH A O     1 
HETATM 1365 O  O     . HOH G 6 .   ? 9.319   -5.598  -9.147  1.00 38.21 ? 408 HOH A O     1 
HETATM 1366 O  O     . HOH G 6 .   ? -4.192  16.104  4.246   1.00 49.49 ? 409 HOH A O     1 
HETATM 1367 O  O     . HOH G 6 .   ? 6.034   -12.118 7.137   1.00 48.84 ? 410 HOH A O     1 
HETATM 1368 O  O     . HOH G 6 .   ? -5.952  -8.585  -0.061  1.00 51.50 ? 411 HOH A O     1 
HETATM 1369 O  O     . HOH G 6 .   ? -2.400  -12.211 8.650   1.00 53.38 ? 412 HOH A O     1 
HETATM 1370 O  O     . HOH G 6 .   ? 10.407  0.882   -7.928  0.50 28.25 ? 413 HOH A O     1 
HETATM 1371 O  O     . HOH G 6 .   ? 3.839   -1.428  16.836  1.00 29.09 ? 414 HOH A O     1 
HETATM 1372 O  O     . HOH G 6 .   ? -20.498 -2.736  -8.607  1.00 54.79 ? 415 HOH A O     1 
HETATM 1373 O  O     . HOH G 6 .   ? 10.306  -16.589 -4.744  1.00 52.36 ? 416 HOH A O     1 
HETATM 1374 O  O     . HOH G 6 .   ? -11.995 0.978   -8.297  0.50 25.57 ? 417 HOH A O     1 
HETATM 1375 O  O     . HOH G 6 .   ? -21.282 -1.898  -2.219  1.00 45.55 ? 418 HOH A O     1 
HETATM 1376 O  O     . HOH G 6 .   ? 11.335  -12.160 -12.993 1.00 46.09 ? 419 HOH A O     1 
HETATM 1377 O  O     . HOH G 6 .   ? -6.111  -11.487 -4.741  1.00 42.23 ? 420 HOH A O     1 
HETATM 1378 O  O     . HOH G 6 .   ? 5.527   -0.094  18.698  1.00 45.19 ? 421 HOH A O     1 
HETATM 1379 O  O     . HOH G 6 .   ? 16.328  0.625   -0.896  1.00 44.10 ? 422 HOH A O     1 
HETATM 1380 O  O     . HOH G 6 .   ? 18.978  3.284   8.879   1.00 39.35 ? 423 HOH A O     1 
HETATM 1381 O  O     . HOH G 6 .   ? -8.698  -3.885  1.780   1.00 43.40 ? 424 HOH A O     1 
HETATM 1382 O  O     . HOH G 6 .   ? 1.055   -10.055 16.039  0.33 27.03 ? 425 HOH A O     1 
HETATM 1383 O  O     . HOH G 6 .   ? 23.272  3.688   2.802   1.00 70.68 ? 426 HOH A O     1 
HETATM 1384 O  O     . HOH G 6 .   ? 5.694   2.936   15.253  1.00 31.58 ? 427 HOH A O     1 
HETATM 1385 O  O     . HOH G 6 .   ? 1.378   -1.867  18.518  1.00 47.97 ? 428 HOH A O     1 
HETATM 1386 O  O     . HOH G 6 .   ? 7.058   12.108  8.185   0.50 23.45 ? 429 HOH A O     1 
HETATM 1387 O  O     . HOH G 6 .   ? -20.578 2.246   -2.341  1.00 41.14 ? 430 HOH A O     1 
HETATM 1388 O  O     . HOH G 6 .   ? 6.243   4.222   -9.634  0.50 21.28 ? 431 HOH A O     1 
HETATM 1389 O  O     . HOH G 6 .   ? -3.592  16.825  7.227   1.00 64.57 ? 432 HOH A O     1 
HETATM 1390 O  O     . HOH G 6 .   ? -0.371  19.391  3.764   1.00 57.62 ? 433 HOH A O     1 
HETATM 1391 O  O     . HOH G 6 .   ? 11.649  -14.167 -8.494  1.00 49.55 ? 434 HOH A O     1 
HETATM 1392 O  O     . HOH G 6 .   ? -20.005 2.029   -8.982  1.00 46.88 ? 435 HOH A O     1 
HETATM 1393 O  O     . HOH G 6 .   ? 17.463  -2.340  -1.141  1.00 52.49 ? 436 HOH A O     1 
HETATM 1394 O  O     . HOH G 6 .   ? -4.518  11.654  -9.643  1.00 47.46 ? 437 HOH A O     1 
HETATM 1395 O  O     . HOH G 6 .   ? 15.075  -7.503  -0.022  1.00 51.42 ? 438 HOH A O     1 
HETATM 1396 O  O     . HOH G 6 .   ? -2.527  -4.472  19.559  1.00 32.61 ? 439 HOH A O     1 
HETATM 1397 O  O     . HOH G 6 .   ? -7.894  15.162  11.983  1.00 50.58 ? 440 HOH A O     1 
HETATM 1398 O  O     . HOH G 6 .   ? 0.219   -13.019 12.457  0.33 31.54 ? 441 HOH A O     1 
HETATM 1399 O  O     . HOH G 6 .   ? -7.531  17.527  9.208   1.00 50.83 ? 442 HOH A O     1 
HETATM 1400 O  O     . HOH G 6 .   ? 1.532   -8.436  18.077  0.33 21.44 ? 443 HOH A O     1 
HETATM 1401 O  O     . HOH G 6 .   ? 6.915   -2.984  19.634  1.00 44.62 ? 444 HOH A O     1 
# 
